data_4EV6
#
_entry.id   4EV6
#
_cell.length_a   103.110
_cell.length_b   124.830
_cell.length_c   111.880
_cell.angle_alpha   90.00
_cell.angle_beta   90.76
_cell.angle_gamma   90.00
#
_symmetry.space_group_name_H-M   'P 1 21 1'
#
loop_
_entity.id
_entity.type
_entity.pdbx_description
1 polymer 'Magnesium transport protein CorA'
2 non-polymer UNDECYL-MALTOSIDE
3 non-polymer 'MAGNESIUM ION'
4 water water
#
_entity_poly.entity_id   1
_entity_poly.type   'polypeptide(L)'
_entity_poly.pdbx_seq_one_letter_code
;MHHHHHHSSGVDLGTENLYFQSMITVIAIAKDGSIVEPKLDEISFEDYRLIWIDCYDPKDEELYKLSKKIGISVSDLQIG
LDEQEIPRVEEDEDFYLIIYKAPLFEEDITTTSLGIYIKNNLLLTIHSDKIKAIGRLHKLISTKKPRIVFERGIGFLLYH
ILNEITRSYSRILMNLEDELEELEDKLLAGYDREVMEKILGLRKTLVYFHKSLIANRDVLVLLKRKYLPITTKEDRENFE
DLYYDTLQLIDMSATYREVLTSMMDITLSLENIKMNQIMKILTMVTTIFAVPMWITGIYGMNFSYLPLANNPQGFWLVMA
LMVVIIMIFVYIFRRSGWI
;
_entity_poly.pdbx_strand_id   A,B,C,D,E
#
# COMPACT_ATOMS: atom_id res chain seq x y z
N THR A 25 5.88 -52.07 -13.04
CA THR A 25 6.76 -51.57 -14.09
C THR A 25 7.23 -50.14 -13.77
N VAL A 26 8.34 -50.05 -13.06
CA VAL A 26 8.86 -48.77 -12.54
C VAL A 26 9.30 -47.80 -13.65
N ILE A 27 9.17 -46.51 -13.34
CA ILE A 27 9.41 -45.42 -14.31
C ILE A 27 10.36 -44.26 -13.92
N ALA A 28 10.17 -43.64 -12.75
CA ALA A 28 9.77 -44.36 -11.54
C ALA A 28 8.32 -44.28 -11.10
N ILE A 29 7.74 -45.47 -10.86
CA ILE A 29 6.44 -45.62 -10.23
C ILE A 29 6.62 -46.28 -8.88
N ALA A 30 6.41 -45.51 -7.81
CA ALA A 30 6.48 -46.06 -6.45
C ALA A 30 5.04 -46.35 -5.94
N LYS A 31 4.84 -47.48 -5.22
CA LYS A 31 3.50 -47.86 -4.77
C LYS A 31 3.36 -48.17 -3.27
N ASP A 32 2.28 -47.69 -2.63
CA ASP A 32 2.02 -47.91 -1.19
C ASP A 32 0.57 -48.30 -0.84
N GLY A 33 0.37 -49.15 0.19
CA GLY A 33 -0.97 -49.53 0.62
C GLY A 33 -1.25 -50.21 1.97
N SER A 34 -2.54 -50.43 2.24
CA SER A 34 -3.16 -51.37 3.23
C SER A 34 -2.80 -51.43 4.75
N ILE A 35 -2.80 -52.66 5.30
CA ILE A 35 -2.75 -52.92 6.77
C ILE A 35 -1.35 -52.69 7.32
N VAL A 36 -0.44 -53.58 6.95
CA VAL A 36 0.98 -53.45 7.20
C VAL A 36 1.35 -52.34 6.24
N GLU A 37 2.62 -52.03 6.06
CA GLU A 37 2.95 -50.97 5.14
C GLU A 37 3.79 -51.42 3.95
N PRO A 38 3.21 -52.27 3.09
CA PRO A 38 3.94 -52.85 1.96
C PRO A 38 4.12 -51.91 0.77
N LYS A 39 5.28 -52.02 0.13
CA LYS A 39 5.49 -51.47 -1.20
C LYS A 39 5.01 -52.57 -2.13
N LEU A 40 5.09 -52.34 -3.42
CA LEU A 40 4.43 -53.23 -4.35
C LEU A 40 4.56 -52.69 -5.78
N ASP A 41 4.26 -53.54 -6.75
CA ASP A 41 4.23 -53.10 -8.15
C ASP A 41 2.86 -53.44 -8.72
N GLU A 42 2.67 -53.26 -10.03
CA GLU A 42 1.34 -53.40 -10.61
C GLU A 42 0.69 -54.74 -10.24
N ILE A 43 -0.44 -54.67 -9.55
CA ILE A 43 -1.40 -55.77 -9.37
C ILE A 43 -2.50 -55.45 -8.32
N SER A 44 -3.59 -56.20 -8.34
CA SER A 44 -4.52 -56.39 -7.20
C SER A 44 -4.98 -55.20 -6.32
N PHE A 45 -5.91 -54.37 -6.81
CA PHE A 45 -6.43 -53.24 -6.02
C PHE A 45 -7.07 -53.63 -4.70
N GLU A 46 -7.29 -54.94 -4.51
CA GLU A 46 -7.79 -55.48 -3.23
C GLU A 46 -7.03 -56.70 -2.72
N ASP A 47 -7.01 -56.86 -1.39
CA ASP A 47 -7.73 -55.95 -0.51
C ASP A 47 -7.27 -54.49 -0.59
N TYR A 48 -6.08 -54.19 -0.08
CA TYR A 48 -5.53 -52.82 -0.15
C TYR A 48 -6.49 -51.67 0.26
N ARG A 49 -6.62 -51.44 1.56
CA ARG A 49 -7.52 -50.42 2.11
C ARG A 49 -7.34 -49.04 1.49
N LEU A 50 -6.10 -48.71 1.14
CA LEU A 50 -5.80 -47.49 0.39
C LEU A 50 -4.54 -47.71 -0.43
N ILE A 51 -4.44 -47.06 -1.59
CA ILE A 51 -3.23 -47.18 -2.43
C ILE A 51 -2.73 -45.84 -2.97
N TRP A 52 -1.52 -45.46 -2.59
CA TRP A 52 -0.84 -44.31 -3.17
C TRP A 52 0.05 -44.74 -4.31
N ILE A 53 -0.29 -44.32 -5.52
CA ILE A 53 0.55 -44.59 -6.68
C ILE A 53 1.20 -43.30 -7.11
N ASP A 54 2.54 -43.29 -7.17
CA ASP A 54 3.25 -42.13 -7.72
C ASP A 54 3.98 -42.47 -9.04
N CYS A 55 3.77 -41.61 -10.03
CA CYS A 55 4.33 -41.79 -11.35
C CYS A 55 5.13 -40.55 -11.73
N TYR A 56 6.37 -40.79 -12.19
CA TYR A 56 7.32 -39.74 -12.53
C TYR A 56 7.75 -39.78 -13.99
N ASP A 57 7.69 -38.63 -14.67
CA ASP A 57 8.14 -38.50 -16.05
C ASP A 57 8.04 -39.80 -16.84
N PRO A 58 6.83 -40.38 -16.92
CA PRO A 58 6.71 -41.70 -17.55
C PRO A 58 6.81 -41.62 -19.06
N LYS A 59 7.45 -42.60 -19.69
CA LYS A 59 7.39 -42.72 -21.16
C LYS A 59 6.05 -43.35 -21.52
N ASP A 60 5.58 -43.07 -22.73
CA ASP A 60 4.22 -43.42 -23.12
C ASP A 60 3.87 -44.87 -22.85
N GLU A 61 4.88 -45.73 -22.82
CA GLU A 61 4.70 -47.12 -22.42
C GLU A 61 4.14 -47.18 -21.02
N GLU A 62 4.86 -46.57 -20.07
CA GLU A 62 4.40 -46.49 -18.70
C GLU A 62 3.06 -45.79 -18.68
N LEU A 63 2.99 -44.61 -19.29
CA LEU A 63 1.78 -43.80 -19.25
C LEU A 63 0.54 -44.63 -19.57
N TYR A 64 0.63 -45.35 -20.68
CA TYR A 64 -0.46 -46.17 -21.22
C TYR A 64 -0.73 -47.41 -20.35
N LYS A 65 0.31 -48.03 -19.81
CA LYS A 65 0.16 -49.19 -18.94
C LYS A 65 -0.59 -48.79 -17.68
N LEU A 66 -0.06 -47.76 -17.03
CA LEU A 66 -0.68 -47.18 -15.85
C LEU A 66 -2.12 -46.83 -16.15
N SER A 67 -2.36 -46.14 -17.27
CA SER A 67 -3.72 -45.77 -17.63
C SER A 67 -4.62 -46.99 -17.68
N LYS A 68 -4.21 -47.96 -18.50
CA LYS A 68 -4.99 -49.16 -18.71
C LYS A 68 -5.24 -49.87 -17.39
N LYS A 69 -4.37 -49.65 -16.41
CA LYS A 69 -4.61 -50.21 -15.08
C LYS A 69 -5.66 -49.43 -14.28
N ILE A 70 -5.54 -48.12 -14.20
CA ILE A 70 -6.38 -47.37 -13.27
C ILE A 70 -7.71 -46.86 -13.84
N GLY A 71 -7.96 -47.11 -15.12
CA GLY A 71 -9.22 -46.67 -15.71
C GLY A 71 -9.34 -45.15 -15.86
N ILE A 72 -8.22 -44.54 -16.25
CA ILE A 72 -8.15 -43.12 -16.53
C ILE A 72 -7.49 -42.94 -17.90
N SER A 73 -8.10 -42.11 -18.75
CA SER A 73 -7.61 -41.89 -20.10
C SER A 73 -6.15 -41.47 -20.09
N VAL A 74 -5.41 -41.88 -21.10
CA VAL A 74 -4.02 -41.48 -21.20
C VAL A 74 -3.92 -39.97 -21.38
N SER A 75 -4.94 -39.38 -21.99
CA SER A 75 -4.99 -37.93 -22.16
C SER A 75 -5.35 -37.21 -20.84
N ASP A 76 -6.35 -37.75 -20.15
CA ASP A 76 -6.71 -37.27 -18.82
C ASP A 76 -5.48 -37.27 -17.95
N LEU A 77 -4.81 -38.41 -17.95
CA LEU A 77 -3.55 -38.57 -17.25
C LEU A 77 -2.53 -37.50 -17.70
N GLN A 78 -2.50 -37.24 -19.01
CA GLN A 78 -1.58 -36.26 -19.57
C GLN A 78 -1.85 -34.85 -19.07
N ILE A 79 -3.07 -34.59 -18.63
CA ILE A 79 -3.34 -33.30 -18.02
C ILE A 79 -2.40 -33.10 -16.84
N GLY A 80 -2.23 -34.16 -16.06
CA GLY A 80 -1.34 -34.10 -14.91
C GLY A 80 0.07 -33.73 -15.31
N LEU A 81 0.53 -34.27 -16.45
CA LEU A 81 1.89 -34.07 -16.92
C LEU A 81 2.14 -32.72 -17.60
N ASP A 82 1.09 -32.09 -18.13
CA ASP A 82 1.31 -30.75 -18.67
C ASP A 82 1.62 -29.89 -17.47
N GLU A 83 2.81 -29.31 -17.44
CA GLU A 83 3.39 -28.79 -16.19
C GLU A 83 3.22 -27.31 -15.94
N GLN A 84 2.64 -26.57 -16.87
CA GLN A 84 2.36 -25.16 -16.63
C GLN A 84 0.90 -24.93 -16.21
N GLU A 85 0.15 -26.03 -16.22
CA GLU A 85 -1.29 -26.06 -15.97
C GLU A 85 -1.67 -25.55 -14.57
N ILE A 86 -2.78 -24.82 -14.50
CA ILE A 86 -3.18 -24.05 -13.31
C ILE A 86 -3.93 -24.83 -12.20
N PRO A 87 -3.50 -24.63 -10.93
CA PRO A 87 -3.97 -25.34 -9.75
C PRO A 87 -5.45 -25.17 -9.62
N ARG A 88 -6.15 -26.28 -9.39
CA ARG A 88 -7.60 -26.30 -9.38
C ARG A 88 -8.10 -27.67 -8.98
N VAL A 89 -9.37 -27.73 -8.62
CA VAL A 89 -10.03 -29.01 -8.35
C VAL A 89 -11.15 -29.27 -9.37
N GLU A 90 -11.28 -30.52 -9.82
CA GLU A 90 -12.29 -30.89 -10.79
C GLU A 90 -12.91 -32.23 -10.51
N GLU A 91 -14.22 -32.29 -10.64
CA GLU A 91 -14.93 -33.56 -10.55
C GLU A 91 -15.08 -34.14 -11.95
N ASP A 92 -14.74 -35.41 -12.11
CA ASP A 92 -15.09 -36.14 -13.30
C ASP A 92 -15.73 -37.39 -12.76
N GLU A 93 -16.76 -37.89 -13.42
CA GLU A 93 -17.35 -39.14 -12.97
C GLU A 93 -16.21 -40.15 -12.84
N ASP A 94 -16.21 -40.86 -11.72
CA ASP A 94 -15.21 -41.88 -11.39
C ASP A 94 -13.75 -41.42 -11.16
N PHE A 95 -13.55 -40.14 -10.85
CA PHE A 95 -12.31 -39.69 -10.23
C PHE A 95 -12.30 -38.18 -10.02
N TYR A 96 -11.47 -37.71 -9.08
CA TYR A 96 -11.32 -36.29 -8.77
C TYR A 96 -9.93 -35.88 -9.18
N LEU A 97 -9.82 -34.76 -9.91
CA LEU A 97 -8.52 -34.27 -10.36
C LEU A 97 -8.17 -32.99 -9.65
N ILE A 98 -7.07 -33.01 -8.90
CA ILE A 98 -6.56 -31.81 -8.26
C ILE A 98 -5.21 -31.43 -8.87
N ILE A 99 -5.05 -30.17 -9.24
CA ILE A 99 -3.79 -29.69 -9.77
C ILE A 99 -3.24 -28.72 -8.74
N TYR A 100 -2.01 -28.96 -8.27
CA TYR A 100 -1.36 -28.13 -7.24
C TYR A 100 0.08 -27.79 -7.72
N LYS A 101 0.59 -26.57 -7.49
CA LYS A 101 1.98 -26.25 -7.88
C LYS A 101 3.03 -26.43 -6.80
N ALA A 102 4.14 -27.08 -7.14
CA ALA A 102 5.23 -27.37 -6.18
C ALA A 102 6.58 -26.76 -6.59
N PRO A 103 7.32 -26.20 -5.64
CA PRO A 103 8.57 -25.51 -5.99
C PRO A 103 9.72 -26.41 -6.45
N LEU A 104 10.47 -25.92 -7.45
CA LEU A 104 11.69 -26.55 -7.96
C LEU A 104 12.75 -25.51 -7.76
N PHE A 105 14.01 -25.93 -7.80
CA PHE A 105 15.13 -25.05 -7.42
C PHE A 105 16.09 -24.65 -8.55
N GLU A 106 16.82 -25.61 -9.10
CA GLU A 106 17.57 -25.46 -10.36
C GLU A 106 18.30 -24.12 -10.62
N GLU A 107 19.29 -23.79 -9.79
CA GLU A 107 20.15 -22.62 -9.99
C GLU A 107 19.42 -21.32 -10.38
N ASP A 108 18.70 -20.75 -9.42
CA ASP A 108 17.96 -19.50 -9.61
C ASP A 108 16.91 -19.60 -10.73
N ILE A 109 16.54 -20.83 -11.08
CA ILE A 109 15.34 -21.04 -11.86
C ILE A 109 14.41 -21.70 -10.88
N THR A 110 13.42 -20.96 -10.40
CA THR A 110 12.59 -21.49 -9.33
C THR A 110 11.12 -21.36 -9.70
N THR A 111 10.46 -22.51 -9.89
CA THR A 111 9.13 -22.52 -10.49
C THR A 111 8.39 -23.78 -10.09
N THR A 112 7.32 -24.15 -10.79
CA THR A 112 6.27 -24.97 -10.16
C THR A 112 5.80 -26.30 -10.90
N SER A 113 4.84 -27.13 -10.38
CA SER A 113 4.45 -28.39 -11.15
C SER A 113 3.04 -29.23 -11.25
N LEU A 114 2.69 -30.07 -10.24
CA LEU A 114 1.97 -31.41 -10.43
C LEU A 114 0.43 -31.65 -10.33
N GLY A 115 0.02 -32.83 -10.81
CA GLY A 115 -1.35 -33.31 -10.67
C GLY A 115 -1.61 -34.57 -9.86
N ILE A 116 -2.86 -34.72 -9.42
CA ILE A 116 -3.30 -35.78 -8.51
C ILE A 116 -4.70 -36.24 -8.84
N TYR A 117 -4.87 -37.56 -8.95
CA TYR A 117 -6.14 -38.15 -9.35
C TYR A 117 -6.56 -39.11 -8.26
N ILE A 118 -7.72 -38.89 -7.66
CA ILE A 118 -8.19 -39.85 -6.68
C ILE A 118 -9.54 -40.41 -7.07
N LYS A 119 -9.57 -41.73 -7.27
CA LYS A 119 -10.80 -42.44 -7.55
C LYS A 119 -10.82 -43.71 -6.69
N ASN A 120 -11.93 -43.94 -6.02
CA ASN A 120 -12.02 -45.09 -5.13
C ASN A 120 -10.99 -44.94 -4.03
N ASN A 121 -10.14 -45.93 -3.84
CA ASN A 121 -9.05 -45.85 -2.86
C ASN A 121 -7.73 -45.39 -3.46
N LEU A 122 -7.74 -45.05 -4.74
CA LEU A 122 -6.51 -44.69 -5.44
C LEU A 122 -6.26 -43.19 -5.46
N LEU A 123 -5.13 -42.82 -4.86
CA LEU A 123 -4.56 -41.47 -4.94
C LEU A 123 -3.35 -41.65 -5.84
N LEU A 124 -3.35 -40.92 -6.96
CA LEU A 124 -2.28 -40.99 -7.94
C LEU A 124 -1.66 -39.62 -8.08
N THR A 125 -0.37 -39.52 -7.79
CA THR A 125 0.36 -38.30 -8.08
C THR A 125 1.20 -38.61 -9.30
N ILE A 126 1.06 -37.79 -10.33
CA ILE A 126 1.74 -38.04 -11.57
C ILE A 126 2.34 -36.72 -11.98
N HIS A 127 3.66 -36.66 -12.10
CA HIS A 127 4.35 -35.39 -12.27
C HIS A 127 5.50 -35.50 -13.26
N SER A 128 5.62 -34.50 -14.15
CA SER A 128 6.69 -34.53 -15.14
C SER A 128 8.00 -34.03 -14.58
N ASP A 129 7.96 -33.37 -13.44
CA ASP A 129 9.17 -32.92 -12.80
C ASP A 129 9.42 -33.65 -11.49
N LYS A 130 10.47 -33.27 -10.79
CA LYS A 130 10.77 -33.88 -9.51
C LYS A 130 10.03 -33.14 -8.41
N ILE A 131 9.23 -33.87 -7.63
CA ILE A 131 8.62 -33.28 -6.44
C ILE A 131 9.33 -33.78 -5.18
N LYS A 132 10.04 -32.84 -4.55
CA LYS A 132 10.81 -33.14 -3.36
C LYS A 132 9.91 -33.55 -2.19
N ALA A 133 8.72 -32.97 -2.13
CA ALA A 133 7.80 -33.32 -1.05
C ALA A 133 7.37 -34.77 -1.19
N ILE A 134 7.06 -35.19 -2.41
CA ILE A 134 6.77 -36.60 -2.67
C ILE A 134 7.94 -37.45 -2.18
N GLY A 135 9.14 -36.97 -2.50
CA GLY A 135 10.31 -37.70 -2.04
C GLY A 135 10.29 -37.86 -0.55
N ARG A 136 10.22 -36.74 0.16
CA ARG A 136 10.18 -36.73 1.62
C ARG A 136 9.11 -37.66 2.19
N LEU A 137 7.89 -37.62 1.67
CA LEU A 137 6.86 -38.58 2.08
C LEU A 137 7.37 -40.00 1.95
N HIS A 138 8.02 -40.29 0.81
CA HIS A 138 8.59 -41.62 0.60
C HIS A 138 9.62 -42.00 1.67
N LYS A 139 10.48 -41.04 2.03
CA LYS A 139 11.49 -41.30 3.06
C LYS A 139 10.87 -41.42 4.45
N LEU A 140 9.71 -40.81 4.66
CA LEU A 140 9.02 -40.91 5.95
C LEU A 140 8.15 -42.16 5.99
N ILE A 141 8.04 -42.84 4.86
CA ILE A 141 7.50 -44.21 4.89
C ILE A 141 8.65 -45.20 4.86
N SER A 142 9.87 -44.68 4.74
CA SER A 142 11.05 -45.52 4.65
C SER A 142 11.53 -45.95 6.04
N THR A 143 10.95 -45.34 7.08
CA THR A 143 11.29 -45.72 8.43
C THR A 143 10.51 -46.99 8.77
N LYS A 144 11.25 -48.08 9.00
CA LYS A 144 10.65 -49.36 9.36
C LYS A 144 9.43 -49.65 8.47
N LYS A 145 9.66 -50.03 7.22
CA LYS A 145 8.58 -50.15 6.24
C LYS A 145 7.31 -50.74 6.83
N PRO A 146 7.42 -51.82 7.62
CA PRO A 146 6.25 -52.27 8.39
C PRO A 146 5.98 -51.44 9.67
N ARG A 147 5.81 -50.13 9.51
CA ARG A 147 5.43 -49.23 10.62
C ARG A 147 4.80 -47.94 10.09
N ILE A 148 4.55 -46.98 10.99
CA ILE A 148 3.88 -45.71 10.67
C ILE A 148 2.45 -45.86 10.12
N VAL A 149 1.51 -46.23 10.99
CA VAL A 149 0.12 -46.53 10.60
C VAL A 149 -0.82 -45.35 10.29
N PHE A 150 -1.83 -45.65 9.48
CA PHE A 150 -2.79 -44.67 8.98
C PHE A 150 -4.20 -45.21 9.12
N GLU A 151 -5.01 -44.61 9.99
CA GLU A 151 -6.45 -44.95 9.99
C GLU A 151 -7.29 -43.91 9.24
N ARG A 152 -6.64 -42.85 8.76
CA ARG A 152 -7.35 -41.65 8.35
C ARG A 152 -7.94 -41.66 6.95
N GLY A 153 -7.46 -42.56 6.09
CA GLY A 153 -7.97 -42.65 4.73
C GLY A 153 -7.65 -41.52 3.75
N ILE A 154 -8.07 -41.69 2.51
CA ILE A 154 -7.55 -40.94 1.35
C ILE A 154 -7.41 -39.43 1.50
N GLY A 155 -8.41 -38.78 2.06
CA GLY A 155 -8.40 -37.33 2.16
C GLY A 155 -7.21 -36.85 2.97
N PHE A 156 -6.85 -37.65 3.96
CA PHE A 156 -5.73 -37.33 4.81
C PHE A 156 -4.41 -37.50 4.04
N LEU A 157 -4.27 -38.57 3.26
CA LEU A 157 -3.11 -38.71 2.39
C LEU A 157 -2.97 -37.46 1.49
N LEU A 158 -4.06 -37.09 0.82
CA LEU A 158 -4.09 -35.84 0.08
C LEU A 158 -3.57 -34.67 0.93
N TYR A 159 -4.09 -34.55 2.15
CA TYR A 159 -3.63 -33.52 3.06
C TYR A 159 -2.12 -33.51 3.22
N HIS A 160 -1.51 -34.63 3.60
CA HIS A 160 -0.07 -34.70 3.74
C HIS A 160 0.71 -34.31 2.51
N ILE A 161 0.40 -34.93 1.36
CA ILE A 161 1.07 -34.54 0.13
C ILE A 161 1.06 -33.01 0.02
N LEU A 162 -0.11 -32.43 0.17
CA LEU A 162 -0.27 -30.99 0.04
C LEU A 162 0.53 -30.19 1.08
N ASN A 163 0.46 -30.64 2.34
CA ASN A 163 1.21 -30.07 3.46
C ASN A 163 2.71 -30.01 3.24
N GLU A 164 3.33 -31.15 2.93
CA GLU A 164 4.72 -31.21 2.50
C GLU A 164 5.06 -30.20 1.39
N ILE A 165 4.33 -30.26 0.28
CA ILE A 165 4.51 -29.25 -0.75
C ILE A 165 4.56 -27.83 -0.14
N THR A 166 3.68 -27.59 0.83
CA THR A 166 3.69 -26.30 1.48
C THR A 166 5.01 -26.05 2.22
N ARG A 167 5.42 -27.01 3.02
CA ARG A 167 6.67 -26.91 3.79
C ARG A 167 7.81 -26.50 2.89
N SER A 168 7.84 -27.10 1.69
CA SER A 168 8.84 -26.74 0.69
C SER A 168 8.78 -25.28 0.47
N TYR A 169 7.60 -24.77 0.12
CA TYR A 169 7.55 -23.33 -0.06
C TYR A 169 8.18 -22.62 1.14
N SER A 170 8.00 -23.18 2.33
CA SER A 170 8.57 -22.54 3.52
C SER A 170 10.08 -22.44 3.45
N ARG A 171 10.70 -23.58 3.18
CA ARG A 171 12.16 -23.65 3.10
C ARG A 171 12.70 -22.71 2.03
N ILE A 172 12.18 -22.81 0.81
CA ILE A 172 12.55 -21.84 -0.20
C ILE A 172 12.48 -20.41 0.31
N LEU A 173 11.38 -20.05 0.96
CA LEU A 173 11.23 -18.71 1.46
C LEU A 173 12.41 -18.35 2.37
N MET A 174 12.82 -19.28 3.24
CA MET A 174 14.01 -19.05 4.07
C MET A 174 15.23 -18.68 3.21
N ASN A 175 15.46 -19.49 2.17
CA ASN A 175 16.51 -19.15 1.21
C ASN A 175 16.42 -17.71 0.76
N LEU A 176 15.25 -17.29 0.31
CA LEU A 176 15.12 -15.91 -0.10
C LEU A 176 15.60 -15.01 1.02
N GLU A 177 15.21 -15.34 2.25
CA GLU A 177 15.57 -14.49 3.37
C GLU A 177 17.09 -14.36 3.47
N ASP A 178 17.79 -15.47 3.33
CA ASP A 178 19.26 -15.47 3.27
C ASP A 178 19.80 -14.56 2.15
N GLU A 179 19.14 -14.60 1.01
CA GLU A 179 19.49 -13.74 -0.12
C GLU A 179 19.40 -12.29 0.31
N LEU A 180 18.24 -11.93 0.84
CA LEU A 180 18.01 -10.61 1.40
C LEU A 180 19.13 -10.21 2.33
N GLU A 181 19.48 -11.14 3.21
CA GLU A 181 20.59 -10.99 4.14
C GLU A 181 21.82 -10.46 3.40
N GLU A 182 22.35 -11.26 2.50
CA GLU A 182 23.52 -10.81 1.74
C GLU A 182 23.29 -9.38 1.27
N LEU A 183 22.32 -9.17 0.38
CA LEU A 183 22.13 -7.84 -0.22
C LEU A 183 21.99 -6.72 0.80
N GLU A 184 21.69 -7.08 2.04
CA GLU A 184 21.33 -6.07 3.04
C GLU A 184 22.46 -5.09 3.33
N ASP A 185 23.69 -5.58 3.49
CA ASP A 185 24.79 -4.70 3.88
C ASP A 185 25.46 -4.05 2.67
N LYS A 186 25.06 -4.47 1.49
CA LYS A 186 25.54 -3.87 0.25
C LYS A 186 24.64 -2.70 -0.09
N LEU A 187 23.75 -2.38 0.83
CA LEU A 187 22.68 -1.43 0.54
C LEU A 187 23.05 0.05 0.58
N LEU A 188 23.70 0.45 1.67
CA LEU A 188 23.94 1.87 1.98
C LEU A 188 25.23 2.41 1.37
N ALA A 189 25.85 1.57 0.54
CA ALA A 189 27.03 1.93 -0.24
C ALA A 189 26.65 2.52 -1.59
N GLY A 190 25.36 2.80 -1.75
CA GLY A 190 24.84 3.45 -2.95
C GLY A 190 24.48 2.45 -4.03
N TYR A 191 24.55 2.89 -5.29
CA TYR A 191 24.17 2.03 -6.41
C TYR A 191 25.25 1.00 -6.70
N ASP A 192 24.81 -0.19 -7.09
CA ASP A 192 25.66 -1.16 -7.79
C ASP A 192 24.80 -1.90 -8.80
N ARG A 193 25.26 -1.98 -10.04
CA ARG A 193 24.49 -2.65 -11.09
C ARG A 193 24.26 -4.13 -10.76
N GLU A 194 25.32 -4.81 -10.34
CA GLU A 194 25.23 -6.21 -9.93
C GLU A 194 24.18 -6.37 -8.83
N VAL A 195 24.34 -5.59 -7.76
CA VAL A 195 23.42 -5.66 -6.64
C VAL A 195 21.99 -5.49 -7.13
N MET A 196 21.68 -4.40 -7.81
CA MET A 196 20.30 -4.16 -8.21
C MET A 196 19.76 -5.16 -9.21
N GLU A 197 20.61 -5.77 -10.01
CA GLU A 197 20.10 -6.76 -10.93
C GLU A 197 19.70 -7.98 -10.13
N LYS A 198 20.49 -8.26 -9.09
CA LYS A 198 20.13 -9.31 -8.13
C LYS A 198 18.80 -9.02 -7.41
N ILE A 199 18.64 -7.79 -6.94
CA ILE A 199 17.40 -7.36 -6.34
C ILE A 199 16.20 -7.57 -7.26
N LEU A 200 16.25 -6.99 -8.45
CA LEU A 200 15.16 -7.18 -9.38
C LEU A 200 14.87 -8.65 -9.66
N GLY A 201 15.91 -9.46 -9.74
CA GLY A 201 15.73 -10.88 -9.99
C GLY A 201 14.91 -11.53 -8.90
N LEU A 202 15.30 -11.20 -7.66
CA LEU A 202 14.51 -11.55 -6.49
C LEU A 202 13.05 -11.11 -6.62
N ARG A 203 12.80 -9.83 -6.90
CA ARG A 203 11.43 -9.38 -7.13
C ARG A 203 10.68 -10.32 -8.07
N LYS A 204 11.28 -10.62 -9.22
CA LYS A 204 10.59 -11.44 -10.23
C LYS A 204 10.23 -12.82 -9.68
N THR A 205 11.24 -13.54 -9.19
CA THR A 205 10.95 -14.86 -8.66
C THR A 205 9.82 -14.74 -7.63
N LEU A 206 9.98 -13.78 -6.72
CA LEU A 206 9.02 -13.52 -5.68
C LEU A 206 7.62 -13.49 -6.24
N VAL A 207 7.42 -12.76 -7.35
CA VAL A 207 6.09 -12.68 -7.96
C VAL A 207 5.57 -13.97 -8.60
N TYR A 208 6.48 -14.74 -9.19
CA TYR A 208 6.12 -16.07 -9.68
C TYR A 208 5.53 -16.87 -8.54
N PHE A 209 6.29 -16.91 -7.46
CA PHE A 209 5.90 -17.71 -6.32
C PHE A 209 4.60 -17.20 -5.75
N HIS A 210 4.42 -15.89 -5.72
CA HIS A 210 3.16 -15.35 -5.26
C HIS A 210 2.00 -15.91 -6.07
N LYS A 211 2.04 -15.70 -7.39
CA LYS A 211 0.95 -16.21 -8.22
C LYS A 211 0.66 -17.71 -7.96
N SER A 212 1.71 -18.47 -7.68
CA SER A 212 1.48 -19.89 -7.45
C SER A 212 0.86 -20.13 -6.10
N LEU A 213 1.26 -19.33 -5.13
CA LEU A 213 0.70 -19.45 -3.78
C LEU A 213 -0.77 -19.17 -3.85
N ILE A 214 -1.14 -18.05 -4.46
CA ILE A 214 -2.55 -17.75 -4.71
C ILE A 214 -3.27 -18.96 -5.26
N ALA A 215 -2.85 -19.40 -6.44
CA ALA A 215 -3.53 -20.52 -7.06
C ALA A 215 -3.78 -21.67 -6.06
N ASN A 216 -2.74 -22.00 -5.32
CA ASN A 216 -2.83 -23.11 -4.38
C ASN A 216 -3.79 -22.81 -3.22
N ARG A 217 -3.74 -21.58 -2.73
CA ARG A 217 -4.62 -21.14 -1.66
C ARG A 217 -5.98 -21.57 -2.09
N ASP A 218 -6.43 -21.01 -3.19
CA ASP A 218 -7.77 -21.30 -3.65
C ASP A 218 -8.11 -22.78 -3.81
N VAL A 219 -7.18 -23.59 -4.32
CA VAL A 219 -7.47 -25.04 -4.23
C VAL A 219 -7.85 -25.42 -2.82
N LEU A 220 -7.04 -24.98 -1.85
CA LEU A 220 -7.30 -25.36 -0.47
C LEU A 220 -8.62 -24.81 0.03
N VAL A 221 -8.96 -23.59 -0.36
CA VAL A 221 -10.28 -23.04 -0.05
C VAL A 221 -11.36 -24.03 -0.45
N LEU A 222 -11.39 -24.44 -1.72
CA LEU A 222 -12.37 -25.44 -2.11
C LEU A 222 -12.31 -26.65 -1.21
N LEU A 223 -11.14 -27.28 -1.11
CA LEU A 223 -11.06 -28.55 -0.37
C LEU A 223 -11.63 -28.46 1.04
N LYS A 224 -11.35 -27.34 1.71
CA LYS A 224 -11.80 -27.11 3.08
C LYS A 224 -13.23 -26.63 3.18
N ARG A 225 -13.74 -26.01 2.13
CA ARG A 225 -15.11 -25.51 2.11
C ARG A 225 -16.12 -26.60 1.75
N LYS A 226 -16.00 -27.18 0.55
CA LYS A 226 -17.02 -28.11 0.03
C LYS A 226 -17.14 -29.46 0.76
N TYR A 227 -18.33 -30.08 0.75
CA TYR A 227 -18.42 -31.49 1.14
C TYR A 227 -18.09 -32.32 -0.07
N LEU A 228 -17.23 -33.30 0.12
CA LEU A 228 -16.82 -34.13 -1.00
C LEU A 228 -16.70 -35.53 -0.50
N PRO A 229 -17.10 -36.48 -1.36
CA PRO A 229 -16.94 -37.91 -1.14
C PRO A 229 -15.53 -38.24 -0.66
N ILE A 230 -14.53 -37.48 -1.11
CA ILE A 230 -13.14 -37.80 -0.83
C ILE A 230 -12.63 -37.36 0.55
N THR A 231 -13.25 -36.35 1.13
CA THR A 231 -12.75 -35.83 2.39
C THR A 231 -13.80 -35.83 3.49
N THR A 232 -13.36 -36.16 4.70
CA THR A 232 -14.22 -36.07 5.88
C THR A 232 -14.28 -34.65 6.43
N LYS A 233 -14.88 -34.53 7.61
CA LYS A 233 -14.89 -33.26 8.34
C LYS A 233 -13.51 -32.99 8.97
N GLU A 234 -12.86 -34.07 9.42
CA GLU A 234 -11.50 -33.99 9.95
C GLU A 234 -10.52 -33.54 8.85
N ASP A 235 -10.53 -34.26 7.74
CA ASP A 235 -9.80 -33.84 6.54
C ASP A 235 -10.08 -32.37 6.30
N ARG A 236 -11.33 -32.05 6.00
CA ARG A 236 -11.69 -30.69 5.63
C ARG A 236 -11.03 -29.67 6.57
N GLU A 237 -11.15 -29.90 7.87
CA GLU A 237 -10.57 -28.99 8.84
C GLU A 237 -9.04 -28.90 8.70
N ASN A 238 -8.43 -30.06 8.53
CA ASN A 238 -6.99 -30.14 8.24
C ASN A 238 -6.57 -29.23 7.09
N PHE A 239 -7.26 -29.37 5.97
CA PHE A 239 -7.03 -28.46 4.86
C PHE A 239 -7.16 -27.02 5.30
N GLU A 240 -8.08 -26.72 6.23
CA GLU A 240 -8.20 -25.35 6.70
C GLU A 240 -6.93 -24.88 7.35
N ASP A 241 -6.37 -25.70 8.23
CA ASP A 241 -5.07 -25.38 8.81
C ASP A 241 -4.13 -25.00 7.66
N LEU A 242 -4.04 -25.95 6.72
CA LEU A 242 -3.15 -25.90 5.56
C LEU A 242 -3.32 -24.61 4.80
N TYR A 243 -4.54 -24.09 4.84
CA TYR A 243 -4.92 -22.83 4.27
C TYR A 243 -4.31 -21.69 5.08
N TYR A 244 -4.32 -21.78 6.42
CA TYR A 244 -3.75 -20.67 7.19
C TYR A 244 -2.23 -20.61 7.01
N ASP A 245 -1.60 -21.78 6.97
CA ASP A 245 -0.20 -21.88 6.57
C ASP A 245 -0.01 -21.20 5.22
N THR A 246 -0.78 -21.63 4.24
CA THR A 246 -0.58 -21.13 2.90
C THR A 246 -0.73 -19.61 2.82
N LEU A 247 -1.67 -19.08 3.58
CA LEU A 247 -1.86 -17.64 3.66
C LEU A 247 -0.67 -16.95 4.27
N GLN A 248 -0.08 -17.54 5.30
CA GLN A 248 1.17 -16.98 5.83
C GLN A 248 2.21 -16.87 4.70
N LEU A 249 2.45 -17.98 3.99
CA LEU A 249 3.34 -17.96 2.84
C LEU A 249 3.07 -16.80 1.89
N ILE A 250 1.82 -16.60 1.55
CA ILE A 250 1.47 -15.40 0.81
C ILE A 250 1.92 -14.11 1.53
N ASP A 251 1.57 -13.96 2.80
CA ASP A 251 1.84 -12.72 3.54
C ASP A 251 3.33 -12.39 3.55
N MET A 252 4.16 -13.42 3.72
CA MET A 252 5.59 -13.17 3.72
C MET A 252 6.00 -12.80 2.33
N SER A 253 5.68 -13.62 1.34
CA SER A 253 6.09 -13.31 -0.03
C SER A 253 5.79 -11.83 -0.37
N ALA A 254 4.58 -11.39 -0.09
CA ALA A 254 4.19 -10.00 -0.29
C ALA A 254 5.04 -9.03 0.55
N THR A 255 5.30 -9.41 1.79
CA THR A 255 6.12 -8.59 2.67
C THR A 255 7.49 -8.37 2.04
N TYR A 256 8.18 -9.45 1.74
CA TYR A 256 9.50 -9.39 1.14
C TYR A 256 9.52 -8.65 -0.19
N ARG A 257 8.41 -8.70 -0.93
CA ARG A 257 8.23 -7.85 -2.11
C ARG A 257 8.40 -6.39 -1.72
N GLU A 258 7.65 -5.97 -0.72
CA GLU A 258 7.72 -4.57 -0.30
C GLU A 258 9.13 -4.23 0.13
N VAL A 259 9.71 -5.09 0.95
CA VAL A 259 11.10 -4.94 1.34
C VAL A 259 12.00 -4.66 0.13
N LEU A 260 12.11 -5.62 -0.79
CA LEU A 260 12.95 -5.43 -1.96
C LEU A 260 12.69 -4.08 -2.60
N THR A 261 11.43 -3.78 -2.87
CA THR A 261 11.14 -2.51 -3.54
C THR A 261 11.85 -1.42 -2.77
N SER A 262 11.58 -1.37 -1.47
CA SER A 262 12.21 -0.38 -0.61
C SER A 262 13.72 -0.33 -0.79
N MET A 263 14.37 -1.50 -0.76
CA MET A 263 15.80 -1.54 -0.98
C MET A 263 16.17 -0.74 -2.24
N MET A 264 15.48 -1.03 -3.35
CA MET A 264 15.74 -0.26 -4.55
C MET A 264 15.57 1.23 -4.31
N ASP A 265 14.52 1.59 -3.57
CA ASP A 265 14.20 3.01 -3.37
C ASP A 265 15.31 3.72 -2.60
N ILE A 266 15.94 2.97 -1.72
CA ILE A 266 17.05 3.48 -0.94
C ILE A 266 18.26 3.68 -1.83
N THR A 267 18.65 2.64 -2.57
CA THR A 267 19.81 2.81 -3.46
C THR A 267 19.62 4.05 -4.34
N LEU A 268 18.46 4.17 -4.98
CA LEU A 268 18.20 5.33 -5.82
C LEU A 268 18.29 6.63 -5.03
N SER A 269 17.85 6.60 -3.77
CA SER A 269 17.91 7.81 -2.96
C SER A 269 19.36 8.18 -2.55
N LEU A 270 20.26 7.21 -2.59
CA LEU A 270 21.69 7.48 -2.40
C LEU A 270 22.36 8.06 -3.65
N GLU A 271 22.12 7.41 -4.79
CA GLU A 271 22.57 7.99 -6.04
C GLU A 271 22.17 9.45 -6.09
N ASN A 272 20.90 9.72 -5.85
CA ASN A 272 20.44 11.09 -5.92
C ASN A 272 21.15 12.04 -4.97
N ILE A 273 21.84 11.49 -3.97
CA ILE A 273 22.68 12.29 -3.08
C ILE A 273 24.07 12.59 -3.65
N LYS A 274 24.70 11.58 -4.26
CA LYS A 274 25.96 11.88 -4.93
C LYS A 274 25.68 12.96 -6.01
N MET A 275 24.47 12.89 -6.56
CA MET A 275 23.98 13.91 -7.46
C MET A 275 24.12 15.26 -6.77
N ASN A 276 24.30 15.24 -5.45
CA ASN A 276 24.51 16.45 -4.68
C ASN A 276 25.97 16.79 -4.48
N GLN A 277 26.70 15.91 -3.81
CA GLN A 277 28.11 16.23 -3.55
C GLN A 277 28.80 16.67 -4.84
N ILE A 278 28.48 15.98 -5.93
CA ILE A 278 29.09 16.31 -7.20
C ILE A 278 28.89 17.79 -7.56
N MET A 279 27.64 18.22 -7.70
CA MET A 279 27.40 19.63 -8.02
C MET A 279 28.04 20.55 -7.00
N LYS A 280 28.21 20.07 -5.77
CA LYS A 280 28.99 20.83 -4.80
C LYS A 280 30.41 21.07 -5.31
N ILE A 281 31.09 20.03 -5.80
CA ILE A 281 32.39 20.27 -6.44
C ILE A 281 32.27 21.27 -7.59
N LEU A 282 31.42 20.95 -8.57
CA LEU A 282 31.35 21.77 -9.79
C LEU A 282 31.10 23.24 -9.47
N THR A 283 30.25 23.49 -8.51
CA THR A 283 29.96 24.85 -8.07
C THR A 283 31.14 25.44 -7.30
N MET A 284 31.94 24.57 -6.69
CA MET A 284 33.07 25.06 -5.93
C MET A 284 34.19 25.54 -6.86
N VAL A 285 34.48 24.75 -7.89
CA VAL A 285 35.44 25.15 -8.91
C VAL A 285 34.92 26.40 -9.61
N THR A 286 33.74 26.32 -10.22
CA THR A 286 33.15 27.46 -10.91
C THR A 286 33.16 28.72 -10.05
N THR A 287 32.82 28.57 -8.78
CA THR A 287 32.69 29.74 -7.90
C THR A 287 34.03 30.24 -7.38
N ILE A 288 34.99 29.35 -7.24
CA ILE A 288 36.31 29.75 -6.77
C ILE A 288 37.23 30.37 -7.83
N PHE A 289 37.12 29.96 -9.10
CA PHE A 289 37.72 30.80 -10.14
C PHE A 289 36.60 31.49 -10.92
N ALA A 290 36.25 32.69 -10.51
CA ALA A 290 35.25 33.44 -11.23
C ALA A 290 35.76 34.82 -11.22
N VAL A 291 35.83 35.35 -10.00
CA VAL A 291 36.46 36.64 -9.73
C VAL A 291 37.92 36.67 -10.29
N PRO A 292 38.74 35.65 -9.96
CA PRO A 292 40.06 35.59 -10.59
C PRO A 292 40.06 35.66 -12.12
N MET A 293 39.23 34.86 -12.81
CA MET A 293 39.17 34.92 -14.28
C MET A 293 38.59 36.24 -14.81
N TRP A 294 37.82 36.92 -13.98
CA TRP A 294 37.39 38.26 -14.32
C TRP A 294 38.66 39.07 -14.35
N ILE A 295 39.40 39.03 -13.26
CA ILE A 295 40.66 39.73 -13.14
C ILE A 295 41.52 39.54 -14.39
N THR A 296 41.93 38.31 -14.66
CA THR A 296 42.74 38.08 -15.85
C THR A 296 42.06 38.70 -17.07
N GLY A 297 40.75 38.52 -17.19
CA GLY A 297 40.01 39.10 -18.29
C GLY A 297 40.22 40.60 -18.46
N ILE A 298 40.24 41.35 -17.35
CA ILE A 298 40.36 42.80 -17.44
C ILE A 298 41.79 43.15 -17.72
N TYR A 299 42.70 42.36 -17.16
CA TYR A 299 44.13 42.66 -17.32
C TYR A 299 44.70 42.15 -18.63
N GLY A 300 43.81 41.62 -19.46
CA GLY A 300 44.12 41.25 -20.83
C GLY A 300 43.44 42.17 -21.81
N MET A 301 42.91 43.28 -21.30
CA MET A 301 42.20 44.23 -22.15
C MET A 301 43.18 45.16 -22.83
N ASN A 302 42.82 45.58 -24.04
CA ASN A 302 43.74 46.26 -24.95
C ASN A 302 43.79 47.76 -24.72
N PHE A 303 43.22 48.20 -23.61
CA PHE A 303 43.36 49.58 -23.21
C PHE A 303 44.80 50.06 -23.03
N SER A 304 45.04 51.33 -23.36
CA SER A 304 46.21 52.05 -22.92
C SER A 304 45.77 52.64 -21.59
N TYR A 305 46.66 52.73 -20.62
CA TYR A 305 46.21 52.93 -19.23
C TYR A 305 45.38 51.74 -18.70
N LEU A 306 46.08 50.63 -18.44
CA LEU A 306 45.63 49.58 -17.54
C LEU A 306 46.26 49.96 -16.25
N PRO A 307 45.50 50.44 -15.28
CA PRO A 307 46.30 50.85 -14.13
C PRO A 307 47.25 49.74 -13.68
N LEU A 308 48.47 50.14 -13.30
CA LEU A 308 49.57 49.25 -12.90
C LEU A 308 50.16 48.31 -13.96
N ALA A 309 49.95 48.58 -15.24
CA ALA A 309 50.50 47.70 -16.26
C ALA A 309 51.97 48.04 -16.42
N ASN A 310 52.26 49.33 -16.38
CA ASN A 310 53.62 49.84 -16.41
C ASN A 310 54.15 49.98 -15.00
N ASN A 311 53.35 49.54 -14.04
CA ASN A 311 53.87 49.38 -12.71
C ASN A 311 54.66 48.10 -12.68
N PRO A 312 55.92 48.18 -12.23
CA PRO A 312 56.82 47.03 -12.17
C PRO A 312 56.35 46.02 -11.15
N GLN A 313 55.51 46.47 -10.24
CA GLN A 313 54.97 45.54 -9.27
C GLN A 313 53.71 44.87 -9.78
N GLY A 314 53.15 45.41 -10.85
CA GLY A 314 51.79 45.10 -11.23
C GLY A 314 51.47 43.62 -11.31
N PHE A 315 52.21 42.88 -12.12
CA PHE A 315 51.93 41.46 -12.30
C PHE A 315 51.82 40.74 -10.97
N TRP A 316 52.79 40.97 -10.09
CA TRP A 316 52.82 40.25 -8.84
C TRP A 316 51.75 40.75 -7.87
N LEU A 317 51.51 42.06 -7.87
CA LEU A 317 50.35 42.60 -7.18
C LEU A 317 49.07 41.84 -7.52
N VAL A 318 48.68 41.88 -8.81
CA VAL A 318 47.51 41.15 -9.27
C VAL A 318 47.51 39.68 -8.87
N MET A 319 48.61 38.98 -9.14
CA MET A 319 48.76 37.59 -8.72
C MET A 319 48.40 37.42 -7.24
N ALA A 320 48.83 38.37 -6.43
CA ALA A 320 48.55 38.35 -5.00
C ALA A 320 47.07 38.51 -4.74
N LEU A 321 46.47 39.59 -5.22
CA LEU A 321 45.04 39.81 -5.01
C LEU A 321 44.19 38.60 -5.42
N MET A 322 44.56 38.00 -6.54
CA MET A 322 43.87 36.82 -7.00
C MET A 322 44.03 35.72 -5.95
N VAL A 323 45.27 35.35 -5.64
CA VAL A 323 45.46 34.26 -4.70
C VAL A 323 44.69 34.52 -3.40
N VAL A 324 44.64 35.78 -2.97
CA VAL A 324 43.90 36.11 -1.74
C VAL A 324 42.41 35.87 -1.92
N ILE A 325 41.89 36.24 -3.08
CA ILE A 325 40.51 35.95 -3.40
C ILE A 325 40.26 34.45 -3.27
N ILE A 326 41.03 33.68 -4.01
CA ILE A 326 40.86 32.24 -4.02
C ILE A 326 40.88 31.70 -2.61
N MET A 327 41.85 32.13 -1.83
CA MET A 327 41.97 31.70 -0.45
C MET A 327 40.70 32.01 0.31
N ILE A 328 40.23 33.26 0.21
CA ILE A 328 38.94 33.63 0.82
C ILE A 328 37.83 32.64 0.47
N PHE A 329 37.51 32.52 -0.81
CA PHE A 329 36.44 31.60 -1.19
C PHE A 329 36.67 30.18 -0.66
N VAL A 330 37.91 29.73 -0.61
CA VAL A 330 38.16 28.37 -0.14
C VAL A 330 37.87 28.30 1.33
N TYR A 331 38.03 29.41 2.04
CA TYR A 331 37.62 29.47 3.44
C TYR A 331 36.11 29.48 3.59
N ILE A 332 35.46 30.43 2.93
CA ILE A 332 34.02 30.47 2.93
C ILE A 332 33.40 29.12 2.57
N PHE A 333 34.03 28.39 1.67
CA PHE A 333 33.54 27.05 1.34
C PHE A 333 33.96 26.02 2.37
N ARG A 334 35.04 26.28 3.10
CA ARG A 334 35.45 25.37 4.16
C ARG A 334 34.32 25.34 5.17
N ARG A 335 33.96 26.51 5.69
CA ARG A 335 32.77 26.62 6.53
C ARG A 335 32.05 27.92 6.21
N SER A 336 30.76 27.86 5.88
CA SER A 336 29.91 26.66 5.91
C SER A 336 30.46 25.44 5.17
N GLY A 337 30.32 24.27 5.79
CA GLY A 337 30.99 23.07 5.31
C GLY A 337 30.49 22.59 3.97
N TRP A 338 31.42 22.57 3.02
CA TRP A 338 31.23 22.05 1.67
C TRP A 338 32.47 21.22 1.37
N ILE A 339 33.61 21.89 1.42
CA ILE A 339 34.92 21.26 1.34
C ILE A 339 35.45 21.11 2.75
N VAL B 26 -26.09 -10.35 -36.09
CA VAL B 26 -27.39 -9.80 -35.74
C VAL B 26 -28.51 -10.82 -35.96
N ILE B 27 -28.49 -11.88 -35.16
CA ILE B 27 -29.43 -12.98 -35.31
C ILE B 27 -29.80 -13.62 -33.97
N ALA B 28 -31.06 -14.04 -33.85
CA ALA B 28 -31.50 -14.80 -32.68
C ALA B 28 -31.07 -16.25 -32.83
N ILE B 29 -31.35 -17.06 -31.81
CA ILE B 29 -31.00 -18.49 -31.79
C ILE B 29 -31.96 -19.22 -30.83
N ALA B 30 -31.97 -20.55 -30.83
CA ALA B 30 -32.81 -21.26 -29.85
C ALA B 30 -32.35 -22.67 -29.43
N LYS B 31 -32.93 -23.20 -28.33
CA LYS B 31 -32.69 -24.59 -27.88
C LYS B 31 -33.78 -25.29 -26.99
N ASP B 32 -33.69 -26.62 -26.87
CA ASP B 32 -34.38 -27.46 -25.82
C ASP B 32 -35.90 -27.52 -25.56
N GLY B 33 -36.63 -28.27 -26.39
CA GLY B 33 -38.03 -28.60 -26.14
C GLY B 33 -38.25 -29.71 -25.11
N SER B 34 -39.43 -30.33 -25.17
CA SER B 34 -39.95 -31.20 -24.11
C SER B 34 -39.43 -32.65 -24.09
N ILE B 35 -38.60 -33.02 -25.06
CA ILE B 35 -37.90 -34.30 -24.99
C ILE B 35 -36.41 -34.02 -24.80
N VAL B 36 -35.76 -33.62 -25.88
CA VAL B 36 -34.34 -33.27 -25.90
C VAL B 36 -34.27 -31.87 -26.52
N GLU B 37 -33.08 -31.40 -26.88
CA GLU B 37 -32.95 -30.05 -27.45
C GLU B 37 -33.07 -29.98 -28.99
N PRO B 38 -34.22 -29.48 -29.49
CA PRO B 38 -34.42 -29.13 -30.89
C PRO B 38 -33.86 -27.75 -31.10
N LYS B 39 -34.10 -27.14 -32.25
CA LYS B 39 -33.46 -25.86 -32.50
C LYS B 39 -34.29 -24.79 -33.19
N LEU B 40 -33.71 -23.60 -33.18
CA LEU B 40 -34.15 -22.48 -34.01
C LEU B 40 -35.58 -21.96 -33.87
N ASP B 41 -36.37 -22.12 -34.92
CA ASP B 41 -37.21 -21.04 -35.40
C ASP B 41 -37.85 -20.19 -34.30
N GLU B 42 -37.73 -18.88 -34.50
CA GLU B 42 -38.49 -17.87 -33.78
C GLU B 42 -39.90 -17.87 -34.37
N ILE B 43 -40.91 -17.65 -33.54
CA ILE B 43 -42.30 -17.94 -33.93
C ILE B 43 -42.48 -19.44 -34.23
N SER B 44 -42.35 -20.24 -33.19
CA SER B 44 -42.70 -21.66 -33.23
C SER B 44 -43.49 -22.02 -31.98
N PHE B 45 -44.36 -23.02 -32.10
CA PHE B 45 -45.43 -23.28 -31.14
C PHE B 45 -45.02 -23.68 -29.70
N GLU B 46 -43.73 -23.88 -29.49
CA GLU B 46 -43.16 -24.15 -28.16
C GLU B 46 -43.70 -25.41 -27.44
N ASP B 47 -44.02 -25.27 -26.15
CA ASP B 47 -44.29 -26.39 -25.23
C ASP B 47 -42.97 -26.90 -24.66
N TYR B 48 -41.88 -26.28 -25.13
CA TYR B 48 -40.51 -26.66 -24.83
C TYR B 48 -40.17 -26.67 -23.32
N ARG B 49 -39.33 -27.63 -22.92
CA ARG B 49 -38.80 -27.75 -21.55
C ARG B 49 -38.29 -26.43 -20.98
N LEU B 50 -37.17 -25.97 -21.55
CA LEU B 50 -36.63 -24.63 -21.32
C LEU B 50 -35.90 -24.17 -22.59
N ILE B 51 -36.03 -22.90 -22.95
CA ILE B 51 -35.49 -22.46 -24.24
C ILE B 51 -34.52 -21.28 -24.17
N TRP B 52 -33.28 -21.52 -24.60
CA TRP B 52 -32.28 -20.47 -24.70
C TRP B 52 -32.44 -19.71 -26.02
N ILE B 53 -32.51 -18.40 -25.93
CA ILE B 53 -32.60 -17.56 -27.12
C ILE B 53 -31.50 -16.53 -27.10
N ASP B 54 -30.54 -16.63 -28.02
CA ASP B 54 -29.49 -15.62 -28.12
C ASP B 54 -29.90 -14.48 -29.06
N CYS B 55 -29.47 -13.26 -28.75
CA CYS B 55 -29.74 -12.11 -29.60
C CYS B 55 -28.60 -11.09 -29.63
N TYR B 56 -28.27 -10.64 -30.83
CA TYR B 56 -27.06 -9.86 -31.08
C TYR B 56 -27.41 -8.58 -31.83
N ASP B 57 -27.07 -7.44 -31.24
CA ASP B 57 -27.21 -6.11 -31.89
C ASP B 57 -28.44 -6.02 -32.79
N PRO B 58 -29.61 -6.44 -32.28
CA PRO B 58 -30.76 -6.60 -33.16
C PRO B 58 -31.19 -5.29 -33.81
N LYS B 59 -31.92 -5.39 -34.91
CA LYS B 59 -32.46 -4.21 -35.58
C LYS B 59 -33.91 -4.03 -35.16
N ASP B 60 -34.33 -2.77 -35.01
CA ASP B 60 -35.55 -2.45 -34.29
C ASP B 60 -36.75 -3.30 -34.70
N GLU B 61 -36.80 -3.66 -35.98
CA GLU B 61 -37.82 -4.59 -36.46
C GLU B 61 -37.69 -5.93 -35.71
N GLU B 62 -36.61 -6.64 -35.99
CA GLU B 62 -36.38 -7.96 -35.41
C GLU B 62 -36.57 -7.89 -33.90
N LEU B 63 -36.01 -6.83 -33.31
CA LEU B 63 -36.12 -6.57 -31.87
C LEU B 63 -37.57 -6.56 -31.43
N TYR B 64 -38.40 -5.83 -32.16
CA TYR B 64 -39.82 -5.79 -31.90
C TYR B 64 -40.41 -7.21 -31.97
N LYS B 65 -40.10 -7.93 -33.04
CA LYS B 65 -40.56 -9.30 -33.22
C LYS B 65 -40.28 -10.09 -31.94
N LEU B 66 -39.06 -9.96 -31.45
CA LEU B 66 -38.65 -10.56 -30.19
C LEU B 66 -39.60 -10.16 -29.07
N SER B 67 -39.74 -8.85 -28.87
CA SER B 67 -40.57 -8.31 -27.80
C SER B 67 -41.94 -8.98 -27.77
N LYS B 68 -42.57 -9.07 -28.94
CA LYS B 68 -43.87 -9.72 -29.05
C LYS B 68 -43.79 -11.20 -28.64
N LYS B 69 -42.85 -11.93 -29.23
CA LYS B 69 -42.78 -13.38 -28.98
C LYS B 69 -42.55 -13.73 -27.51
N ILE B 70 -41.70 -12.96 -26.83
CA ILE B 70 -41.40 -13.23 -25.42
C ILE B 70 -42.42 -12.67 -24.41
N GLY B 71 -42.87 -11.44 -24.62
CA GLY B 71 -43.75 -10.81 -23.65
C GLY B 71 -43.08 -9.84 -22.70
N ILE B 72 -41.90 -9.37 -23.06
CA ILE B 72 -41.26 -8.27 -22.35
C ILE B 72 -41.28 -7.07 -23.28
N SER B 73 -41.28 -5.86 -22.71
CA SER B 73 -41.36 -4.65 -23.49
C SER B 73 -40.09 -4.41 -24.29
N VAL B 74 -40.23 -3.87 -25.49
CA VAL B 74 -39.08 -3.48 -26.28
C VAL B 74 -38.28 -2.43 -25.52
N SER B 75 -38.91 -1.83 -24.51
CA SER B 75 -38.22 -0.86 -23.65
C SER B 75 -37.37 -1.54 -22.60
N ASP B 76 -37.91 -2.61 -22.03
CA ASP B 76 -37.18 -3.38 -21.02
C ASP B 76 -36.08 -4.20 -21.68
N LEU B 77 -36.23 -4.49 -22.97
CA LEU B 77 -35.23 -5.23 -23.72
C LEU B 77 -34.09 -4.34 -24.22
N GLN B 78 -34.31 -3.03 -24.18
CA GLN B 78 -33.35 -2.05 -24.69
C GLN B 78 -32.24 -1.76 -23.68
N ILE B 79 -32.52 -2.08 -22.41
CA ILE B 79 -31.56 -1.91 -21.33
C ILE B 79 -30.35 -2.80 -21.57
N GLY B 80 -30.62 -4.09 -21.79
CA GLY B 80 -29.57 -5.07 -21.94
C GLY B 80 -28.65 -4.63 -23.06
N LEU B 81 -29.11 -3.65 -23.82
CA LEU B 81 -28.34 -3.18 -24.96
C LEU B 81 -27.42 -2.02 -24.61
N ASP B 82 -27.47 -1.56 -23.37
CA ASP B 82 -26.66 -0.40 -23.00
C ASP B 82 -25.32 -0.90 -22.52
N GLU B 83 -24.28 -0.67 -23.33
CA GLU B 83 -22.99 -1.34 -23.17
C GLU B 83 -22.22 -0.93 -21.92
N GLN B 84 -22.52 0.25 -21.39
CA GLN B 84 -21.90 0.70 -20.14
C GLN B 84 -22.79 0.45 -18.92
N GLU B 85 -23.99 -0.08 -19.16
CA GLU B 85 -24.92 -0.45 -18.08
C GLU B 85 -24.29 -1.44 -17.10
N ILE B 86 -24.56 -1.24 -15.81
CA ILE B 86 -23.83 -1.95 -14.77
C ILE B 86 -24.44 -3.27 -14.32
N PRO B 87 -23.59 -4.24 -13.94
CA PRO B 87 -23.99 -5.57 -13.49
C PRO B 87 -24.85 -5.48 -12.26
N ARG B 88 -25.90 -6.29 -12.22
CA ARG B 88 -26.84 -6.25 -11.12
C ARG B 88 -27.91 -7.30 -11.30
N VAL B 89 -28.75 -7.44 -10.30
CA VAL B 89 -29.93 -8.30 -10.43
C VAL B 89 -31.22 -7.53 -10.13
N GLU B 90 -32.19 -7.59 -11.05
CA GLU B 90 -33.52 -7.02 -10.81
C GLU B 90 -34.56 -8.14 -10.75
N GLU B 91 -35.51 -7.97 -9.83
CA GLU B 91 -36.50 -8.99 -9.48
C GLU B 91 -37.90 -8.83 -10.13
N ASP B 92 -38.07 -7.85 -11.00
CA ASP B 92 -39.42 -7.39 -11.38
C ASP B 92 -40.39 -8.50 -11.80
N GLU B 93 -41.68 -8.23 -11.59
CA GLU B 93 -42.74 -9.15 -11.95
C GLU B 93 -42.59 -9.62 -13.41
N ASP B 94 -42.85 -10.90 -13.62
CA ASP B 94 -42.93 -11.50 -14.96
C ASP B 94 -41.62 -11.52 -15.74
N PHE B 95 -40.49 -11.39 -15.04
CA PHE B 95 -39.18 -11.74 -15.60
C PHE B 95 -38.06 -11.36 -14.61
N TYR B 96 -36.89 -11.97 -14.73
CA TYR B 96 -35.77 -11.62 -13.90
C TYR B 96 -34.73 -10.94 -14.76
N LEU B 97 -34.15 -9.85 -14.27
CA LEU B 97 -33.09 -9.20 -15.02
C LEU B 97 -31.74 -9.47 -14.38
N ILE B 98 -30.76 -9.84 -15.20
CA ILE B 98 -29.42 -10.05 -14.70
C ILE B 98 -28.47 -9.35 -15.67
N ILE B 99 -27.79 -8.31 -15.19
CA ILE B 99 -26.80 -7.64 -16.03
C ILE B 99 -25.41 -8.11 -15.61
N TYR B 100 -24.59 -8.49 -16.58
CA TYR B 100 -23.29 -9.10 -16.29
C TYR B 100 -22.21 -8.59 -17.27
N LYS B 101 -20.99 -8.33 -16.80
CA LYS B 101 -19.96 -7.82 -17.70
C LYS B 101 -19.01 -8.89 -18.26
N ALA B 102 -18.93 -8.99 -19.58
CA ALA B 102 -18.06 -9.97 -20.24
C ALA B 102 -16.94 -9.31 -21.00
N PRO B 103 -15.84 -10.02 -21.19
CA PRO B 103 -14.69 -9.38 -21.82
C PRO B 103 -14.87 -9.21 -23.34
N LEU B 104 -14.23 -8.19 -23.91
CA LEU B 104 -14.35 -7.89 -25.34
C LEU B 104 -12.99 -7.59 -25.99
N PHE B 105 -12.61 -8.41 -26.98
CA PHE B 105 -11.24 -8.47 -27.46
C PHE B 105 -10.91 -7.46 -28.56
N GLU B 106 -11.37 -7.70 -29.79
CA GLU B 106 -11.22 -6.70 -30.86
C GLU B 106 -9.89 -5.93 -30.94
N GLU B 107 -8.84 -6.66 -31.34
CA GLU B 107 -7.61 -6.07 -31.89
C GLU B 107 -6.88 -5.04 -31.01
N ASP B 108 -6.20 -5.52 -29.97
CA ASP B 108 -5.33 -4.67 -29.17
C ASP B 108 -6.13 -3.81 -28.19
N ILE B 109 -7.44 -3.73 -28.42
CA ILE B 109 -8.31 -2.97 -27.52
C ILE B 109 -9.30 -3.92 -26.84
N THR B 110 -9.09 -4.20 -25.56
CA THR B 110 -9.96 -5.12 -24.83
C THR B 110 -10.79 -4.40 -23.74
N THR B 111 -12.02 -4.90 -23.50
CA THR B 111 -13.09 -4.18 -22.79
C THR B 111 -14.19 -5.10 -22.20
N THR B 112 -15.41 -4.57 -22.00
CA THR B 112 -16.50 -5.31 -21.33
C THR B 112 -17.98 -4.99 -21.80
N SER B 113 -18.98 -5.91 -21.69
CA SER B 113 -20.37 -5.66 -22.22
C SER B 113 -21.84 -5.93 -21.57
N LEU B 114 -22.29 -7.21 -21.51
CA LEU B 114 -23.71 -7.65 -21.75
C LEU B 114 -24.88 -7.53 -20.71
N GLY B 115 -26.05 -8.12 -21.06
CA GLY B 115 -27.20 -8.29 -20.16
C GLY B 115 -28.13 -9.48 -20.45
N ILE B 116 -28.86 -9.98 -19.44
CA ILE B 116 -29.70 -11.20 -19.52
C ILE B 116 -31.10 -11.05 -18.91
N TYR B 117 -32.12 -11.63 -19.56
CA TYR B 117 -33.50 -11.67 -19.06
C TYR B 117 -34.02 -13.10 -18.91
N ILE B 118 -34.70 -13.39 -17.81
CA ILE B 118 -35.17 -14.76 -17.58
C ILE B 118 -36.58 -14.84 -17.02
N LYS B 119 -37.46 -15.56 -17.72
CA LYS B 119 -38.81 -15.88 -17.23
C LYS B 119 -39.29 -17.28 -17.65
N ASN B 120 -39.91 -17.99 -16.71
CA ASN B 120 -40.40 -19.34 -16.94
C ASN B 120 -39.34 -20.38 -17.34
N ASN B 121 -39.50 -20.89 -18.56
CA ASN B 121 -38.55 -21.80 -19.20
C ASN B 121 -37.60 -21.04 -20.16
N LEU B 122 -37.73 -19.71 -20.15
CA LEU B 122 -37.06 -18.85 -21.11
C LEU B 122 -35.81 -18.12 -20.55
N LEU B 123 -34.68 -18.30 -21.22
CA LEU B 123 -33.47 -17.54 -20.91
C LEU B 123 -33.05 -16.73 -22.16
N LEU B 124 -32.81 -15.44 -21.95
CA LEU B 124 -32.68 -14.50 -23.04
C LEU B 124 -31.39 -13.68 -22.93
N THR B 125 -30.45 -13.89 -23.85
CA THR B 125 -29.19 -13.16 -23.80
C THR B 125 -29.13 -12.15 -24.92
N ILE B 126 -29.25 -10.88 -24.61
CA ILE B 126 -29.19 -9.87 -25.66
C ILE B 126 -28.02 -8.92 -25.46
N HIS B 127 -27.10 -8.89 -26.41
CA HIS B 127 -25.93 -8.03 -26.27
C HIS B 127 -25.78 -7.08 -27.45
N SER B 128 -25.24 -5.90 -27.17
CA SER B 128 -24.97 -4.93 -28.24
C SER B 128 -23.56 -5.10 -28.80
N ASP B 129 -22.77 -5.94 -28.13
CA ASP B 129 -21.46 -6.35 -28.66
C ASP B 129 -21.39 -7.86 -28.72
N LYS B 130 -20.29 -8.38 -29.24
CA LYS B 130 -20.19 -9.82 -29.48
C LYS B 130 -19.55 -10.52 -28.28
N ILE B 131 -20.31 -11.40 -27.63
CA ILE B 131 -19.78 -12.13 -26.48
C ILE B 131 -19.23 -13.48 -26.93
N LYS B 132 -17.91 -13.57 -26.93
CA LYS B 132 -17.24 -14.73 -27.49
C LYS B 132 -17.56 -15.95 -26.67
N ALA B 133 -17.58 -15.78 -25.35
CA ALA B 133 -17.97 -16.86 -24.43
C ALA B 133 -19.31 -17.45 -24.85
N ILE B 134 -20.31 -16.59 -25.01
CA ILE B 134 -21.65 -17.02 -25.38
C ILE B 134 -21.60 -17.85 -26.63
N GLY B 135 -20.92 -17.31 -27.65
CA GLY B 135 -20.72 -18.07 -28.88
C GLY B 135 -20.08 -19.43 -28.65
N ARG B 136 -19.15 -19.48 -27.70
CA ARG B 136 -18.53 -20.74 -27.34
C ARG B 136 -19.57 -21.69 -26.79
N LEU B 137 -20.39 -21.22 -25.87
CA LEU B 137 -21.42 -22.06 -25.29
C LEU B 137 -22.30 -22.60 -26.41
N HIS B 138 -22.72 -21.73 -27.33
CA HIS B 138 -23.44 -22.17 -28.53
C HIS B 138 -22.77 -23.36 -29.22
N LYS B 139 -21.61 -23.13 -29.81
CA LYS B 139 -20.89 -24.19 -30.51
C LYS B 139 -20.80 -25.48 -29.68
N LEU B 140 -20.49 -25.28 -28.39
CA LEU B 140 -20.25 -26.32 -27.39
C LEU B 140 -21.44 -27.23 -27.16
N ILE B 141 -22.59 -26.60 -26.97
CA ILE B 141 -23.85 -27.29 -26.76
C ILE B 141 -24.22 -28.01 -28.04
N SER B 142 -24.06 -27.33 -29.18
CA SER B 142 -24.59 -27.84 -30.43
C SER B 142 -23.82 -29.06 -30.92
N THR B 143 -22.55 -28.88 -31.33
CA THR B 143 -21.72 -30.05 -31.68
C THR B 143 -22.46 -31.10 -32.52
N LYS B 144 -23.08 -30.66 -33.62
CA LYS B 144 -24.00 -31.50 -34.42
C LYS B 144 -23.49 -32.86 -34.88
N LYS B 145 -24.35 -33.88 -34.79
CA LYS B 145 -25.58 -33.79 -34.01
C LYS B 145 -25.99 -35.18 -33.49
N PRO B 146 -26.61 -35.26 -32.29
CA PRO B 146 -26.67 -34.36 -31.13
C PRO B 146 -25.66 -34.75 -30.04
N ARG B 147 -25.69 -34.05 -28.91
CA ARG B 147 -24.94 -34.46 -27.72
C ARG B 147 -25.32 -33.63 -26.49
N ILE B 148 -24.63 -33.87 -25.36
CA ILE B 148 -24.81 -33.10 -24.11
C ILE B 148 -26.23 -33.00 -23.54
N VAL B 149 -26.71 -34.09 -22.94
CA VAL B 149 -27.97 -34.06 -22.20
C VAL B 149 -27.93 -33.12 -20.98
N PHE B 150 -29.01 -32.38 -20.77
CA PHE B 150 -29.06 -31.33 -19.76
C PHE B 150 -30.29 -31.56 -18.88
N GLU B 151 -30.08 -31.97 -17.63
CA GLU B 151 -31.20 -32.19 -16.71
C GLU B 151 -31.45 -31.13 -15.64
N ARG B 152 -30.58 -30.14 -15.53
CA ARG B 152 -30.53 -29.34 -14.30
C ARG B 152 -31.28 -28.00 -14.28
N GLY B 153 -31.83 -27.59 -15.41
CA GLY B 153 -32.65 -26.39 -15.43
C GLY B 153 -32.03 -25.04 -15.71
N ILE B 154 -32.92 -24.05 -15.69
CA ILE B 154 -32.62 -22.71 -16.15
C ILE B 154 -31.53 -22.01 -15.33
N GLY B 155 -31.49 -22.29 -14.03
CA GLY B 155 -30.43 -21.75 -13.20
C GLY B 155 -29.09 -22.24 -13.71
N PHE B 156 -29.07 -23.48 -14.17
CA PHE B 156 -27.86 -24.13 -14.67
C PHE B 156 -27.41 -23.57 -16.02
N LEU B 157 -28.34 -23.38 -16.94
CA LEU B 157 -27.99 -22.67 -18.16
C LEU B 157 -27.39 -21.31 -17.78
N LEU B 158 -28.08 -20.58 -16.91
CA LEU B 158 -27.58 -19.30 -16.44
C LEU B 158 -26.12 -19.45 -16.04
N TYR B 159 -25.87 -20.50 -15.23
CA TYR B 159 -24.53 -20.82 -14.75
C TYR B 159 -23.58 -20.89 -15.87
N HIS B 160 -23.73 -21.89 -16.73
CA HIS B 160 -22.81 -22.09 -17.85
C HIS B 160 -22.54 -20.83 -18.64
N ILE B 161 -23.58 -20.05 -18.91
CA ILE B 161 -23.31 -18.75 -19.50
C ILE B 161 -22.28 -17.96 -18.67
N LEU B 162 -22.50 -17.94 -17.36
CA LEU B 162 -21.64 -17.18 -16.48
C LEU B 162 -20.24 -17.79 -16.31
N ASN B 163 -20.16 -19.11 -16.21
CA ASN B 163 -18.88 -19.82 -16.13
C ASN B 163 -18.03 -19.64 -17.36
N GLU B 164 -18.63 -19.72 -18.55
CA GLU B 164 -17.85 -19.50 -19.74
C GLU B 164 -17.40 -18.04 -19.77
N ILE B 165 -18.29 -17.11 -19.42
CA ILE B 165 -17.85 -15.73 -19.42
C ILE B 165 -16.72 -15.48 -18.41
N THR B 166 -16.70 -16.25 -17.33
CA THR B 166 -15.63 -16.13 -16.32
C THR B 166 -14.32 -16.62 -16.92
N ARG B 167 -14.39 -17.82 -17.50
CA ARG B 167 -13.23 -18.45 -18.08
C ARG B 167 -12.60 -17.64 -19.23
N SER B 168 -13.41 -16.82 -19.91
CA SER B 168 -12.86 -15.89 -20.90
C SER B 168 -11.89 -14.95 -20.22
N TYR B 169 -12.39 -14.18 -19.25
CA TYR B 169 -11.55 -13.29 -18.48
C TYR B 169 -10.30 -14.03 -18.08
N SER B 170 -10.46 -15.28 -17.66
CA SER B 170 -9.34 -16.07 -17.20
C SER B 170 -8.24 -16.17 -18.24
N ARG B 171 -8.60 -16.66 -19.44
CA ARG B 171 -7.65 -16.82 -20.55
C ARG B 171 -7.05 -15.51 -21.11
N ILE B 172 -7.90 -14.50 -21.31
CA ILE B 172 -7.37 -13.16 -21.58
C ILE B 172 -6.33 -12.68 -20.56
N LEU B 173 -6.56 -12.99 -19.29
CA LEU B 173 -5.64 -12.60 -18.24
C LEU B 173 -4.33 -13.34 -18.41
N MET B 174 -4.39 -14.62 -18.74
CA MET B 174 -3.16 -15.35 -19.05
C MET B 174 -2.40 -14.64 -20.19
N ASN B 175 -3.15 -14.16 -21.17
CA ASN B 175 -2.55 -13.36 -22.23
C ASN B 175 -1.84 -12.15 -21.66
N LEU B 176 -2.53 -11.36 -20.82
CA LEU B 176 -1.93 -10.14 -20.24
C LEU B 176 -0.74 -10.45 -19.38
N GLU B 177 -0.73 -11.63 -18.78
CA GLU B 177 0.41 -12.06 -18.01
C GLU B 177 1.58 -12.27 -18.96
N ASP B 178 1.35 -13.01 -20.05
CA ASP B 178 2.42 -13.29 -21.02
C ASP B 178 2.94 -12.01 -21.69
N GLU B 179 2.00 -11.13 -22.03
CA GLU B 179 2.28 -9.87 -22.64
C GLU B 179 2.96 -8.96 -21.64
N LEU B 180 2.75 -9.28 -20.35
CA LEU B 180 3.35 -8.52 -19.26
C LEU B 180 4.80 -8.89 -19.03
N GLU B 181 5.07 -10.20 -18.97
CA GLU B 181 6.44 -10.67 -18.92
C GLU B 181 7.18 -10.09 -20.12
N GLU B 182 6.52 -10.03 -21.29
CA GLU B 182 7.24 -9.60 -22.50
C GLU B 182 7.80 -8.16 -22.43
N LEU B 183 7.24 -7.33 -21.58
CA LEU B 183 7.76 -5.97 -21.42
C LEU B 183 8.86 -5.97 -20.37
N GLU B 184 9.23 -7.13 -19.85
CA GLU B 184 10.23 -7.21 -18.80
C GLU B 184 11.61 -6.76 -19.26
N ASP B 185 12.14 -7.43 -20.28
CA ASP B 185 13.53 -7.19 -20.69
C ASP B 185 13.66 -6.10 -21.75
N LYS B 186 12.53 -5.62 -22.23
CA LYS B 186 12.51 -4.40 -23.03
C LYS B 186 12.73 -3.24 -22.05
N LEU B 187 12.02 -3.28 -20.93
CA LEU B 187 12.13 -2.27 -19.87
C LEU B 187 13.57 -1.97 -19.49
N LEU B 188 14.40 -3.00 -19.42
CA LEU B 188 15.77 -2.86 -18.95
C LEU B 188 16.57 -1.85 -19.78
N ALA B 189 16.10 -1.55 -20.98
CA ALA B 189 16.78 -0.61 -21.87
C ALA B 189 16.78 0.84 -21.35
N GLY B 190 15.88 1.16 -20.43
CA GLY B 190 15.73 2.54 -19.96
C GLY B 190 14.47 3.19 -20.52
N TYR B 191 14.19 4.42 -20.12
CA TYR B 191 12.92 5.03 -20.47
C TYR B 191 12.69 5.01 -21.98
N ASP B 192 11.56 4.44 -22.37
CA ASP B 192 11.15 4.32 -23.77
C ASP B 192 9.68 4.69 -23.89
N ARG B 193 9.36 5.75 -24.63
CA ARG B 193 7.98 6.24 -24.64
C ARG B 193 6.94 5.22 -25.08
N GLU B 194 7.30 4.39 -26.07
CA GLU B 194 6.42 3.33 -26.51
C GLU B 194 6.24 2.30 -25.39
N VAL B 195 7.34 1.77 -24.88
CA VAL B 195 7.27 0.80 -23.79
C VAL B 195 6.31 1.35 -22.76
N MET B 196 6.52 2.61 -22.41
CA MET B 196 5.65 3.28 -21.47
C MET B 196 4.19 3.12 -21.92
N GLU B 197 3.82 3.74 -23.03
CA GLU B 197 2.40 3.75 -23.39
C GLU B 197 1.78 2.35 -23.46
N LYS B 198 2.58 1.35 -23.82
CA LYS B 198 2.14 -0.03 -23.74
C LYS B 198 1.74 -0.37 -22.30
N ILE B 199 2.66 -0.11 -21.35
CA ILE B 199 2.35 -0.35 -19.94
C ILE B 199 1.05 0.34 -19.58
N LEU B 200 1.02 1.66 -19.82
CA LEU B 200 -0.10 2.51 -19.43
C LEU B 200 -1.41 1.96 -19.96
N GLY B 201 -1.35 1.34 -21.13
CA GLY B 201 -2.52 0.74 -21.73
C GLY B 201 -2.90 -0.54 -21.03
N LEU B 202 -1.91 -1.37 -20.73
CA LEU B 202 -2.17 -2.60 -20.01
C LEU B 202 -2.85 -2.29 -18.70
N ARG B 203 -2.39 -1.21 -18.07
CA ARG B 203 -3.01 -0.71 -16.86
C ARG B 203 -4.45 -0.28 -17.11
N LYS B 204 -4.67 0.48 -18.17
CA LYS B 204 -6.05 0.88 -18.50
C LYS B 204 -6.96 -0.33 -18.51
N THR B 205 -6.61 -1.29 -19.37
CA THR B 205 -7.38 -2.51 -19.54
C THR B 205 -7.62 -3.18 -18.21
N LEU B 206 -6.58 -3.19 -17.38
CA LEU B 206 -6.60 -3.88 -16.11
C LEU B 206 -7.55 -3.25 -15.08
N VAL B 207 -7.41 -1.95 -14.84
CA VAL B 207 -8.39 -1.21 -14.04
C VAL B 207 -9.78 -1.55 -14.50
N TYR B 208 -10.02 -1.46 -15.81
CA TYR B 208 -11.34 -1.79 -16.38
C TYR B 208 -11.82 -3.16 -15.95
N PHE B 209 -10.96 -4.15 -16.21
CA PHE B 209 -11.23 -5.53 -15.88
C PHE B 209 -11.60 -5.68 -14.41
N HIS B 210 -10.93 -4.90 -13.58
CA HIS B 210 -11.19 -4.97 -12.15
C HIS B 210 -12.59 -4.46 -11.84
N LYS B 211 -12.93 -3.27 -12.30
CA LYS B 211 -14.28 -2.75 -12.05
C LYS B 211 -15.27 -3.85 -12.38
N SER B 212 -15.31 -4.21 -13.66
CA SER B 212 -16.29 -5.20 -14.06
C SER B 212 -16.23 -6.44 -13.15
N LEU B 213 -15.05 -7.04 -13.03
CA LEU B 213 -14.85 -8.24 -12.22
C LEU B 213 -15.49 -8.13 -10.83
N ILE B 214 -15.22 -7.03 -10.14
CA ILE B 214 -15.85 -6.68 -8.88
C ILE B 214 -17.36 -6.80 -8.96
N ALA B 215 -17.93 -6.06 -9.91
CA ALA B 215 -19.38 -6.07 -10.06
C ALA B 215 -19.90 -7.50 -10.18
N ASN B 216 -19.38 -8.23 -11.17
CA ASN B 216 -19.83 -9.57 -11.44
C ASN B 216 -19.73 -10.37 -10.16
N ARG B 217 -18.74 -10.05 -9.35
CA ARG B 217 -18.54 -10.78 -8.11
C ARG B 217 -19.74 -10.60 -7.22
N ASP B 218 -20.12 -9.34 -6.99
CA ASP B 218 -21.25 -9.12 -6.11
C ASP B 218 -22.54 -9.75 -6.67
N VAL B 219 -22.69 -9.76 -7.98
CA VAL B 219 -23.82 -10.47 -8.58
C VAL B 219 -23.85 -11.94 -8.14
N LEU B 220 -22.74 -12.61 -8.40
CA LEU B 220 -22.58 -13.98 -7.92
C LEU B 220 -22.90 -14.11 -6.41
N VAL B 221 -22.38 -13.19 -5.58
CA VAL B 221 -22.68 -13.15 -4.16
C VAL B 221 -24.18 -13.25 -4.00
N LEU B 222 -24.88 -12.55 -4.88
CA LEU B 222 -26.34 -12.70 -4.90
C LEU B 222 -26.79 -14.12 -5.23
N LEU B 223 -26.57 -14.58 -6.46
CA LEU B 223 -27.14 -15.88 -6.84
C LEU B 223 -26.77 -17.04 -5.90
N LYS B 224 -25.64 -16.89 -5.20
CA LYS B 224 -25.22 -17.84 -4.16
C LYS B 224 -25.95 -17.61 -2.84
N ARG B 225 -26.25 -16.34 -2.50
CA ARG B 225 -26.91 -16.02 -1.25
C ARG B 225 -28.43 -16.16 -1.32
N LYS B 226 -29.10 -15.17 -1.91
CA LYS B 226 -30.55 -15.07 -1.91
C LYS B 226 -31.21 -16.32 -2.48
N TYR B 227 -32.14 -16.89 -1.74
CA TYR B 227 -32.95 -17.99 -2.27
C TYR B 227 -33.93 -17.48 -3.32
N LEU B 228 -33.91 -18.10 -4.49
CA LEU B 228 -34.76 -17.72 -5.62
C LEU B 228 -35.57 -18.90 -6.17
N PRO B 229 -36.59 -18.59 -7.01
CA PRO B 229 -37.39 -19.55 -7.77
C PRO B 229 -36.66 -20.17 -8.97
N ILE B 230 -35.66 -19.45 -9.48
CA ILE B 230 -34.91 -19.80 -10.70
C ILE B 230 -33.61 -20.58 -10.45
N THR B 231 -33.28 -20.78 -9.18
CA THR B 231 -32.03 -21.43 -8.83
C THR B 231 -32.31 -22.52 -7.82
N THR B 232 -31.67 -23.67 -7.97
CA THR B 232 -31.83 -24.73 -6.97
C THR B 232 -30.71 -24.64 -5.93
N LYS B 233 -30.65 -25.57 -4.99
CA LYS B 233 -29.53 -25.59 -4.06
C LYS B 233 -28.25 -25.83 -4.85
N GLU B 234 -28.26 -26.86 -5.69
CA GLU B 234 -27.15 -27.18 -6.57
C GLU B 234 -26.75 -25.95 -7.40
N ASP B 235 -27.73 -25.32 -8.05
CA ASP B 235 -27.45 -24.09 -8.78
C ASP B 235 -26.66 -23.16 -7.87
N ARG B 236 -27.15 -22.98 -6.65
CA ARG B 236 -26.53 -22.04 -5.73
C ARG B 236 -25.07 -22.39 -5.46
N GLU B 237 -24.81 -23.67 -5.21
CA GLU B 237 -23.45 -24.12 -4.97
C GLU B 237 -22.56 -23.75 -6.17
N ASN B 238 -23.07 -23.98 -7.38
CA ASN B 238 -22.36 -23.67 -8.61
C ASN B 238 -22.02 -22.19 -8.70
N PHE B 239 -23.01 -21.34 -8.42
CA PHE B 239 -22.77 -19.90 -8.38
C PHE B 239 -21.70 -19.57 -7.35
N GLU B 240 -21.58 -20.39 -6.32
CA GLU B 240 -20.60 -20.13 -5.27
C GLU B 240 -19.19 -20.45 -5.72
N ASP B 241 -19.03 -21.61 -6.35
CA ASP B 241 -17.76 -21.91 -7.00
C ASP B 241 -17.38 -20.70 -7.88
N LEU B 242 -18.29 -20.32 -8.78
CA LEU B 242 -18.01 -19.19 -9.67
C LEU B 242 -17.63 -17.92 -8.90
N TYR B 243 -18.20 -17.75 -7.72
CA TYR B 243 -17.84 -16.63 -6.87
C TYR B 243 -16.35 -16.74 -6.57
N TYR B 244 -15.95 -17.84 -5.94
CA TYR B 244 -14.56 -17.99 -5.55
C TYR B 244 -13.59 -17.82 -6.73
N ASP B 245 -13.98 -18.33 -7.90
CA ASP B 245 -13.19 -18.13 -9.10
C ASP B 245 -13.06 -16.65 -9.50
N THR B 246 -14.17 -15.95 -9.59
CA THR B 246 -14.12 -14.51 -9.87
C THR B 246 -13.17 -13.82 -8.87
N LEU B 247 -13.30 -14.16 -7.61
CA LEU B 247 -12.42 -13.58 -6.62
C LEU B 247 -11.01 -13.81 -7.08
N GLN B 248 -10.69 -15.05 -7.45
CA GLN B 248 -9.34 -15.36 -7.95
C GLN B 248 -8.89 -14.48 -9.14
N LEU B 249 -9.83 -14.09 -10.00
CA LEU B 249 -9.47 -13.26 -11.15
C LEU B 249 -9.22 -11.86 -10.73
N ILE B 250 -9.90 -11.44 -9.67
CA ILE B 250 -9.68 -10.10 -9.16
C ILE B 250 -8.31 -10.06 -8.52
N ASP B 251 -7.99 -11.08 -7.74
CA ASP B 251 -6.68 -11.20 -7.14
C ASP B 251 -5.58 -11.13 -8.19
N MET B 252 -5.71 -11.99 -9.19
CA MET B 252 -4.76 -11.97 -10.29
C MET B 252 -4.64 -10.57 -10.96
N SER B 253 -5.77 -10.04 -11.44
CA SER B 253 -5.74 -8.73 -12.06
C SER B 253 -4.98 -7.71 -11.20
N ALA B 254 -5.29 -7.70 -9.90
CA ALA B 254 -4.70 -6.75 -8.97
C ALA B 254 -3.20 -6.93 -8.95
N THR B 255 -2.76 -8.16 -8.76
CA THR B 255 -1.34 -8.43 -8.80
C THR B 255 -0.74 -7.82 -10.06
N TYR B 256 -1.29 -8.15 -11.22
CA TYR B 256 -0.70 -7.62 -12.45
C TYR B 256 -0.56 -6.11 -12.38
N ARG B 257 -1.59 -5.40 -11.92
CA ARG B 257 -1.46 -3.95 -11.86
C ARG B 257 -0.28 -3.54 -10.98
N GLU B 258 -0.14 -4.18 -9.81
CA GLU B 258 0.99 -3.92 -8.90
C GLU B 258 2.31 -4.07 -9.65
N VAL B 259 2.44 -5.16 -10.39
CA VAL B 259 3.66 -5.43 -11.15
C VAL B 259 3.90 -4.38 -12.26
N LEU B 260 2.84 -3.93 -12.91
CA LEU B 260 2.97 -2.89 -13.93
C LEU B 260 3.53 -1.63 -13.30
N THR B 261 2.80 -1.10 -12.32
CA THR B 261 3.29 0.06 -11.61
C THR B 261 4.74 -0.14 -11.23
N SER B 262 5.08 -1.36 -10.82
CA SER B 262 6.44 -1.67 -10.47
C SER B 262 7.35 -1.36 -11.64
N MET B 263 7.12 -1.96 -12.80
CA MET B 263 8.00 -1.73 -13.93
C MET B 263 8.15 -0.25 -14.17
N MET B 264 7.01 0.42 -14.23
CA MET B 264 6.92 1.84 -14.53
C MET B 264 7.86 2.66 -13.64
N ASP B 265 7.69 2.48 -12.34
CA ASP B 265 8.55 3.17 -11.38
C ASP B 265 10.03 2.79 -11.54
N ILE B 266 10.34 1.52 -11.74
CA ILE B 266 11.74 1.13 -11.80
C ILE B 266 12.50 1.70 -13.00
N THR B 267 11.89 1.72 -14.18
CA THR B 267 12.56 2.36 -15.32
C THR B 267 12.64 3.86 -15.06
N LEU B 268 11.45 4.43 -14.87
CA LEU B 268 11.31 5.87 -14.73
C LEU B 268 12.38 6.36 -13.80
N SER B 269 12.61 5.59 -12.75
CA SER B 269 13.60 5.95 -11.75
C SER B 269 15.02 5.59 -12.16
N LEU B 270 15.18 4.55 -12.97
CA LEU B 270 16.52 4.20 -13.42
C LEU B 270 17.10 5.23 -14.41
N GLU B 271 16.26 6.22 -14.77
CA GLU B 271 16.75 7.39 -15.51
C GLU B 271 17.73 8.30 -14.74
N ASN B 272 17.47 8.45 -13.44
CA ASN B 272 18.24 9.38 -12.63
C ASN B 272 19.73 9.06 -12.51
N ILE B 273 20.07 7.78 -12.59
CA ILE B 273 21.47 7.40 -12.63
C ILE B 273 22.18 8.06 -13.83
N LYS B 274 21.53 7.99 -14.99
CA LYS B 274 21.99 8.71 -16.17
C LYS B 274 22.21 10.19 -15.84
N MET B 275 21.15 10.79 -15.30
CA MET B 275 21.20 12.21 -14.95
C MET B 275 22.36 12.49 -13.98
N ASN B 276 22.91 11.42 -13.43
CA ASN B 276 24.05 11.51 -12.52
C ASN B 276 25.39 11.49 -13.26
N GLN B 277 25.66 10.40 -13.96
CA GLN B 277 26.89 10.32 -14.74
C GLN B 277 27.09 11.53 -15.65
N ILE B 278 25.99 12.14 -16.09
CA ILE B 278 26.11 13.38 -16.86
C ILE B 278 26.88 14.42 -16.06
N MET B 279 26.38 14.73 -14.85
CA MET B 279 27.06 15.67 -13.97
C MET B 279 28.49 15.23 -13.67
N LYS B 280 28.73 13.92 -13.67
CA LYS B 280 30.11 13.46 -13.58
C LYS B 280 30.95 14.03 -14.73
N ILE B 281 30.52 13.81 -15.96
CA ILE B 281 31.19 14.44 -17.11
C ILE B 281 31.37 15.94 -16.92
N LEU B 282 30.28 16.68 -16.80
CA LEU B 282 30.38 18.12 -16.71
C LEU B 282 31.47 18.52 -15.69
N THR B 283 31.33 18.02 -14.46
CA THR B 283 32.22 18.41 -13.37
C THR B 283 33.69 18.02 -13.65
N MET B 284 33.89 16.93 -14.39
CA MET B 284 35.23 16.54 -14.79
C MET B 284 35.83 17.48 -15.86
N VAL B 285 35.13 17.71 -16.95
CA VAL B 285 35.62 18.68 -17.91
C VAL B 285 36.00 19.96 -17.17
N THR B 286 34.98 20.58 -16.59
CA THR B 286 35.13 21.84 -15.91
C THR B 286 36.31 21.87 -14.93
N THR B 287 36.51 20.80 -14.17
CA THR B 287 37.60 20.82 -13.20
C THR B 287 38.97 20.53 -13.79
N ILE B 288 39.00 19.71 -14.83
CA ILE B 288 40.25 19.43 -15.50
C ILE B 288 40.83 20.71 -16.11
N PHE B 289 40.10 21.38 -17.02
CA PHE B 289 40.62 22.67 -17.46
C PHE B 289 40.00 23.73 -16.58
N ALA B 290 40.77 24.15 -15.59
CA ALA B 290 40.29 25.17 -14.69
C ALA B 290 41.49 25.99 -14.48
N VAL B 291 42.45 25.32 -13.88
CA VAL B 291 43.81 25.83 -13.73
C VAL B 291 44.43 26.13 -15.09
N PRO B 292 44.58 25.15 -15.99
CA PRO B 292 45.17 25.53 -17.28
C PRO B 292 44.57 26.79 -17.88
N MET B 293 43.26 26.99 -17.72
CA MET B 293 42.63 28.22 -18.19
C MET B 293 43.09 29.45 -17.40
N TRP B 294 43.13 29.34 -16.08
CA TRP B 294 43.65 30.44 -15.26
C TRP B 294 45.09 30.79 -15.64
N ILE B 295 45.94 29.77 -15.73
CA ILE B 295 47.29 29.89 -16.21
C ILE B 295 47.24 30.74 -17.47
N THR B 296 46.60 30.22 -18.50
CA THR B 296 46.58 30.90 -19.79
C THR B 296 46.04 32.32 -19.66
N GLY B 297 45.31 32.55 -18.58
CA GLY B 297 44.72 33.85 -18.32
C GLY B 297 45.71 34.84 -17.77
N ILE B 298 46.52 34.37 -16.83
CA ILE B 298 47.50 35.25 -16.24
C ILE B 298 48.53 35.56 -17.32
N TYR B 299 48.93 34.56 -18.08
CA TYR B 299 49.94 34.78 -19.13
C TYR B 299 49.43 35.55 -20.34
N GLY B 300 48.16 35.90 -20.30
CA GLY B 300 47.59 36.76 -21.33
C GLY B 300 47.49 38.19 -20.85
N MET B 301 47.91 38.43 -19.60
CA MET B 301 47.82 39.76 -19.01
C MET B 301 48.78 40.77 -19.65
N ASN B 302 48.40 42.04 -19.58
CA ASN B 302 49.06 43.12 -20.30
C ASN B 302 50.18 43.89 -19.61
N PHE B 303 50.68 43.35 -18.52
CA PHE B 303 51.84 43.89 -17.84
C PHE B 303 53.08 43.90 -18.72
N SER B 304 53.90 44.94 -18.55
CA SER B 304 55.18 45.06 -19.23
C SER B 304 56.03 43.89 -18.80
N TYR B 305 56.01 43.58 -17.51
CA TYR B 305 56.72 42.40 -17.04
C TYR B 305 55.79 41.20 -16.81
N LEU B 306 56.03 40.14 -17.57
CA LEU B 306 55.46 38.83 -17.31
C LEU B 306 56.60 37.86 -17.06
N PRO B 307 56.73 37.38 -15.82
CA PRO B 307 57.81 36.42 -15.57
C PRO B 307 57.86 35.36 -16.66
N LEU B 308 59.06 35.04 -17.12
CA LEU B 308 59.25 34.02 -18.17
C LEU B 308 58.83 34.46 -19.58
N ALA B 309 58.12 35.58 -19.71
CA ALA B 309 57.58 36.00 -21.01
C ALA B 309 58.64 36.07 -22.13
N ASN B 310 59.79 36.67 -21.84
CA ASN B 310 60.84 36.87 -22.83
C ASN B 310 61.81 35.71 -22.89
N ASN B 311 61.70 34.83 -21.92
CA ASN B 311 62.50 33.62 -21.92
C ASN B 311 61.96 32.69 -23.02
N PRO B 312 62.80 32.42 -24.04
CA PRO B 312 62.49 31.66 -25.25
C PRO B 312 62.06 30.22 -24.99
N GLN B 313 62.31 29.73 -23.78
CA GLN B 313 61.79 28.45 -23.35
C GLN B 313 60.42 28.60 -22.68
N GLY B 314 60.01 29.83 -22.43
CA GLY B 314 58.88 30.08 -21.55
C GLY B 314 57.60 29.38 -21.96
N PHE B 315 57.15 29.68 -23.16
CA PHE B 315 55.90 29.14 -23.64
C PHE B 315 55.83 27.64 -23.43
N TRP B 316 56.96 26.96 -23.56
CA TRP B 316 56.99 25.51 -23.34
C TRP B 316 57.07 25.17 -21.87
N LEU B 317 57.62 26.06 -21.06
CA LEU B 317 57.67 25.79 -19.63
C LEU B 317 56.28 25.82 -19.04
N VAL B 318 55.56 26.89 -19.32
CA VAL B 318 54.17 27.00 -18.90
C VAL B 318 53.33 25.92 -19.58
N MET B 319 53.55 25.73 -20.87
CA MET B 319 52.86 24.70 -21.61
C MET B 319 52.94 23.42 -20.83
N ALA B 320 54.13 23.10 -20.34
CA ALA B 320 54.32 21.91 -19.53
C ALA B 320 53.59 22.02 -18.20
N LEU B 321 53.70 23.16 -17.54
CA LEU B 321 52.99 23.35 -16.28
C LEU B 321 51.55 22.88 -16.44
N MET B 322 50.82 23.51 -17.36
CA MET B 322 49.46 23.09 -17.71
C MET B 322 49.30 21.60 -18.04
N VAL B 323 50.08 21.09 -18.98
CA VAL B 323 50.00 19.66 -19.30
C VAL B 323 50.12 18.74 -18.07
N VAL B 324 51.01 19.06 -17.14
CA VAL B 324 51.14 18.26 -15.93
C VAL B 324 49.97 18.48 -14.97
N ILE B 325 49.47 19.71 -14.89
CA ILE B 325 48.30 19.99 -14.05
C ILE B 325 47.16 19.10 -14.52
N ILE B 326 46.89 19.18 -15.81
CA ILE B 326 45.89 18.33 -16.44
C ILE B 326 46.11 16.87 -16.08
N MET B 327 47.23 16.30 -16.49
CA MET B 327 47.49 14.88 -16.25
C MET B 327 47.18 14.54 -14.82
N ILE B 328 47.63 15.37 -13.89
CA ILE B 328 47.36 15.17 -12.47
C ILE B 328 45.88 15.08 -12.17
N PHE B 329 45.09 16.00 -12.73
CA PHE B 329 43.66 15.95 -12.47
C PHE B 329 43.03 14.70 -13.06
N VAL B 330 43.30 14.44 -14.34
CA VAL B 330 42.80 13.23 -14.97
C VAL B 330 43.21 11.99 -14.15
N TYR B 331 44.31 12.10 -13.41
CA TYR B 331 44.75 11.02 -12.54
C TYR B 331 43.91 10.98 -11.28
N ILE B 332 43.59 12.13 -10.74
CA ILE B 332 42.74 12.19 -9.57
C ILE B 332 41.37 11.60 -9.89
N PHE B 333 40.92 11.79 -11.11
CA PHE B 333 39.62 11.24 -11.51
C PHE B 333 39.60 9.77 -11.94
N ARG B 334 40.60 9.31 -12.70
CA ARG B 334 40.57 7.90 -13.13
C ARG B 334 40.37 7.01 -11.92
N ARG B 335 41.26 7.17 -10.94
CA ARG B 335 41.12 6.48 -9.67
C ARG B 335 40.25 7.32 -8.75
N SER B 336 39.41 6.65 -7.97
CA SER B 336 38.57 7.33 -6.99
C SER B 336 37.54 8.36 -7.51
N GLY B 337 36.49 7.84 -8.14
CA GLY B 337 36.55 6.66 -9.00
C GLY B 337 36.12 7.00 -10.41
N TRP B 338 35.84 8.29 -10.68
CA TRP B 338 34.87 8.69 -11.71
C TRP B 338 35.00 7.91 -13.02
N ILE B 339 36.09 8.13 -13.76
CA ILE B 339 36.30 7.39 -15.01
C ILE B 339 37.68 7.65 -15.62
N VAL C 26 -36.30 25.34 3.73
CA VAL C 26 -37.21 26.19 2.97
C VAL C 26 -38.45 25.43 2.53
N ILE C 27 -38.73 24.29 3.17
CA ILE C 27 -39.93 23.50 2.82
C ILE C 27 -40.21 22.26 3.68
N ALA C 28 -41.44 21.75 3.55
CA ALA C 28 -41.86 20.50 4.19
C ALA C 28 -42.75 19.74 3.21
N ILE C 29 -42.70 18.42 3.23
CA ILE C 29 -43.40 17.62 2.23
C ILE C 29 -44.03 16.32 2.79
N ALA C 30 -45.33 16.12 2.56
CA ALA C 30 -46.07 15.01 3.20
C ALA C 30 -46.53 13.90 2.23
N LYS C 31 -47.28 12.90 2.73
CA LYS C 31 -47.57 11.68 1.95
C LYS C 31 -48.55 10.58 2.53
N ASP C 32 -49.03 9.71 1.65
CA ASP C 32 -49.59 8.36 1.95
C ASP C 32 -50.78 8.08 2.88
N GLY C 33 -52.00 8.29 2.40
CA GLY C 33 -53.17 7.73 3.06
C GLY C 33 -53.40 6.25 2.81
N SER C 34 -54.57 5.77 3.22
CA SER C 34 -55.00 4.40 2.93
C SER C 34 -55.33 4.23 1.44
N ILE C 35 -54.86 3.13 0.86
CA ILE C 35 -55.15 2.76 -0.54
C ILE C 35 -54.31 3.51 -1.60
N VAL C 36 -53.67 4.61 -1.19
CA VAL C 36 -52.95 5.47 -2.12
C VAL C 36 -52.43 6.68 -1.36
N GLU C 37 -51.62 7.52 -2.00
CA GLU C 37 -50.94 8.62 -1.31
C GLU C 37 -51.36 10.01 -1.76
N PRO C 38 -52.03 10.74 -0.86
CA PRO C 38 -52.30 12.17 -1.02
C PRO C 38 -51.18 13.03 -0.43
N LYS C 39 -51.34 14.34 -0.55
CA LYS C 39 -50.37 15.31 -0.06
C LYS C 39 -51.10 16.20 0.92
N LEU C 40 -50.53 16.37 2.11
CA LEU C 40 -51.31 16.88 3.23
C LEU C 40 -50.82 18.16 3.91
N ASP C 41 -51.74 19.11 4.03
CA ASP C 41 -51.53 20.27 4.87
C ASP C 41 -51.58 19.84 6.32
N GLU C 42 -51.08 20.69 7.21
CA GLU C 42 -51.15 20.45 8.65
C GLU C 42 -52.58 20.59 9.19
N ILE C 43 -53.11 19.55 9.84
CA ILE C 43 -52.44 18.27 10.03
C ILE C 43 -53.45 17.12 9.94
N SER C 44 -52.97 15.91 9.64
CA SER C 44 -53.77 14.70 9.73
C SER C 44 -52.86 13.51 10.02
N PHE C 45 -53.31 12.57 10.86
CA PHE C 45 -52.43 11.47 11.32
C PHE C 45 -52.95 10.03 11.24
N GLU C 46 -54.00 9.75 12.01
CA GLU C 46 -54.40 8.38 12.32
C GLU C 46 -54.48 7.39 11.15
N ASP C 47 -55.48 7.53 10.28
CA ASP C 47 -55.76 6.53 9.26
C ASP C 47 -54.55 6.08 8.46
N TYR C 48 -53.72 7.04 8.09
CA TYR C 48 -52.61 6.83 7.15
C TYR C 48 -51.70 5.66 7.52
N ARG C 49 -51.45 4.78 6.55
CA ARG C 49 -50.54 3.66 6.79
C ARG C 49 -49.15 4.13 7.23
N LEU C 50 -48.42 4.82 6.34
CA LEU C 50 -47.17 5.51 6.69
C LEU C 50 -47.17 6.96 6.20
N ILE C 51 -46.34 7.78 6.84
CA ILE C 51 -46.24 9.17 6.45
C ILE C 51 -44.79 9.56 6.31
N TRP C 52 -44.46 10.21 5.19
CA TRP C 52 -43.14 10.75 4.98
C TRP C 52 -43.18 12.27 4.96
N ILE C 53 -42.65 12.89 6.01
CA ILE C 53 -42.44 14.32 6.02
C ILE C 53 -41.01 14.61 5.57
N ASP C 54 -40.83 15.69 4.83
CA ASP C 54 -39.51 16.12 4.37
C ASP C 54 -39.28 17.59 4.70
N CYS C 55 -38.33 17.88 5.59
CA CYS C 55 -38.00 19.27 5.88
C CYS C 55 -36.65 19.70 5.30
N TYR C 56 -36.69 20.58 4.31
CA TYR C 56 -35.47 21.13 3.74
C TYR C 56 -35.22 22.53 4.33
N ASP C 57 -34.09 22.67 5.01
CA ASP C 57 -33.69 23.94 5.64
C ASP C 57 -34.87 24.62 6.32
N PRO C 58 -35.61 23.89 7.15
CA PRO C 58 -36.79 24.48 7.78
C PRO C 58 -36.41 25.60 8.74
N LYS C 59 -37.11 26.74 8.63
CA LYS C 59 -36.89 27.90 9.49
C LYS C 59 -37.41 27.67 10.91
N ASP C 60 -36.90 28.41 11.86
CA ASP C 60 -37.18 28.18 13.27
C ASP C 60 -38.66 27.95 13.58
N GLU C 61 -39.50 28.77 12.95
CA GLU C 61 -40.93 28.67 13.14
C GLU C 61 -41.46 27.37 12.50
N GLU C 62 -40.89 27.01 11.36
CA GLU C 62 -41.20 25.76 10.69
C GLU C 62 -40.78 24.54 11.51
N LEU C 63 -39.74 24.71 12.31
CA LEU C 63 -39.24 23.63 13.15
C LEU C 63 -40.04 23.50 14.44
N TYR C 64 -40.53 24.62 14.98
CA TYR C 64 -41.41 24.55 16.15
C TYR C 64 -42.76 23.95 15.75
N LYS C 65 -43.32 24.47 14.67
CA LYS C 65 -44.54 23.92 14.09
C LYS C 65 -44.36 22.42 13.82
N LEU C 66 -43.29 22.08 13.11
CA LEU C 66 -42.97 20.68 12.79
C LEU C 66 -42.86 19.82 14.03
N SER C 67 -42.00 20.22 14.95
CA SER C 67 -41.68 19.46 16.15
C SER C 67 -42.90 19.19 17.03
N LYS C 68 -43.69 20.23 17.29
CA LYS C 68 -44.92 20.04 18.06
C LYS C 68 -45.87 19.13 17.27
N LYS C 69 -45.87 19.32 15.95
CA LYS C 69 -46.74 18.56 15.06
C LYS C 69 -46.49 17.04 15.08
N ILE C 70 -45.23 16.63 14.94
CA ILE C 70 -44.87 15.21 14.91
C ILE C 70 -44.76 14.59 16.30
N GLY C 71 -44.23 15.36 17.25
CA GLY C 71 -44.10 14.88 18.60
C GLY C 71 -42.69 14.52 19.00
N ILE C 72 -41.73 14.85 18.13
CA ILE C 72 -40.33 14.67 18.45
C ILE C 72 -39.76 16.03 18.83
N SER C 73 -38.84 16.04 19.79
CA SER C 73 -38.30 17.30 20.31
C SER C 73 -37.71 18.19 19.22
N VAL C 74 -37.81 19.50 19.44
CA VAL C 74 -37.23 20.49 18.54
C VAL C 74 -35.72 20.32 18.45
N SER C 75 -35.06 20.39 19.59
CA SER C 75 -33.61 20.26 19.67
C SER C 75 -33.17 18.89 19.15
N ASP C 76 -34.09 17.93 19.17
CA ASP C 76 -33.83 16.61 18.61
C ASP C 76 -33.95 16.62 17.09
N LEU C 77 -34.82 17.49 16.58
CA LEU C 77 -34.92 17.70 15.13
C LEU C 77 -33.71 18.49 14.66
N GLN C 78 -33.06 19.15 15.61
CA GLN C 78 -31.98 20.09 15.31
C GLN C 78 -30.69 19.36 14.97
N ILE C 79 -30.62 18.08 15.31
CA ILE C 79 -29.45 17.28 14.96
C ILE C 79 -29.49 16.89 13.48
N GLY C 80 -30.66 16.46 13.00
CA GLY C 80 -30.83 16.17 11.59
C GLY C 80 -30.42 17.36 10.73
N LEU C 81 -30.50 18.56 11.30
CA LEU C 81 -30.15 19.78 10.60
C LEU C 81 -28.65 20.07 10.64
N ASP C 82 -27.90 19.28 11.40
CA ASP C 82 -26.46 19.44 11.44
C ASP C 82 -25.84 18.55 10.38
N GLU C 83 -25.26 19.17 9.36
CA GLU C 83 -24.74 18.43 8.21
C GLU C 83 -23.49 17.67 8.58
N GLN C 84 -22.76 18.15 9.58
CA GLN C 84 -21.55 17.49 10.04
C GLN C 84 -21.85 16.18 10.74
N GLU C 85 -23.06 16.02 11.23
CA GLU C 85 -23.43 14.85 12.03
C GLU C 85 -23.08 13.57 11.30
N ILE C 86 -22.40 12.65 12.02
CA ILE C 86 -21.87 11.43 11.40
C ILE C 86 -22.84 10.26 11.46
N PRO C 87 -22.90 9.49 10.37
CA PRO C 87 -23.93 8.46 10.21
C PRO C 87 -24.07 7.57 11.42
N ARG C 88 -25.28 7.21 11.80
CA ARG C 88 -25.47 6.18 12.81
C ARG C 88 -26.91 5.68 12.91
N VAL C 89 -27.13 4.67 13.77
CA VAL C 89 -28.47 4.24 14.17
C VAL C 89 -28.64 4.40 15.70
N GLU C 90 -29.56 5.27 16.07
CA GLU C 90 -29.79 5.65 17.45
C GLU C 90 -31.19 5.31 17.85
N GLU C 91 -31.33 4.62 18.98
CA GLU C 91 -32.65 4.35 19.55
C GLU C 91 -32.88 5.31 20.70
N ASP C 92 -33.83 6.21 20.52
CA ASP C 92 -34.27 7.04 21.61
C ASP C 92 -35.57 6.43 22.11
N GLU C 93 -36.14 7.01 23.16
CA GLU C 93 -37.43 6.58 23.63
C GLU C 93 -38.47 6.99 22.60
N ASP C 94 -39.26 6.02 22.14
CA ASP C 94 -40.43 6.28 21.29
C ASP C 94 -40.16 6.52 19.79
N PHE C 95 -38.90 6.45 19.35
CA PHE C 95 -38.55 6.69 17.93
C PHE C 95 -37.08 6.42 17.58
N TYR C 96 -36.79 6.40 16.28
CA TYR C 96 -35.45 6.06 15.79
C TYR C 96 -34.78 7.16 14.98
N LEU C 97 -33.47 7.31 15.18
CA LEU C 97 -32.68 8.29 14.46
C LEU C 97 -31.69 7.55 13.57
N ILE C 98 -31.82 7.70 12.27
CA ILE C 98 -30.83 7.17 11.35
C ILE C 98 -30.23 8.31 10.55
N ILE C 99 -28.95 8.60 10.80
CA ILE C 99 -28.24 9.65 10.08
C ILE C 99 -27.49 9.01 8.93
N TYR C 100 -27.50 9.65 7.76
CA TYR C 100 -26.83 9.08 6.59
C TYR C 100 -25.95 10.09 5.83
N LYS C 101 -25.09 9.63 4.95
CA LYS C 101 -24.31 10.58 4.16
C LYS C 101 -24.87 10.65 2.76
N ALA C 102 -25.06 11.84 2.23
CA ALA C 102 -25.45 11.93 0.85
C ALA C 102 -24.53 12.87 0.10
N PRO C 103 -24.15 12.48 -1.11
CA PRO C 103 -23.30 13.36 -1.91
C PRO C 103 -23.98 14.69 -2.15
N LEU C 104 -23.28 15.79 -1.86
CA LEU C 104 -23.76 17.11 -2.22
C LEU C 104 -22.80 17.72 -3.20
N PHE C 105 -23.28 18.61 -4.06
CA PHE C 105 -22.48 19.14 -5.15
C PHE C 105 -22.05 20.60 -4.97
N GLU C 106 -22.94 21.55 -5.21
CA GLU C 106 -22.62 22.97 -5.06
C GLU C 106 -21.28 23.41 -5.69
N GLU C 107 -21.24 23.46 -7.02
CA GLU C 107 -20.07 23.90 -7.80
C GLU C 107 -18.76 23.10 -7.70
N ASP C 108 -18.75 21.91 -8.29
CA ASP C 108 -17.51 21.15 -8.58
C ASP C 108 -16.69 20.86 -7.33
N ILE C 109 -17.34 20.94 -6.18
CA ILE C 109 -16.73 20.54 -4.94
C ILE C 109 -17.75 19.56 -4.40
N THR C 110 -17.42 18.28 -4.40
CA THR C 110 -18.42 17.29 -4.02
C THR C 110 -18.12 16.78 -2.60
N THR C 111 -19.19 16.42 -1.86
CA THR C 111 -19.16 16.40 -0.39
C THR C 111 -20.26 15.50 0.17
N THR C 112 -20.68 15.71 1.42
CA THR C 112 -21.63 14.81 2.10
C THR C 112 -22.66 15.47 3.16
N SER C 113 -23.85 14.88 3.46
CA SER C 113 -24.80 15.47 4.50
C SER C 113 -25.77 14.76 5.62
N LEU C 114 -26.94 14.19 5.23
CA LEU C 114 -28.28 14.13 5.98
C LEU C 114 -28.71 13.20 7.21
N GLY C 115 -29.72 13.64 7.98
CA GLY C 115 -30.43 12.82 8.98
C GLY C 115 -31.90 12.33 8.80
N ILE C 116 -32.37 11.40 9.66
CA ILE C 116 -33.70 10.72 9.56
C ILE C 116 -34.33 10.32 10.91
N TYR C 117 -35.66 10.47 11.07
CA TYR C 117 -36.36 10.05 12.31
C TYR C 117 -37.62 9.26 12.01
N ILE C 118 -37.76 8.06 12.58
CA ILE C 118 -39.01 7.33 12.39
C ILE C 118 -39.66 6.83 13.68
N LYS C 119 -40.91 7.23 13.89
CA LYS C 119 -41.70 6.79 15.04
C LYS C 119 -43.11 6.38 14.62
N ASN C 120 -43.52 5.18 15.00
CA ASN C 120 -44.79 4.61 14.55
C ASN C 120 -44.84 4.50 13.03
N ASN C 121 -45.72 5.27 12.40
CA ASN C 121 -45.80 5.37 10.94
C ASN C 121 -45.06 6.57 10.34
N LEU C 122 -44.36 7.33 11.18
CA LEU C 122 -43.68 8.55 10.71
C LEU C 122 -42.20 8.37 10.31
N LEU C 123 -41.93 8.48 9.02
CA LEU C 123 -40.58 8.63 8.51
C LEU C 123 -40.35 10.13 8.23
N LEU C 124 -39.27 10.67 8.78
CA LEU C 124 -38.97 12.08 8.64
C LEU C 124 -37.54 12.28 8.11
N THR C 125 -37.45 12.80 6.89
CA THR C 125 -36.17 13.12 6.29
C THR C 125 -35.99 14.63 6.40
N ILE C 126 -35.08 15.05 7.27
CA ILE C 126 -34.88 16.47 7.56
C ILE C 126 -33.44 16.85 7.19
N HIS C 127 -33.26 17.81 6.28
CA HIS C 127 -31.91 18.14 5.84
C HIS C 127 -31.57 19.60 5.61
N SER C 128 -30.38 19.99 6.05
CA SER C 128 -29.85 21.35 5.78
C SER C 128 -29.49 21.53 4.30
N ASP C 129 -28.82 20.53 3.73
CA ASP C 129 -28.42 20.58 2.32
C ASP C 129 -29.43 19.90 1.41
N LYS C 130 -29.58 20.46 0.21
CA LYS C 130 -30.42 19.85 -0.81
C LYS C 130 -29.96 18.40 -1.05
N ILE C 131 -30.87 17.45 -0.91
CA ILE C 131 -30.52 16.05 -1.12
C ILE C 131 -31.16 15.54 -2.39
N LYS C 132 -30.31 15.38 -3.41
CA LYS C 132 -30.77 15.09 -4.75
C LYS C 132 -31.63 13.83 -4.83
N ALA C 133 -31.23 12.80 -4.09
CA ALA C 133 -31.93 11.52 -4.14
C ALA C 133 -33.34 11.63 -3.57
N ILE C 134 -33.49 12.44 -2.54
CA ILE C 134 -34.78 12.70 -1.92
C ILE C 134 -35.65 13.45 -2.93
N GLY C 135 -35.11 14.55 -3.45
CA GLY C 135 -35.82 15.28 -4.49
C GLY C 135 -36.26 14.30 -5.57
N ARG C 136 -35.43 13.28 -5.78
CA ARG C 136 -35.67 12.31 -6.82
C ARG C 136 -36.89 11.45 -6.48
N LEU C 137 -36.93 10.94 -5.25
CA LEU C 137 -38.08 10.18 -4.77
C LEU C 137 -39.37 10.98 -4.95
N HIS C 138 -39.40 12.20 -4.43
CA HIS C 138 -40.57 13.06 -4.63
C HIS C 138 -40.97 13.11 -6.10
N LYS C 139 -40.12 13.72 -6.92
CA LYS C 139 -40.45 13.99 -8.31
C LYS C 139 -40.81 12.73 -9.08
N LEU C 140 -40.42 11.57 -8.56
CA LEU C 140 -40.84 10.29 -9.12
C LEU C 140 -42.24 9.85 -8.67
N ILE C 141 -42.50 10.04 -7.38
CA ILE C 141 -43.76 9.65 -6.77
C ILE C 141 -44.92 10.47 -7.33
N SER C 142 -44.64 11.71 -7.70
CA SER C 142 -45.69 12.58 -8.22
C SER C 142 -46.35 12.11 -9.53
N THR C 143 -45.77 11.12 -10.22
CA THR C 143 -46.37 10.64 -11.46
C THR C 143 -47.76 10.01 -11.25
N LYS C 144 -47.79 8.95 -10.44
CA LYS C 144 -49.02 8.28 -9.97
C LYS C 144 -49.96 7.73 -11.05
N LYS C 145 -49.44 7.55 -12.27
CA LYS C 145 -50.12 6.74 -13.29
C LYS C 145 -50.06 5.25 -12.95
N PRO C 146 -48.89 4.76 -12.51
CA PRO C 146 -48.70 3.37 -12.12
C PRO C 146 -49.65 3.01 -10.99
N ARG C 147 -49.50 1.83 -10.38
CA ARG C 147 -50.44 1.38 -9.37
C ARG C 147 -50.82 2.58 -8.49
N ILE C 148 -49.89 3.15 -7.73
CA ILE C 148 -48.57 2.59 -7.42
C ILE C 148 -48.54 2.47 -5.91
N VAL C 149 -48.62 1.24 -5.38
CA VAL C 149 -49.00 1.09 -3.99
C VAL C 149 -47.90 0.51 -3.09
N PHE C 150 -47.75 1.13 -1.93
CA PHE C 150 -46.79 0.66 -0.94
C PHE C 150 -47.46 -0.31 0.04
N GLU C 151 -47.09 -1.58 -0.07
CA GLU C 151 -47.51 -2.58 0.91
C GLU C 151 -46.45 -2.86 1.97
N ARG C 152 -45.25 -2.31 1.80
CA ARG C 152 -44.08 -2.75 2.58
C ARG C 152 -43.60 -1.93 3.79
N GLY C 153 -44.28 -0.85 4.11
CA GLY C 153 -44.07 -0.21 5.41
C GLY C 153 -42.88 0.71 5.58
N ILE C 154 -42.85 1.33 6.76
CA ILE C 154 -41.87 2.36 7.03
C ILE C 154 -40.44 1.86 6.80
N GLY C 155 -40.20 0.59 7.11
CA GLY C 155 -38.91 -0.02 6.85
C GLY C 155 -38.52 0.11 5.39
N PHE C 156 -39.40 -0.37 4.51
CA PHE C 156 -39.17 -0.34 3.07
C PHE C 156 -38.97 1.08 2.58
N LEU C 157 -39.69 2.02 3.17
CA LEU C 157 -39.48 3.42 2.85
C LEU C 157 -38.02 3.82 3.13
N LEU C 158 -37.53 3.41 4.30
CA LEU C 158 -36.15 3.68 4.69
C LEU C 158 -35.22 3.11 3.65
N TYR C 159 -35.43 1.83 3.32
CA TYR C 159 -34.61 1.21 2.31
C TYR C 159 -34.59 2.03 1.04
N HIS C 160 -35.76 2.32 0.48
CA HIS C 160 -35.85 3.11 -0.75
C HIS C 160 -35.11 4.44 -0.72
N ILE C 161 -35.30 5.21 0.34
CA ILE C 161 -34.54 6.44 0.49
C ILE C 161 -33.01 6.24 0.52
N LEU C 162 -32.54 5.36 1.39
CA LEU C 162 -31.11 5.06 1.48
C LEU C 162 -30.58 4.58 0.13
N ASN C 163 -31.23 3.56 -0.41
CA ASN C 163 -30.93 2.99 -1.73
C ASN C 163 -30.77 4.03 -2.83
N GLU C 164 -31.66 5.02 -2.84
CA GLU C 164 -31.53 6.14 -3.77
C GLU C 164 -30.25 6.93 -3.54
N ILE C 165 -30.02 7.35 -2.30
CA ILE C 165 -28.77 8.03 -1.98
C ILE C 165 -27.54 7.25 -2.53
N THR C 166 -27.54 5.95 -2.23
CA THR C 166 -26.48 5.04 -2.65
C THR C 166 -26.32 5.05 -4.17
N ARG C 167 -27.45 5.17 -4.87
CA ARG C 167 -27.42 5.33 -6.32
C ARG C 167 -26.69 6.60 -6.72
N SER C 168 -26.99 7.70 -6.03
CA SER C 168 -26.35 8.98 -6.30
C SER C 168 -24.83 8.77 -6.35
N TYR C 169 -24.30 8.19 -5.27
CA TYR C 169 -22.87 7.86 -5.28
C TYR C 169 -22.50 7.10 -6.55
N SER C 170 -23.24 6.02 -6.78
CA SER C 170 -22.97 5.17 -7.93
C SER C 170 -22.77 5.94 -9.23
N ARG C 171 -23.64 6.92 -9.49
CA ARG C 171 -23.60 7.71 -10.73
C ARG C 171 -22.38 8.63 -10.75
N ILE C 172 -22.11 9.28 -9.62
CA ILE C 172 -20.92 10.15 -9.56
C ILE C 172 -19.64 9.38 -9.88
N LEU C 173 -19.61 8.11 -9.52
CA LEU C 173 -18.47 7.27 -9.90
C LEU C 173 -18.24 7.15 -11.41
N MET C 174 -19.31 7.05 -12.20
CA MET C 174 -19.19 7.05 -13.66
C MET C 174 -18.67 8.40 -14.10
N ASN C 175 -19.21 9.46 -13.50
CA ASN C 175 -18.69 10.81 -13.77
C ASN C 175 -17.16 10.79 -13.68
N LEU C 176 -16.66 10.24 -12.58
CA LEU C 176 -15.23 10.09 -12.39
C LEU C 176 -14.54 9.21 -13.43
N GLU C 177 -15.17 8.11 -13.83
CA GLU C 177 -14.56 7.28 -14.88
C GLU C 177 -14.31 8.08 -16.15
N ASP C 178 -15.29 8.89 -16.52
CA ASP C 178 -15.12 9.77 -17.66
C ASP C 178 -13.95 10.73 -17.46
N GLU C 179 -14.01 11.48 -16.36
CA GLU C 179 -13.01 12.51 -16.12
C GLU C 179 -11.58 11.94 -16.09
N LEU C 180 -11.44 10.80 -15.42
CA LEU C 180 -10.17 10.08 -15.39
C LEU C 180 -9.73 9.74 -16.80
N GLU C 181 -10.60 9.10 -17.57
CA GLU C 181 -10.21 8.71 -18.93
C GLU C 181 -9.89 9.92 -19.82
N GLU C 182 -10.27 11.10 -19.37
CA GLU C 182 -9.82 12.33 -20.03
C GLU C 182 -8.43 12.75 -19.56
N LEU C 183 -8.18 12.64 -18.26
CA LEU C 183 -6.85 12.95 -17.69
C LEU C 183 -5.74 12.00 -18.18
N GLU C 184 -6.10 10.77 -18.49
CA GLU C 184 -5.13 9.78 -18.90
C GLU C 184 -4.40 10.31 -20.12
N ASP C 185 -5.08 11.21 -20.84
CA ASP C 185 -4.54 11.78 -22.09
C ASP C 185 -3.48 12.87 -21.87
N LYS C 186 -3.73 13.78 -20.93
CA LYS C 186 -2.81 14.85 -20.63
C LYS C 186 -1.73 14.38 -19.66
N LEU C 187 -1.84 13.13 -19.24
CA LEU C 187 -0.86 12.50 -18.37
C LEU C 187 0.62 12.62 -18.85
N LEU C 188 0.97 11.98 -19.97
CA LEU C 188 2.35 12.01 -20.48
C LEU C 188 2.74 13.36 -21.13
N ALA C 189 1.75 14.23 -21.29
CA ALA C 189 1.91 15.56 -21.89
C ALA C 189 2.78 16.53 -21.07
N GLY C 190 3.21 16.09 -19.89
CA GLY C 190 4.07 16.89 -19.04
C GLY C 190 3.32 17.61 -17.93
N TYR C 191 3.99 17.82 -16.80
CA TYR C 191 3.34 18.42 -15.66
C TYR C 191 2.59 19.68 -16.07
N ASP C 192 1.33 19.77 -15.67
CA ASP C 192 0.52 20.95 -15.85
C ASP C 192 -0.14 21.23 -14.51
N ARG C 193 -0.14 22.48 -14.06
CA ARG C 193 -0.73 22.79 -12.76
C ARG C 193 -2.22 22.50 -12.75
N GLU C 194 -2.91 22.80 -13.84
CA GLU C 194 -4.35 22.51 -13.92
C GLU C 194 -4.57 21.02 -13.78
N VAL C 195 -3.95 20.25 -14.65
CA VAL C 195 -4.06 18.80 -14.58
C VAL C 195 -3.85 18.38 -13.14
N MET C 196 -2.87 19.00 -12.49
CA MET C 196 -2.55 18.72 -11.10
C MET C 196 -3.72 18.93 -10.15
N GLU C 197 -4.18 20.17 -10.01
CA GLU C 197 -5.24 20.41 -9.05
C GLU C 197 -6.56 19.74 -9.43
N LYS C 198 -6.72 19.39 -10.70
CA LYS C 198 -7.84 18.55 -11.12
C LYS C 198 -7.73 17.20 -10.44
N ILE C 199 -6.60 16.54 -10.67
CA ILE C 199 -6.31 15.28 -10.03
C ILE C 199 -6.49 15.35 -8.52
N LEU C 200 -5.95 16.40 -7.91
CA LEU C 200 -5.95 16.52 -6.45
C LEU C 200 -7.34 16.83 -5.94
N GLY C 201 -8.16 17.42 -6.80
CA GLY C 201 -9.56 17.68 -6.51
C GLY C 201 -10.40 16.42 -6.49
N LEU C 202 -10.30 15.65 -7.56
CA LEU C 202 -10.90 14.34 -7.56
C LEU C 202 -10.45 13.59 -6.32
N ARG C 203 -9.15 13.59 -6.04
CA ARG C 203 -8.63 12.93 -4.86
C ARG C 203 -9.42 13.33 -3.64
N LYS C 204 -9.39 14.61 -3.31
CA LYS C 204 -10.08 15.05 -2.10
C LYS C 204 -11.45 14.41 -2.08
N THR C 205 -12.17 14.63 -3.16
CA THR C 205 -13.53 14.16 -3.22
C THR C 205 -13.66 12.70 -2.83
N LEU C 206 -12.84 11.86 -3.43
CA LEU C 206 -12.91 10.44 -3.15
C LEU C 206 -12.55 10.10 -1.70
N VAL C 207 -11.72 10.91 -1.06
CA VAL C 207 -11.43 10.65 0.35
C VAL C 207 -12.71 10.90 1.11
N TYR C 208 -13.42 11.94 0.70
CA TYR C 208 -14.73 12.23 1.26
C TYR C 208 -15.66 11.03 1.12
N PHE C 209 -15.89 10.62 -0.12
CA PHE C 209 -16.70 9.43 -0.32
C PHE C 209 -16.17 8.29 0.55
N HIS C 210 -14.91 8.31 0.96
CA HIS C 210 -14.45 7.18 1.79
C HIS C 210 -15.02 7.31 3.16
N LYS C 211 -14.68 8.39 3.85
CA LYS C 211 -15.20 8.55 5.19
C LYS C 211 -16.69 8.26 5.14
N SER C 212 -17.42 9.07 4.40
CA SER C 212 -18.86 8.88 4.34
C SER C 212 -19.20 7.42 4.03
N LEU C 213 -18.94 6.99 2.81
CA LEU C 213 -19.31 5.65 2.35
C LEU C 213 -19.00 4.51 3.33
N ILE C 214 -17.86 4.57 3.99
CA ILE C 214 -17.52 3.54 4.98
C ILE C 214 -18.47 3.63 6.21
N ALA C 215 -18.78 4.85 6.63
CA ALA C 215 -19.78 5.03 7.71
C ALA C 215 -21.23 4.58 7.35
N ASN C 216 -21.69 5.05 6.18
CA ASN C 216 -22.94 4.60 5.62
C ASN C 216 -23.00 3.07 5.57
N ARG C 217 -21.93 2.48 5.06
CA ARG C 217 -21.79 1.02 5.06
C ARG C 217 -22.09 0.46 6.43
N ASP C 218 -21.46 1.01 7.47
CA ASP C 218 -21.66 0.41 8.78
C ASP C 218 -23.07 0.60 9.34
N VAL C 219 -23.76 1.65 8.91
CA VAL C 219 -25.19 1.74 9.24
C VAL C 219 -25.97 0.63 8.57
N LEU C 220 -25.75 0.43 7.28
CA LEU C 220 -26.43 -0.66 6.61
C LEU C 220 -26.15 -1.98 7.29
N VAL C 221 -24.98 -2.08 7.93
CA VAL C 221 -24.62 -3.33 8.62
C VAL C 221 -25.44 -3.50 9.89
N LEU C 222 -25.62 -2.40 10.61
CA LEU C 222 -26.48 -2.41 11.79
C LEU C 222 -27.93 -2.75 11.42
N LEU C 223 -28.45 -2.02 10.42
CA LEU C 223 -29.81 -2.17 9.97
C LEU C 223 -30.06 -3.54 9.36
N LYS C 224 -29.03 -4.10 8.76
CA LYS C 224 -29.18 -5.40 8.12
C LYS C 224 -29.15 -6.50 9.17
N ARG C 225 -28.35 -6.31 10.22
CA ARG C 225 -28.18 -7.34 11.26
C ARG C 225 -29.25 -7.32 12.33
N LYS C 226 -29.23 -6.29 13.17
CA LYS C 226 -30.00 -6.33 14.41
C LYS C 226 -31.50 -6.25 14.18
N TYR C 227 -32.27 -6.93 15.04
CA TYR C 227 -33.73 -6.94 14.92
C TYR C 227 -34.30 -5.64 15.44
N LEU C 228 -34.96 -4.91 14.56
CA LEU C 228 -35.54 -3.64 14.95
C LEU C 228 -37.03 -3.66 14.67
N PRO C 229 -37.81 -3.06 15.56
CA PRO C 229 -39.25 -2.96 15.40
C PRO C 229 -39.57 -2.21 14.12
N ILE C 230 -38.64 -1.36 13.71
CA ILE C 230 -38.84 -0.51 12.54
C ILE C 230 -38.65 -1.29 11.23
N THR C 231 -38.00 -2.43 11.28
CA THR C 231 -37.71 -3.15 10.04
C THR C 231 -38.16 -4.61 10.01
N THR C 232 -38.88 -4.95 8.95
CA THR C 232 -39.26 -6.32 8.70
C THR C 232 -38.04 -7.10 8.21
N LYS C 233 -38.23 -8.40 7.93
CA LYS C 233 -37.13 -9.21 7.44
C LYS C 233 -36.89 -8.98 5.95
N GLU C 234 -37.94 -8.88 5.16
CA GLU C 234 -37.79 -8.54 3.76
C GLU C 234 -37.03 -7.22 3.71
N ASP C 235 -37.38 -6.33 4.64
CA ASP C 235 -36.67 -5.07 4.87
C ASP C 235 -35.17 -5.29 5.06
N ARG C 236 -34.83 -6.03 6.11
CA ARG C 236 -33.44 -6.31 6.38
C ARG C 236 -32.71 -6.85 5.14
N GLU C 237 -33.24 -7.90 4.54
CA GLU C 237 -32.66 -8.47 3.34
C GLU C 237 -32.32 -7.34 2.39
N ASN C 238 -33.28 -6.45 2.21
CA ASN C 238 -33.09 -5.33 1.31
C ASN C 238 -31.84 -4.55 1.70
N PHE C 239 -31.81 -4.11 2.95
CA PHE C 239 -30.70 -3.34 3.47
C PHE C 239 -29.38 -4.04 3.25
N GLU C 240 -29.40 -5.36 3.27
CA GLU C 240 -28.20 -6.14 3.04
C GLU C 240 -27.71 -5.94 1.62
N ASP C 241 -28.56 -6.26 0.65
CA ASP C 241 -28.13 -6.09 -0.74
C ASP C 241 -27.56 -4.69 -0.83
N LEU C 242 -28.13 -3.77 -0.05
CA LEU C 242 -27.67 -2.39 -0.06
C LEU C 242 -26.29 -2.25 0.59
N TYR C 243 -26.03 -3.11 1.57
CA TYR C 243 -24.71 -3.21 2.18
C TYR C 243 -23.74 -3.48 1.05
N TYR C 244 -23.89 -4.63 0.41
CA TYR C 244 -23.00 -5.04 -0.69
C TYR C 244 -22.80 -3.97 -1.75
N ASP C 245 -23.90 -3.41 -2.23
CA ASP C 245 -23.81 -2.31 -3.19
C ASP C 245 -22.88 -1.21 -2.63
N THR C 246 -23.11 -0.86 -1.38
CA THR C 246 -22.24 0.13 -0.75
C THR C 246 -20.75 -0.31 -0.66
N LEU C 247 -20.51 -1.60 -0.44
CA LEU C 247 -19.15 -2.15 -0.52
C LEU C 247 -18.47 -1.91 -1.89
N GLN C 248 -19.20 -2.17 -2.98
CA GLN C 248 -18.68 -1.81 -4.31
C GLN C 248 -18.37 -0.34 -4.40
N LEU C 249 -19.29 0.52 -3.99
CA LEU C 249 -19.01 1.95 -4.05
C LEU C 249 -17.70 2.29 -3.35
N ILE C 250 -17.50 1.70 -2.17
CA ILE C 250 -16.27 1.97 -1.39
C ILE C 250 -14.99 1.48 -2.09
N ASP C 251 -15.09 0.25 -2.58
CA ASP C 251 -14.01 -0.41 -3.29
C ASP C 251 -13.60 0.41 -4.52
N MET C 252 -14.58 0.75 -5.32
CA MET C 252 -14.33 1.41 -6.58
C MET C 252 -13.75 2.76 -6.27
N SER C 253 -14.37 3.49 -5.36
CA SER C 253 -13.84 4.79 -5.00
C SER C 253 -12.37 4.64 -4.68
N ALA C 254 -12.02 3.60 -3.96
CA ALA C 254 -10.63 3.40 -3.55
C ALA C 254 -9.74 3.23 -4.76
N THR C 255 -10.16 2.36 -5.67
CA THR C 255 -9.42 2.13 -6.90
C THR C 255 -9.18 3.42 -7.64
N TYR C 256 -10.23 4.20 -7.80
CA TYR C 256 -10.06 5.48 -8.45
C TYR C 256 -8.99 6.30 -7.73
N ARG C 257 -9.07 6.44 -6.41
CA ARG C 257 -7.99 7.13 -5.71
C ARG C 257 -6.65 6.59 -6.19
N GLU C 258 -6.47 5.27 -6.15
CA GLU C 258 -5.20 4.65 -6.50
C GLU C 258 -4.72 5.21 -7.83
N VAL C 259 -5.67 5.29 -8.77
CA VAL C 259 -5.38 5.71 -10.13
C VAL C 259 -4.95 7.16 -10.18
N LEU C 260 -5.75 8.03 -9.61
CA LEU C 260 -5.35 9.42 -9.57
C LEU C 260 -3.91 9.49 -9.05
N THR C 261 -3.64 8.75 -7.99
CA THR C 261 -2.32 8.77 -7.37
C THR C 261 -1.20 8.41 -8.34
N SER C 262 -1.32 7.25 -8.99
CA SER C 262 -0.38 6.88 -10.04
C SER C 262 -0.25 7.95 -11.12
N MET C 263 -1.33 8.68 -11.41
CA MET C 263 -1.27 9.74 -12.41
C MET C 263 -0.35 10.88 -11.98
N MET C 264 -0.54 11.33 -10.75
CA MET C 264 0.35 12.33 -10.16
C MET C 264 1.78 11.83 -10.23
N ASP C 265 1.96 10.57 -9.89
CA ASP C 265 3.28 9.95 -9.95
C ASP C 265 3.94 9.92 -11.34
N ILE C 266 3.20 9.53 -12.37
CA ILE C 266 3.81 9.50 -13.70
C ILE C 266 4.10 10.89 -14.22
N THR C 267 3.14 11.81 -14.17
CA THR C 267 3.51 13.13 -14.67
C THR C 267 4.72 13.64 -13.89
N LEU C 268 4.61 13.75 -12.57
CA LEU C 268 5.72 14.33 -11.80
C LEU C 268 7.08 13.65 -12.09
N SER C 269 7.09 12.31 -12.09
CA SER C 269 8.32 11.54 -12.29
C SER C 269 8.80 11.63 -13.74
N LEU C 270 7.91 12.03 -14.64
CA LEU C 270 8.29 12.24 -16.03
C LEU C 270 8.92 13.62 -16.24
N GLU C 271 8.32 14.65 -15.64
CA GLU C 271 8.89 15.99 -15.65
C GLU C 271 10.26 15.94 -15.03
N ASN C 272 10.43 15.06 -14.04
CA ASN C 272 11.76 14.82 -13.49
C ASN C 272 12.78 14.50 -14.58
N ILE C 273 12.47 13.53 -15.43
CA ILE C 273 13.43 13.04 -16.42
C ILE C 273 14.02 14.09 -17.41
N LYS C 274 13.34 15.20 -17.61
CA LYS C 274 13.82 16.19 -18.57
C LYS C 274 15.14 16.88 -18.16
N MET C 275 15.44 16.89 -16.87
CA MET C 275 16.69 17.48 -16.41
C MET C 275 17.84 16.68 -16.97
N ASN C 276 17.51 15.50 -17.49
CA ASN C 276 18.51 14.73 -18.20
C ASN C 276 18.84 15.39 -19.52
N GLN C 277 17.88 15.48 -20.43
CA GLN C 277 18.14 16.18 -21.69
C GLN C 277 18.79 17.57 -21.44
N ILE C 278 18.38 18.26 -20.37
CA ILE C 278 19.02 19.54 -20.08
C ILE C 278 20.52 19.43 -19.73
N MET C 279 20.85 18.68 -18.70
CA MET C 279 22.27 18.48 -18.38
C MET C 279 23.03 17.82 -19.53
N LYS C 280 22.32 17.20 -20.45
CA LYS C 280 22.95 16.67 -21.64
C LYS C 280 23.39 17.86 -22.45
N ILE C 281 22.49 18.81 -22.63
CA ILE C 281 22.82 19.98 -23.44
C ILE C 281 23.98 20.73 -22.81
N LEU C 282 23.82 21.15 -21.56
CA LEU C 282 24.87 21.89 -20.87
C LEU C 282 26.19 21.15 -20.96
N THR C 283 26.22 19.90 -20.48
CA THR C 283 27.45 19.12 -20.56
C THR C 283 28.05 19.08 -21.97
N MET C 284 27.20 18.92 -22.98
CA MET C 284 27.65 18.76 -24.36
C MET C 284 28.30 20.02 -24.86
N VAL C 285 27.60 21.14 -24.75
CA VAL C 285 28.18 22.44 -25.05
C VAL C 285 29.51 22.65 -24.33
N THR C 286 29.47 22.66 -23.01
CA THR C 286 30.68 22.81 -22.19
C THR C 286 31.83 21.94 -22.70
N THR C 287 31.56 20.67 -22.95
CA THR C 287 32.59 19.74 -23.38
C THR C 287 33.04 19.96 -24.82
N ILE C 288 32.17 20.55 -25.62
CA ILE C 288 32.46 20.70 -27.03
C ILE C 288 33.39 21.87 -27.25
N PHE C 289 33.17 22.99 -26.56
CA PHE C 289 34.25 23.97 -26.58
C PHE C 289 34.94 23.83 -25.25
N ALA C 290 36.05 23.12 -25.23
CA ALA C 290 36.84 23.04 -24.02
C ALA C 290 38.25 23.14 -24.49
N VAL C 291 38.63 22.07 -25.18
CA VAL C 291 39.91 21.92 -25.83
C VAL C 291 40.15 23.13 -26.76
N PRO C 292 39.14 23.55 -27.53
CA PRO C 292 39.26 24.78 -28.32
C PRO C 292 39.53 26.04 -27.52
N MET C 293 38.73 26.30 -26.49
CA MET C 293 38.95 27.50 -25.69
C MET C 293 40.33 27.46 -25.01
N TRP C 294 40.86 26.26 -24.84
CA TRP C 294 42.21 26.11 -24.37
C TRP C 294 43.15 26.56 -25.45
N ILE C 295 43.00 26.01 -26.64
CA ILE C 295 43.83 26.44 -27.75
C ILE C 295 43.87 27.95 -27.75
N THR C 296 42.73 28.59 -28.03
CA THR C 296 42.71 30.05 -28.11
C THR C 296 43.33 30.72 -26.87
N GLY C 297 43.30 29.98 -25.76
CA GLY C 297 43.91 30.48 -24.54
C GLY C 297 45.41 30.50 -24.62
N ILE C 298 45.98 29.40 -25.12
CA ILE C 298 47.43 29.27 -25.18
C ILE C 298 47.93 30.28 -26.21
N TYR C 299 47.19 30.41 -27.32
CA TYR C 299 47.62 31.22 -28.45
C TYR C 299 47.33 32.71 -28.21
N GLY C 300 46.86 33.03 -27.02
CA GLY C 300 46.73 34.41 -26.62
C GLY C 300 47.73 34.85 -25.58
N MET C 301 48.59 33.93 -25.14
CA MET C 301 49.64 34.25 -24.17
C MET C 301 50.79 35.03 -24.81
N ASN C 302 51.33 36.02 -24.12
CA ASN C 302 52.47 36.72 -24.69
C ASN C 302 53.58 36.94 -23.66
N PHE C 303 54.72 36.25 -23.72
CA PHE C 303 55.13 35.25 -24.72
C PHE C 303 55.41 35.69 -26.14
N SER C 304 56.56 36.36 -26.28
CA SER C 304 57.32 36.39 -27.53
C SER C 304 57.92 35.00 -27.77
N TYR C 305 58.09 34.65 -29.04
CA TYR C 305 58.18 33.26 -29.48
C TYR C 305 56.96 32.43 -29.13
N LEU C 306 55.87 32.74 -29.80
CA LEU C 306 54.68 31.96 -29.65
C LEU C 306 54.68 31.08 -30.88
N PRO C 307 55.03 29.80 -30.70
CA PRO C 307 55.24 28.97 -31.90
C PRO C 307 54.12 29.16 -32.91
N LEU C 308 54.49 29.34 -34.17
CA LEU C 308 53.51 29.55 -35.23
C LEU C 308 52.96 30.97 -35.25
N ALA C 309 53.33 31.79 -34.28
CA ALA C 309 52.80 33.14 -34.24
C ALA C 309 52.99 33.86 -35.56
N ASN C 310 54.15 33.64 -36.18
CA ASN C 310 54.55 34.39 -37.37
C ASN C 310 54.34 33.72 -38.73
N ASN C 311 53.89 32.47 -38.75
CA ASN C 311 53.52 31.86 -40.01
C ASN C 311 52.19 32.43 -40.49
N PRO C 312 52.18 33.04 -41.68
CA PRO C 312 50.97 33.67 -42.24
C PRO C 312 49.82 32.68 -42.36
N GLN C 313 50.17 31.41 -42.57
CA GLN C 313 49.20 30.33 -42.58
C GLN C 313 49.03 29.75 -41.17
N GLY C 314 49.71 30.34 -40.19
CA GLY C 314 49.61 29.87 -38.81
C GLY C 314 48.20 29.94 -38.26
N PHE C 315 47.54 31.08 -38.49
CA PHE C 315 46.18 31.27 -38.03
C PHE C 315 45.26 30.14 -38.51
N TRP C 316 45.06 30.04 -39.82
CA TRP C 316 44.17 29.05 -40.36
C TRP C 316 44.65 27.68 -39.96
N LEU C 317 45.95 27.55 -39.75
CA LEU C 317 46.47 26.29 -39.23
C LEU C 317 45.69 25.92 -37.96
N VAL C 318 45.87 26.75 -36.93
CA VAL C 318 45.31 26.51 -35.61
C VAL C 318 43.79 26.42 -35.65
N MET C 319 43.17 27.25 -36.47
CA MET C 319 41.72 27.27 -36.54
C MET C 319 41.21 25.97 -37.15
N ALA C 320 41.91 25.47 -38.16
CA ALA C 320 41.62 24.15 -38.68
C ALA C 320 41.64 23.21 -37.48
N LEU C 321 42.75 23.20 -36.75
CA LEU C 321 42.88 22.29 -35.60
C LEU C 321 41.63 22.33 -34.68
N MET C 322 41.28 23.53 -34.25
CA MET C 322 40.15 23.73 -33.36
C MET C 322 38.87 23.17 -33.95
N VAL C 323 38.54 23.60 -35.16
CA VAL C 323 37.33 23.14 -35.82
C VAL C 323 37.32 21.62 -35.82
N VAL C 324 38.40 21.00 -36.27
CA VAL C 324 38.41 19.54 -36.27
C VAL C 324 37.99 19.04 -34.90
N ILE C 325 38.69 19.48 -33.85
CA ILE C 325 38.36 19.06 -32.49
C ILE C 325 36.85 19.15 -32.14
N ILE C 326 36.26 20.30 -32.41
CA ILE C 326 34.82 20.43 -32.21
C ILE C 326 34.11 19.32 -32.96
N MET C 327 34.45 19.13 -34.23
CA MET C 327 33.92 18.00 -34.97
C MET C 327 34.07 16.67 -34.22
N ILE C 328 35.24 16.41 -33.62
CA ILE C 328 35.49 15.10 -33.02
C ILE C 328 34.68 14.88 -31.74
N PHE C 329 34.39 15.94 -31.01
CA PHE C 329 33.45 15.80 -29.91
C PHE C 329 32.00 15.68 -30.41
N VAL C 330 31.58 16.57 -31.32
CA VAL C 330 30.25 16.51 -31.88
C VAL C 330 29.99 15.08 -32.33
N TYR C 331 30.99 14.53 -33.01
CA TYR C 331 30.95 13.14 -33.42
C TYR C 331 30.81 12.27 -32.19
N ILE C 332 31.76 12.34 -31.26
CA ILE C 332 31.74 11.42 -30.13
C ILE C 332 30.35 11.36 -29.49
N PHE C 333 29.69 12.49 -29.39
CA PHE C 333 28.32 12.50 -28.90
C PHE C 333 27.38 11.78 -29.85
N ARG C 334 27.33 12.19 -31.11
CA ARG C 334 26.43 11.49 -32.03
C ARG C 334 26.61 9.97 -31.86
N ARG C 335 27.85 9.53 -31.95
CA ARG C 335 28.19 8.11 -31.88
C ARG C 335 27.69 7.45 -30.59
N SER C 336 28.13 7.95 -29.45
CA SER C 336 27.71 7.34 -28.18
C SER C 336 26.49 8.07 -27.63
N GLY C 337 25.39 7.38 -27.40
CA GLY C 337 24.18 8.11 -27.04
C GLY C 337 23.89 8.93 -28.28
N TRP C 338 23.91 10.27 -28.15
CA TRP C 338 23.84 10.99 -26.89
C TRP C 338 22.95 12.18 -27.22
N ILE C 339 23.46 12.98 -28.16
CA ILE C 339 22.74 14.10 -28.77
C ILE C 339 21.33 14.30 -28.19
N VAL D 26 -15.98 19.33 38.89
CA VAL D 26 -14.72 18.92 39.53
C VAL D 26 -14.95 17.92 40.69
N ILE D 27 -14.01 16.99 40.85
CA ILE D 27 -14.15 15.87 41.78
C ILE D 27 -15.47 15.14 41.56
N ALA D 28 -16.12 14.73 42.65
CA ALA D 28 -17.21 13.75 42.55
C ALA D 28 -18.52 14.29 41.96
N ILE D 29 -19.15 13.50 41.10
CA ILE D 29 -20.54 13.72 40.68
C ILE D 29 -21.37 12.43 40.76
N ALA D 30 -22.30 12.36 41.71
CA ALA D 30 -23.19 11.20 41.87
C ALA D 30 -24.43 11.22 40.95
N LYS D 31 -25.03 10.05 40.68
CA LYS D 31 -26.19 9.99 39.76
C LYS D 31 -27.21 8.84 39.94
N ASP D 32 -28.45 9.11 39.52
CA ASP D 32 -29.58 8.16 39.49
C ASP D 32 -29.97 7.43 40.78
N GLY D 33 -30.60 8.13 41.71
CA GLY D 33 -31.04 7.53 42.95
C GLY D 33 -32.03 6.37 42.84
N SER D 34 -33.21 6.59 42.25
CA SER D 34 -34.20 5.51 42.20
C SER D 34 -34.77 5.25 40.80
N ILE D 35 -35.64 6.14 40.34
CA ILE D 35 -36.32 5.96 39.08
C ILE D 35 -35.81 7.00 38.09
N VAL D 36 -36.08 8.26 38.42
CA VAL D 36 -35.62 9.38 37.63
C VAL D 36 -34.15 9.66 37.98
N GLU D 37 -33.58 10.74 37.45
CA GLU D 37 -32.17 11.05 37.71
C GLU D 37 -32.01 12.26 38.62
N PRO D 38 -31.71 11.99 39.89
CA PRO D 38 -31.37 12.83 41.04
C PRO D 38 -29.87 13.04 41.24
N LYS D 39 -29.26 14.02 40.58
CA LYS D 39 -27.84 14.26 40.83
C LYS D 39 -27.71 14.36 42.35
N LEU D 40 -26.86 13.50 42.92
CA LEU D 40 -27.00 13.05 44.29
C LEU D 40 -26.13 13.73 45.34
N ASP D 41 -26.17 13.16 46.54
CA ASP D 41 -25.30 13.51 47.65
C ASP D 41 -24.50 12.25 48.02
N GLU D 42 -23.42 12.43 48.76
CA GLU D 42 -22.58 11.31 49.20
C GLU D 42 -23.20 10.54 50.37
N ILE D 43 -22.42 9.66 50.99
CA ILE D 43 -22.93 8.65 51.91
C ILE D 43 -23.95 7.75 51.18
N SER D 44 -25.06 7.41 51.83
CA SER D 44 -26.15 6.68 51.13
C SER D 44 -25.66 5.44 50.38
N PHE D 45 -25.75 5.50 49.05
CA PHE D 45 -25.32 4.43 48.14
C PHE D 45 -26.21 3.18 48.15
N GLU D 46 -27.46 3.35 48.56
CA GLU D 46 -28.43 2.24 48.49
C GLU D 46 -29.82 2.71 48.06
N ASP D 47 -30.69 1.76 47.75
CA ASP D 47 -32.02 2.03 47.20
C ASP D 47 -31.94 2.56 45.77
N TYR D 48 -30.85 2.23 45.08
CA TYR D 48 -30.62 2.69 43.71
C TYR D 48 -30.67 1.56 42.69
N ARG D 49 -30.48 1.90 41.42
CA ARG D 49 -30.19 0.91 40.40
C ARG D 49 -28.69 0.90 40.18
N LEU D 50 -28.17 2.02 39.68
CA LEU D 50 -26.73 2.17 39.48
C LEU D 50 -26.26 3.62 39.68
N ILE D 51 -25.07 3.76 40.25
CA ILE D 51 -24.54 5.08 40.57
C ILE D 51 -23.28 5.35 39.76
N TRP D 52 -23.17 6.54 39.20
CA TRP D 52 -22.02 6.90 38.40
C TRP D 52 -21.32 8.15 38.93
N ILE D 53 -20.03 8.01 39.25
CA ILE D 53 -19.23 9.07 39.88
C ILE D 53 -17.97 9.40 39.07
N ASP D 54 -17.89 10.62 38.54
CA ASP D 54 -16.71 11.01 37.78
C ASP D 54 -15.78 11.95 38.54
N CYS D 55 -14.64 11.44 38.98
CA CYS D 55 -13.63 12.25 39.66
C CYS D 55 -12.74 12.98 38.65
N TYR D 56 -12.38 14.22 38.95
CA TYR D 56 -11.47 14.98 38.10
C TYR D 56 -10.24 15.49 38.86
N ASP D 57 -9.05 15.06 38.40
CA ASP D 57 -7.79 15.51 38.98
C ASP D 57 -7.89 15.75 40.47
N PRO D 58 -8.15 14.70 41.24
CA PRO D 58 -8.23 14.87 42.68
C PRO D 58 -6.84 15.17 43.23
N LYS D 59 -6.79 16.04 44.24
CA LYS D 59 -5.56 16.27 44.99
C LYS D 59 -5.43 15.19 46.07
N ASP D 60 -4.19 14.81 46.39
CA ASP D 60 -3.92 13.59 47.15
C ASP D 60 -4.85 13.43 48.34
N GLU D 61 -5.13 14.54 49.01
CA GLU D 61 -6.05 14.55 50.14
C GLU D 61 -7.48 14.20 49.70
N GLU D 62 -7.90 14.75 48.58
CA GLU D 62 -9.26 14.53 48.08
C GLU D 62 -9.42 13.12 47.53
N LEU D 63 -8.47 12.69 46.70
CA LEU D 63 -8.46 11.30 46.22
C LEU D 63 -8.38 10.36 47.40
N TYR D 64 -7.85 10.87 48.51
CA TYR D 64 -7.80 10.12 49.75
C TYR D 64 -9.22 9.94 50.27
N LYS D 65 -9.91 11.06 50.42
CA LYS D 65 -11.26 11.05 50.95
C LYS D 65 -12.07 10.07 50.12
N LEU D 66 -12.13 10.33 48.82
CA LEU D 66 -12.88 9.48 47.92
C LEU D 66 -12.45 8.05 48.17
N SER D 67 -11.15 7.80 48.08
CA SER D 67 -10.64 6.43 48.12
C SER D 67 -11.20 5.67 49.30
N LYS D 68 -11.04 6.24 50.49
CA LYS D 68 -11.51 5.60 51.72
C LYS D 68 -13.04 5.52 51.76
N LYS D 69 -13.71 6.39 51.01
CA LYS D 69 -15.17 6.31 50.88
C LYS D 69 -15.62 5.12 50.01
N ILE D 70 -15.13 5.06 48.78
CA ILE D 70 -15.61 4.10 47.79
C ILE D 70 -15.03 2.70 47.98
N GLY D 71 -13.92 2.61 48.69
CA GLY D 71 -13.29 1.31 48.92
C GLY D 71 -12.58 0.76 47.69
N ILE D 72 -11.80 1.62 47.05
CA ILE D 72 -10.83 1.21 46.03
C ILE D 72 -9.48 1.67 46.57
N SER D 73 -8.55 0.75 46.73
CA SER D 73 -7.28 1.11 47.34
C SER D 73 -6.70 2.33 46.65
N VAL D 74 -6.14 3.24 47.44
CA VAL D 74 -5.61 4.48 46.89
C VAL D 74 -4.78 4.16 45.65
N SER D 75 -4.02 3.09 45.72
CA SER D 75 -3.19 2.64 44.60
C SER D 75 -4.06 2.17 43.44
N ASP D 76 -5.09 1.38 43.75
CA ASP D 76 -6.01 0.94 42.71
C ASP D 76 -6.53 2.14 41.93
N LEU D 77 -6.69 3.28 42.59
CA LEU D 77 -7.08 4.50 41.88
C LEU D 77 -5.93 5.20 41.15
N GLN D 78 -4.75 5.20 41.78
CA GLN D 78 -3.56 5.76 41.13
C GLN D 78 -3.48 5.11 39.78
N ILE D 79 -4.03 3.90 39.70
CA ILE D 79 -4.17 3.23 38.43
C ILE D 79 -4.84 4.18 37.44
N GLY D 80 -6.13 4.44 37.66
CA GLY D 80 -6.92 5.24 36.73
C GLY D 80 -6.38 6.65 36.60
N LEU D 81 -5.44 7.00 37.45
CA LEU D 81 -4.83 8.32 37.38
C LEU D 81 -3.55 8.37 36.54
N ASP D 82 -3.10 7.25 35.98
CA ASP D 82 -1.91 7.32 35.14
C ASP D 82 -2.33 7.51 33.70
N GLU D 83 -2.10 8.72 33.20
CA GLU D 83 -2.55 9.12 31.89
C GLU D 83 -1.78 8.38 30.81
N GLN D 84 -0.69 7.74 31.21
CA GLN D 84 0.17 7.04 30.27
C GLN D 84 -0.12 5.52 30.19
N GLU D 85 -1.04 5.04 31.03
CA GLU D 85 -1.33 3.62 31.16
C GLU D 85 -2.18 3.05 30.01
N ILE D 86 -2.00 1.76 29.72
CA ILE D 86 -2.66 1.12 28.58
C ILE D 86 -4.04 0.59 28.94
N PRO D 87 -4.96 0.56 27.96
CA PRO D 87 -6.32 0.03 28.14
C PRO D 87 -6.37 -1.49 28.29
N ARG D 88 -7.37 -2.03 28.99
CA ARG D 88 -7.52 -3.48 29.19
C ARG D 88 -8.75 -3.77 30.02
N VAL D 89 -9.25 -5.00 29.95
CA VAL D 89 -10.44 -5.41 30.73
C VAL D 89 -10.07 -6.36 31.89
N GLU D 90 -10.15 -5.84 33.12
CA GLU D 90 -9.50 -6.42 34.29
C GLU D 90 -10.48 -7.07 35.23
N GLU D 91 -10.45 -8.39 35.31
CA GLU D 91 -11.32 -9.06 36.25
C GLU D 91 -10.59 -9.19 37.56
N ASP D 92 -11.04 -8.42 38.53
CA ASP D 92 -10.59 -8.52 39.90
C ASP D 92 -11.71 -9.24 40.61
N GLU D 93 -11.58 -9.40 41.92
CA GLU D 93 -12.70 -9.91 42.70
C GLU D 93 -13.32 -8.72 43.42
N ASP D 94 -14.65 -8.62 43.36
CA ASP D 94 -15.32 -7.48 43.97
C ASP D 94 -14.89 -6.22 43.23
N PHE D 95 -14.75 -6.32 41.91
CA PHE D 95 -14.26 -5.19 41.13
C PHE D 95 -14.12 -5.56 39.64
N TYR D 96 -14.15 -4.54 38.78
CA TYR D 96 -13.80 -4.68 37.35
C TYR D 96 -13.12 -3.40 36.88
N LEU D 97 -11.98 -3.52 36.22
CA LEU D 97 -11.29 -2.32 35.77
C LEU D 97 -11.31 -2.18 34.25
N ILE D 98 -11.60 -0.99 33.76
CA ILE D 98 -11.48 -0.74 32.33
C ILE D 98 -10.74 0.57 32.10
N ILE D 99 -9.56 0.47 31.50
CA ILE D 99 -8.81 1.66 31.11
C ILE D 99 -9.15 1.96 29.65
N TYR D 100 -9.30 3.23 29.32
CA TYR D 100 -9.72 3.61 27.98
C TYR D 100 -9.08 4.93 27.60
N LYS D 101 -8.63 5.03 26.35
CA LYS D 101 -7.94 6.24 25.93
C LYS D 101 -8.90 7.25 25.30
N ALA D 102 -8.91 8.46 25.86
CA ALA D 102 -9.81 9.52 25.46
C ALA D 102 -9.00 10.70 24.98
N PRO D 103 -9.51 11.41 23.97
CA PRO D 103 -8.77 12.50 23.32
C PRO D 103 -8.67 13.76 24.18
N LEU D 104 -7.76 14.64 23.80
CA LEU D 104 -7.65 15.95 24.43
C LEU D 104 -7.08 16.98 23.46
N PHE D 105 -7.51 18.23 23.60
CA PHE D 105 -7.15 19.26 22.60
C PHE D 105 -6.03 20.19 23.07
N GLU D 106 -6.35 21.12 23.97
CA GLU D 106 -5.31 21.92 24.62
C GLU D 106 -4.18 22.36 23.69
N GLU D 107 -4.50 23.25 22.76
CA GLU D 107 -3.52 23.88 21.86
C GLU D 107 -2.72 22.90 20.99
N ASP D 108 -3.41 22.20 20.09
CA ASP D 108 -2.81 21.36 19.06
C ASP D 108 -1.88 20.25 19.59
N ILE D 109 -2.05 19.91 20.87
CA ILE D 109 -1.27 18.84 21.50
C ILE D 109 -2.23 17.90 22.20
N THR D 110 -2.32 16.68 21.70
CA THR D 110 -3.33 15.77 22.18
C THR D 110 -2.73 14.51 22.76
N THR D 111 -3.55 13.79 23.51
CA THR D 111 -3.06 12.68 24.32
C THR D 111 -4.17 11.69 24.65
N THR D 112 -3.87 10.85 25.63
CA THR D 112 -4.74 9.78 26.10
C THR D 112 -5.05 9.89 27.61
N SER D 113 -5.84 8.96 28.17
CA SER D 113 -6.23 9.07 29.58
C SER D 113 -7.04 7.90 30.20
N LEU D 114 -7.61 8.18 31.38
CA LEU D 114 -8.91 7.62 31.88
C LEU D 114 -9.20 6.15 32.24
N GLY D 115 -8.77 5.71 33.42
CA GLY D 115 -9.34 4.50 33.99
C GLY D 115 -10.81 4.58 34.38
N ILE D 116 -11.46 3.42 34.48
CA ILE D 116 -12.85 3.27 34.89
C ILE D 116 -13.03 2.09 35.83
N TYR D 117 -13.48 2.34 37.05
CA TYR D 117 -13.58 1.26 38.05
C TYR D 117 -15.02 0.90 38.40
N ILE D 118 -15.45 -0.30 38.08
CA ILE D 118 -16.85 -0.68 38.38
C ILE D 118 -17.02 -1.93 39.26
N LYS D 119 -17.52 -1.72 40.48
CA LYS D 119 -17.75 -2.79 41.46
C LYS D 119 -19.20 -2.84 41.95
N ASN D 120 -19.73 -4.05 42.04
CA ASN D 120 -21.13 -4.22 42.44
C ASN D 120 -22.07 -3.45 41.52
N ASN D 121 -22.78 -2.47 42.08
CA ASN D 121 -23.57 -1.56 41.27
C ASN D 121 -22.93 -0.19 41.03
N LEU D 122 -21.72 0.02 41.52
CA LEU D 122 -21.05 1.32 41.32
C LEU D 122 -20.22 1.43 40.01
N LEU D 123 -20.24 2.60 39.38
CA LEU D 123 -19.31 2.88 38.29
C LEU D 123 -18.59 4.21 38.49
N LEU D 124 -17.28 4.12 38.72
CA LEU D 124 -16.45 5.30 38.91
C LEU D 124 -15.65 5.65 37.65
N THR D 125 -15.62 6.92 37.30
CA THR D 125 -14.82 7.37 36.18
C THR D 125 -13.92 8.54 36.58
N ILE D 126 -12.62 8.29 36.61
CA ILE D 126 -11.67 9.21 37.21
C ILE D 126 -10.58 9.58 36.22
N HIS D 127 -10.18 10.84 36.20
CA HIS D 127 -9.15 11.26 35.25
C HIS D 127 -8.30 12.46 35.69
N SER D 128 -7.05 12.45 35.27
CA SER D 128 -6.13 13.52 35.61
C SER D 128 -6.27 14.70 34.66
N ASP D 129 -6.88 14.44 33.51
CA ASP D 129 -7.07 15.49 32.51
C ASP D 129 -8.56 15.78 32.33
N LYS D 130 -8.86 16.75 31.47
CA LYS D 130 -10.25 17.06 31.15
C LYS D 130 -10.82 16.01 30.19
N ILE D 131 -11.98 15.45 30.54
CA ILE D 131 -12.68 14.57 29.61
C ILE D 131 -13.91 15.28 29.07
N LYS D 132 -13.83 15.75 27.84
CA LYS D 132 -14.90 16.55 27.28
C LYS D 132 -16.06 15.64 26.97
N ALA D 133 -15.77 14.34 26.92
CA ALA D 133 -16.81 13.34 26.72
C ALA D 133 -17.66 13.18 27.99
N ILE D 134 -17.00 12.97 29.13
CA ILE D 134 -17.74 12.79 30.38
C ILE D 134 -18.37 14.12 30.77
N GLY D 135 -17.82 15.20 30.24
CA GLY D 135 -18.43 16.52 30.40
C GLY D 135 -19.71 16.62 29.58
N ARG D 136 -19.67 16.16 28.34
CA ARG D 136 -20.85 16.13 27.48
C ARG D 136 -21.92 15.24 28.11
N LEU D 137 -21.48 14.24 28.86
CA LEU D 137 -22.39 13.34 29.57
C LEU D 137 -23.03 13.95 30.84
N HIS D 138 -22.21 14.55 31.69
CA HIS D 138 -22.70 15.24 32.89
C HIS D 138 -23.58 16.41 32.52
N LYS D 139 -23.36 16.98 31.33
CA LYS D 139 -24.16 18.08 30.79
C LYS D 139 -25.46 17.62 30.13
N LEU D 140 -25.45 16.44 29.51
CA LEU D 140 -26.65 15.91 28.87
C LEU D 140 -27.61 15.29 29.88
N ILE D 141 -27.08 14.78 30.99
CA ILE D 141 -27.93 14.19 32.03
C ILE D 141 -28.64 15.25 32.91
N SER D 142 -28.02 16.40 33.11
CA SER D 142 -28.56 17.39 34.04
C SER D 142 -29.47 18.47 33.43
N THR D 143 -29.79 18.36 32.14
CA THR D 143 -30.71 19.33 31.55
C THR D 143 -32.10 18.95 31.99
N LYS D 144 -32.76 19.81 32.77
CA LYS D 144 -34.04 19.48 33.37
C LYS D 144 -33.96 18.05 33.89
N LYS D 145 -34.86 17.19 33.42
CA LYS D 145 -34.68 15.75 33.52
C LYS D 145 -33.99 15.26 32.23
N PRO D 146 -33.03 14.35 32.36
CA PRO D 146 -32.14 14.05 31.22
C PRO D 146 -32.86 13.77 29.90
N ARG D 147 -33.89 12.91 29.88
CA ARG D 147 -34.25 12.08 31.03
C ARG D 147 -34.06 10.60 30.70
N ILE D 148 -34.85 10.11 29.76
CA ILE D 148 -34.84 8.71 29.32
C ILE D 148 -34.95 7.74 30.53
N VAL D 149 -34.21 6.65 30.52
CA VAL D 149 -34.29 5.63 31.58
C VAL D 149 -33.30 4.50 31.37
N PHE D 150 -33.05 3.71 32.42
CA PHE D 150 -32.28 2.48 32.26
C PHE D 150 -33.00 1.28 32.85
N GLU D 151 -33.49 0.41 31.97
CA GLU D 151 -33.92 -0.94 32.34
C GLU D 151 -32.77 -1.85 31.94
N ARG D 152 -31.75 -1.23 31.36
CA ARG D 152 -30.70 -1.96 30.66
C ARG D 152 -29.50 -2.33 31.53
N GLY D 153 -29.42 -1.79 32.74
CA GLY D 153 -28.36 -2.16 33.67
C GLY D 153 -27.09 -1.35 33.51
N ILE D 154 -26.04 -1.75 34.22
CA ILE D 154 -24.81 -0.96 34.26
C ILE D 154 -24.08 -1.02 32.94
N GLY D 155 -24.16 -2.18 32.30
CA GLY D 155 -23.46 -2.44 31.06
C GLY D 155 -23.72 -1.34 30.05
N PHE D 156 -25.00 -1.08 29.80
CA PHE D 156 -25.43 -0.08 28.84
C PHE D 156 -24.93 1.33 29.17
N LEU D 157 -24.64 1.59 30.44
CA LEU D 157 -24.05 2.87 30.81
C LEU D 157 -22.57 2.86 30.46
N LEU D 158 -21.93 1.70 30.67
CA LEU D 158 -20.57 1.52 30.19
C LEU D 158 -20.56 1.91 28.73
N TYR D 159 -21.43 1.25 27.96
CA TYR D 159 -21.59 1.51 26.55
C TYR D 159 -21.78 2.99 26.23
N HIS D 160 -22.74 3.65 26.84
CA HIS D 160 -22.96 5.05 26.51
C HIS D 160 -21.70 5.87 26.76
N ILE D 161 -20.91 5.49 27.76
CA ILE D 161 -19.69 6.25 28.08
C ILE D 161 -18.58 6.03 27.06
N LEU D 162 -18.23 4.77 26.87
CA LEU D 162 -17.22 4.38 25.91
C LEU D 162 -17.59 5.00 24.58
N ASN D 163 -18.84 4.77 24.18
CA ASN D 163 -19.39 5.34 22.96
C ASN D 163 -19.18 6.85 22.88
N GLU D 164 -19.59 7.56 23.91
CA GLU D 164 -19.50 9.01 23.82
C GLU D 164 -18.06 9.40 23.52
N ILE D 165 -17.13 8.81 24.26
CA ILE D 165 -15.73 9.04 23.99
C ILE D 165 -15.42 8.83 22.49
N THR D 166 -15.93 7.71 21.95
CA THR D 166 -15.65 7.38 20.57
C THR D 166 -16.11 8.52 19.66
N ARG D 167 -17.33 9.00 19.89
CA ARG D 167 -17.80 10.18 19.16
C ARG D 167 -16.83 11.36 19.25
N SER D 168 -16.27 11.58 20.45
CA SER D 168 -15.30 12.66 20.62
C SER D 168 -14.14 12.52 19.63
N TYR D 169 -13.56 11.33 19.60
CA TYR D 169 -12.52 11.07 18.62
C TYR D 169 -12.99 11.46 17.22
N SER D 170 -14.12 10.91 16.82
CA SER D 170 -14.60 11.16 15.47
C SER D 170 -14.67 12.66 15.21
N ARG D 171 -14.89 13.43 16.28
CA ARG D 171 -14.98 14.87 16.17
C ARG D 171 -13.62 15.55 15.99
N ILE D 172 -12.58 15.06 16.66
CA ILE D 172 -11.24 15.60 16.36
C ILE D 172 -10.83 15.31 14.91
N LEU D 173 -11.22 14.14 14.44
CA LEU D 173 -10.92 13.74 13.07
C LEU D 173 -11.24 14.89 12.11
N MET D 174 -12.35 15.58 12.37
CA MET D 174 -12.74 16.70 11.53
C MET D 174 -11.78 17.87 11.67
N ASN D 175 -11.25 18.10 12.87
CA ASN D 175 -10.29 19.19 13.06
C ASN D 175 -9.06 18.94 12.20
N LEU D 176 -8.51 17.74 12.31
CA LEU D 176 -7.42 17.38 11.42
C LEU D 176 -7.88 17.66 10.00
N GLU D 177 -9.14 17.37 9.70
CA GLU D 177 -9.68 17.64 8.35
C GLU D 177 -9.60 19.11 7.95
N ASP D 178 -9.77 20.01 8.91
CA ASP D 178 -9.71 21.43 8.62
C ASP D 178 -8.28 21.83 8.40
N GLU D 179 -7.36 21.18 9.11
CA GLU D 179 -5.93 21.48 8.94
C GLU D 179 -5.48 21.03 7.56
N LEU D 180 -5.92 19.85 7.16
CA LEU D 180 -5.61 19.36 5.83
C LEU D 180 -6.19 20.31 4.80
N GLU D 181 -7.45 20.66 4.98
CA GLU D 181 -8.09 21.60 4.06
C GLU D 181 -7.19 22.82 3.89
N GLU D 182 -6.74 23.39 5.01
CA GLU D 182 -5.84 24.54 4.97
C GLU D 182 -4.61 24.24 4.12
N LEU D 183 -3.86 23.21 4.49
CA LEU D 183 -2.63 22.87 3.77
C LEU D 183 -2.81 22.73 2.26
N GLU D 184 -3.94 22.17 1.83
CA GLU D 184 -4.08 21.77 0.43
C GLU D 184 -3.68 22.85 -0.60
N ASP D 185 -3.93 24.13 -0.31
CA ASP D 185 -3.61 25.19 -1.27
C ASP D 185 -2.19 25.78 -1.15
N LYS D 186 -1.51 25.44 -0.06
CA LYS D 186 -0.10 25.78 0.10
C LYS D 186 0.73 24.64 -0.50
N LEU D 187 0.03 23.67 -1.10
CA LEU D 187 0.66 22.44 -1.55
C LEU D 187 1.41 22.62 -2.85
N LEU D 188 0.75 23.23 -3.83
CA LEU D 188 1.29 23.25 -5.18
C LEU D 188 2.33 24.36 -5.38
N ALA D 189 2.59 25.15 -4.33
CA ALA D 189 3.57 26.22 -4.41
C ALA D 189 4.99 25.72 -4.12
N GLY D 190 5.13 24.41 -3.90
CA GLY D 190 6.42 23.83 -3.56
C GLY D 190 6.76 23.94 -2.09
N TYR D 191 8.03 23.69 -1.77
CA TYR D 191 8.47 23.58 -0.38
C TYR D 191 8.32 24.87 0.44
N ASP D 192 7.86 24.74 1.68
CA ASP D 192 7.93 25.79 2.70
C ASP D 192 8.26 25.13 4.04
N ARG D 193 9.36 25.55 4.68
CA ARG D 193 9.83 24.90 5.92
C ARG D 193 8.72 24.75 6.98
N GLU D 194 7.92 25.79 7.16
CA GLU D 194 6.87 25.81 8.16
C GLU D 194 5.79 24.81 7.80
N VAL D 195 5.33 24.88 6.55
CA VAL D 195 4.38 23.89 6.05
C VAL D 195 4.91 22.49 6.33
N MET D 196 6.11 22.17 5.84
CA MET D 196 6.65 20.83 5.98
C MET D 196 6.66 20.38 7.44
N GLU D 197 7.36 21.12 8.29
CA GLU D 197 7.45 20.70 9.67
C GLU D 197 6.06 20.50 10.25
N LYS D 198 5.09 21.27 9.76
CA LYS D 198 3.70 21.13 10.23
C LYS D 198 3.07 19.81 9.80
N ILE D 199 3.12 19.52 8.50
CA ILE D 199 2.57 18.28 7.98
C ILE D 199 3.13 17.18 8.84
N LEU D 200 4.45 17.13 8.94
CA LEU D 200 5.10 16.13 9.79
C LEU D 200 4.48 16.04 11.17
N GLY D 201 4.32 17.19 11.82
CA GLY D 201 3.77 17.21 13.17
C GLY D 201 2.41 16.54 13.24
N LEU D 202 1.55 16.95 12.32
CA LEU D 202 0.24 16.35 12.18
C LEU D 202 0.38 14.86 12.06
N ARG D 203 1.24 14.43 11.15
CA ARG D 203 1.46 13.02 10.89
C ARG D 203 1.73 12.25 12.16
N LYS D 204 2.70 12.71 12.95
CA LYS D 204 3.06 11.95 14.13
C LYS D 204 1.93 11.98 15.16
N THR D 205 1.25 13.13 15.28
CA THR D 205 0.07 13.18 16.13
C THR D 205 -0.89 12.06 15.74
N LEU D 206 -1.21 12.05 14.44
CA LEU D 206 -2.06 11.06 13.86
C LEU D 206 -1.62 9.68 14.28
N VAL D 207 -0.32 9.45 14.32
CA VAL D 207 0.21 8.14 14.76
C VAL D 207 -0.07 7.82 16.23
N TYR D 208 0.12 8.80 17.10
CA TYR D 208 -0.21 8.63 18.52
C TYR D 208 -1.68 8.21 18.64
N PHE D 209 -2.51 8.94 17.88
CA PHE D 209 -3.93 8.65 17.82
C PHE D 209 -4.18 7.22 17.42
N HIS D 210 -3.57 6.80 16.31
CA HIS D 210 -3.71 5.43 15.84
C HIS D 210 -3.42 4.46 16.98
N LYS D 211 -2.27 4.59 17.63
CA LYS D 211 -1.92 3.60 18.67
C LYS D 211 -3.01 3.52 19.73
N SER D 212 -3.53 4.68 20.10
CA SER D 212 -4.58 4.69 21.09
C SER D 212 -5.83 3.97 20.59
N LEU D 213 -6.33 4.40 19.42
CA LEU D 213 -7.49 3.77 18.78
C LEU D 213 -7.38 2.27 18.73
N ILE D 214 -6.20 1.74 18.43
CA ILE D 214 -5.98 0.29 18.47
C ILE D 214 -6.20 -0.26 19.87
N ALA D 215 -5.57 0.38 20.87
CA ALA D 215 -5.79 -0.05 22.26
C ALA D 215 -7.28 -0.20 22.57
N ASN D 216 -7.95 0.93 22.50
CA ASN D 216 -9.35 0.98 22.79
C ASN D 216 -10.01 -0.16 22.05
N ARG D 217 -9.71 -0.25 20.76
CA ARG D 217 -10.40 -1.21 19.93
C ARG D 217 -10.41 -2.52 20.67
N ASP D 218 -9.21 -3.05 20.91
CA ASP D 218 -9.16 -4.39 21.41
C ASP D 218 -9.88 -4.54 22.75
N VAL D 219 -9.90 -3.47 23.54
CA VAL D 219 -10.80 -3.47 24.70
C VAL D 219 -12.24 -3.79 24.29
N LEU D 220 -12.70 -3.09 23.25
CA LEU D 220 -14.05 -3.30 22.72
C LEU D 220 -14.24 -4.70 22.18
N VAL D 221 -13.16 -5.32 21.74
CA VAL D 221 -13.23 -6.71 21.29
C VAL D 221 -13.40 -7.68 22.47
N LEU D 222 -12.95 -7.22 23.65
CA LEU D 222 -13.21 -7.98 24.86
C LEU D 222 -14.68 -7.89 25.26
N LEU D 223 -15.19 -6.66 25.40
CA LEU D 223 -16.60 -6.48 25.78
C LEU D 223 -17.53 -7.13 24.78
N LYS D 224 -17.20 -7.00 23.49
CA LYS D 224 -18.03 -7.59 22.43
C LYS D 224 -17.89 -9.11 22.41
N ARG D 225 -16.72 -9.59 22.79
CA ARG D 225 -16.35 -10.99 22.62
C ARG D 225 -16.92 -11.92 23.71
N LYS D 226 -16.56 -11.69 24.97
CA LYS D 226 -16.81 -12.70 25.99
C LYS D 226 -17.96 -12.35 26.94
N TYR D 227 -18.73 -13.38 27.32
CA TYR D 227 -19.72 -13.23 28.35
C TYR D 227 -19.06 -12.69 29.63
N LEU D 228 -19.58 -11.59 30.13
CA LEU D 228 -19.23 -11.11 31.46
C LEU D 228 -20.57 -10.95 32.16
N PRO D 229 -20.63 -11.22 33.47
CA PRO D 229 -21.92 -11.10 34.15
C PRO D 229 -22.31 -9.64 34.16
N ILE D 230 -21.34 -8.77 33.90
CA ILE D 230 -21.53 -7.31 33.95
C ILE D 230 -22.09 -6.73 32.64
N THR D 231 -22.37 -7.61 31.68
CA THR D 231 -22.91 -7.20 30.41
C THR D 231 -23.96 -8.20 29.94
N THR D 232 -25.08 -7.72 29.41
CA THR D 232 -26.05 -8.63 28.83
C THR D 232 -25.68 -8.95 27.39
N LYS D 233 -26.48 -9.75 26.72
CA LYS D 233 -26.27 -10.00 25.30
C LYS D 233 -26.48 -8.72 24.48
N GLU D 234 -27.57 -8.02 24.77
CA GLU D 234 -27.80 -6.70 24.18
C GLU D 234 -26.55 -5.83 24.37
N ASP D 235 -26.07 -5.75 25.60
CA ASP D 235 -24.86 -4.98 25.91
C ASP D 235 -23.71 -5.39 24.99
N ARG D 236 -23.46 -6.69 24.94
CA ARG D 236 -22.36 -7.24 24.18
C ARG D 236 -22.42 -6.68 22.77
N GLU D 237 -23.61 -6.81 22.20
CA GLU D 237 -23.88 -6.38 20.82
C GLU D 237 -23.75 -4.88 20.59
N ASN D 238 -24.14 -4.09 21.58
CA ASN D 238 -23.90 -2.65 21.55
C ASN D 238 -22.40 -2.35 21.50
N PHE D 239 -21.64 -3.12 22.26
CA PHE D 239 -20.18 -3.02 22.23
C PHE D 239 -19.63 -3.37 20.86
N GLU D 240 -20.14 -4.42 20.22
CA GLU D 240 -19.85 -4.65 18.81
C GLU D 240 -20.12 -3.46 17.86
N ASP D 241 -21.32 -2.92 17.85
CA ASP D 241 -21.51 -1.73 17.02
C ASP D 241 -20.34 -0.79 17.28
N LEU D 242 -20.06 -0.56 18.57
CA LEU D 242 -18.98 0.33 18.96
C LEU D 242 -17.64 -0.01 18.31
N TYR D 243 -17.29 -1.29 18.41
CA TYR D 243 -16.15 -1.86 17.72
C TYR D 243 -16.10 -1.37 16.27
N TYR D 244 -17.12 -1.69 15.46
CA TYR D 244 -17.17 -1.26 14.05
C TYR D 244 -16.90 0.21 13.82
N ASP D 245 -17.51 1.05 14.65
CA ASP D 245 -17.28 2.50 14.53
C ASP D 245 -15.81 2.87 14.78
N THR D 246 -15.23 2.14 15.73
CA THR D 246 -13.87 2.36 16.16
C THR D 246 -12.92 1.91 15.07
N LEU D 247 -13.30 0.84 14.38
CA LEU D 247 -12.63 0.42 13.17
C LEU D 247 -12.65 1.48 12.06
N GLN D 248 -13.80 2.11 11.82
CA GLN D 248 -13.87 3.26 10.92
C GLN D 248 -12.93 4.38 11.35
N LEU D 249 -12.71 4.52 12.64
CA LEU D 249 -11.76 5.53 13.08
C LEU D 249 -10.35 5.12 12.74
N ILE D 250 -9.95 3.92 13.11
CA ILE D 250 -8.63 3.45 12.69
C ILE D 250 -8.42 3.62 11.17
N ASP D 251 -9.44 3.28 10.38
CA ASP D 251 -9.43 3.41 8.91
C ASP D 251 -9.29 4.87 8.46
N MET D 252 -10.03 5.78 9.07
CA MET D 252 -9.83 7.20 8.79
C MET D 252 -8.40 7.61 9.12
N SER D 253 -7.93 7.19 10.29
CA SER D 253 -6.60 7.53 10.76
C SER D 253 -5.56 7.13 9.72
N ALA D 254 -5.53 5.85 9.36
CA ALA D 254 -4.57 5.41 8.35
C ALA D 254 -4.74 6.19 7.04
N THR D 255 -5.99 6.33 6.59
CA THR D 255 -6.23 7.03 5.35
C THR D 255 -5.59 8.42 5.32
N TYR D 256 -5.86 9.23 6.34
CA TYR D 256 -5.31 10.56 6.43
C TYR D 256 -3.79 10.59 6.66
N ARG D 257 -3.22 9.58 7.32
CA ARG D 257 -1.76 9.54 7.44
C ARG D 257 -1.17 9.46 6.04
N GLU D 258 -1.65 8.50 5.27
CA GLU D 258 -1.13 8.38 3.92
C GLU D 258 -1.38 9.65 3.14
N VAL D 259 -2.50 10.33 3.38
CA VAL D 259 -2.76 11.63 2.76
C VAL D 259 -1.61 12.58 3.04
N LEU D 260 -1.21 12.69 4.32
CA LEU D 260 -0.11 13.58 4.74
C LEU D 260 1.20 13.25 4.02
N THR D 261 1.54 11.97 4.04
CA THR D 261 2.70 11.48 3.32
C THR D 261 2.66 11.91 1.87
N SER D 262 1.55 11.65 1.21
CA SER D 262 1.31 12.14 -0.13
C SER D 262 1.63 13.64 -0.23
N MET D 263 1.10 14.43 0.69
CA MET D 263 1.31 15.87 0.63
C MET D 263 2.79 16.23 0.59
N MET D 264 3.53 15.74 1.58
CA MET D 264 4.98 15.89 1.58
C MET D 264 5.63 15.47 0.27
N ASP D 265 5.51 14.19 -0.06
CA ASP D 265 6.09 13.67 -1.29
C ASP D 265 5.84 14.59 -2.48
N ILE D 266 4.60 15.03 -2.63
CA ILE D 266 4.28 15.99 -3.68
C ILE D 266 5.21 17.19 -3.58
N THR D 267 5.05 18.00 -2.54
CA THR D 267 5.80 19.26 -2.50
C THR D 267 7.26 19.04 -2.87
N LEU D 268 7.81 17.92 -2.40
CA LEU D 268 9.17 17.57 -2.78
C LEU D 268 9.32 17.37 -4.28
N SER D 269 8.38 16.65 -4.89
CA SER D 269 8.46 16.41 -6.33
C SER D 269 8.41 17.75 -7.08
N LEU D 270 7.59 18.67 -6.59
CA LEU D 270 7.55 20.01 -7.17
C LEU D 270 8.93 20.67 -7.12
N GLU D 271 9.57 20.61 -5.95
CA GLU D 271 10.93 21.11 -5.83
C GLU D 271 11.82 20.54 -6.93
N ASN D 272 11.87 19.21 -6.94
CA ASN D 272 12.70 18.47 -7.88
C ASN D 272 12.37 18.86 -9.32
N ILE D 273 11.21 19.45 -9.53
CA ILE D 273 10.88 20.03 -10.83
C ILE D 273 11.46 21.44 -11.06
N LYS D 274 11.39 22.30 -10.04
CA LYS D 274 11.96 23.65 -10.16
C LYS D 274 13.45 23.57 -10.50
N MET D 275 14.11 22.57 -9.92
CA MET D 275 15.53 22.34 -10.20
C MET D 275 15.73 22.43 -11.70
N ASN D 276 14.78 21.86 -12.45
CA ASN D 276 14.89 21.84 -13.89
C ASN D 276 14.84 23.22 -14.55
N GLN D 277 13.98 24.09 -14.06
CA GLN D 277 13.95 25.44 -14.59
C GLN D 277 15.30 26.13 -14.33
N ILE D 278 15.86 25.90 -13.15
CA ILE D 278 17.18 26.44 -12.88
C ILE D 278 18.16 25.93 -13.95
N MET D 279 18.41 24.62 -13.94
CA MET D 279 19.37 24.00 -14.85
C MET D 279 19.17 24.46 -16.28
N LYS D 280 17.92 24.67 -16.67
CA LYS D 280 17.62 25.16 -18.00
C LYS D 280 18.14 26.58 -18.15
N ILE D 281 18.05 27.37 -17.09
CA ILE D 281 18.59 28.72 -17.13
C ILE D 281 20.11 28.72 -17.29
N LEU D 282 20.78 27.99 -16.41
CA LEU D 282 22.23 27.82 -16.58
C LEU D 282 22.55 27.44 -18.03
N THR D 283 21.88 26.41 -18.55
CA THR D 283 22.17 25.91 -19.89
C THR D 283 21.91 26.96 -20.97
N MET D 284 20.87 27.76 -20.78
CA MET D 284 20.56 28.78 -21.76
C MET D 284 21.62 29.90 -21.78
N VAL D 285 22.20 30.19 -20.62
CA VAL D 285 23.21 31.23 -20.56
C VAL D 285 24.54 30.69 -21.15
N THR D 286 24.93 29.52 -20.66
CA THR D 286 26.13 28.83 -21.10
C THR D 286 26.08 28.66 -22.60
N THR D 287 24.91 28.38 -23.14
CA THR D 287 24.79 28.24 -24.57
C THR D 287 24.63 29.54 -25.33
N ILE D 288 23.99 30.54 -24.72
CA ILE D 288 23.95 31.83 -25.39
C ILE D 288 25.37 32.27 -25.70
N PHE D 289 26.24 32.38 -24.71
CA PHE D 289 27.64 32.69 -25.05
C PHE D 289 28.51 31.45 -24.99
N ALA D 290 28.76 30.88 -26.14
CA ALA D 290 29.73 29.81 -26.27
C ALA D 290 30.48 30.18 -27.52
N VAL D 291 29.73 30.20 -28.61
CA VAL D 291 30.23 30.64 -29.88
C VAL D 291 30.80 32.07 -29.81
N PRO D 292 30.06 33.00 -29.19
CA PRO D 292 30.61 34.36 -29.13
C PRO D 292 31.91 34.46 -28.33
N MET D 293 32.08 33.61 -27.32
CA MET D 293 33.31 33.60 -26.53
C MET D 293 34.47 32.93 -27.27
N TRP D 294 34.16 31.89 -28.03
CA TRP D 294 35.15 31.33 -28.94
C TRP D 294 35.58 32.41 -29.94
N ILE D 295 34.65 33.22 -30.41
CA ILE D 295 34.96 34.30 -31.33
C ILE D 295 35.90 35.27 -30.65
N THR D 296 35.53 35.76 -29.47
CA THR D 296 36.41 36.71 -28.78
C THR D 296 37.77 36.08 -28.49
N GLY D 297 37.79 34.76 -28.42
CA GLY D 297 39.01 34.01 -28.17
C GLY D 297 39.90 33.92 -29.40
N ILE D 298 39.29 33.80 -30.57
CA ILE D 298 40.08 33.72 -31.78
C ILE D 298 40.65 35.11 -32.10
N TYR D 299 39.87 36.16 -31.81
CA TYR D 299 40.35 37.49 -32.15
C TYR D 299 41.28 38.13 -31.11
N GLY D 300 41.61 37.35 -30.08
CA GLY D 300 42.50 37.80 -29.04
C GLY D 300 43.81 37.02 -29.13
N MET D 301 43.99 36.35 -30.26
CA MET D 301 45.23 35.63 -30.53
C MET D 301 46.38 36.52 -31.07
N ASN D 302 47.60 36.07 -30.82
CA ASN D 302 48.83 36.81 -31.11
C ASN D 302 49.45 36.57 -32.49
N PHE D 303 48.69 35.84 -33.32
CA PHE D 303 49.03 35.69 -34.72
C PHE D 303 49.25 37.06 -35.32
N SER D 304 50.28 37.18 -36.15
CA SER D 304 50.63 38.43 -36.80
C SER D 304 49.61 38.75 -37.87
N TYR D 305 49.06 37.71 -38.48
CA TYR D 305 47.85 37.88 -39.29
C TYR D 305 46.61 37.30 -38.58
N LEU D 306 45.72 38.21 -38.19
CA LEU D 306 44.35 37.88 -37.83
C LEU D 306 43.47 38.34 -38.96
N PRO D 307 42.85 37.40 -39.67
CA PRO D 307 41.98 37.83 -40.74
C PRO D 307 40.96 38.87 -40.26
N LEU D 308 40.89 40.01 -40.94
CA LEU D 308 39.92 41.08 -40.66
C LEU D 308 40.31 42.08 -39.58
N ALA D 309 41.41 41.85 -38.88
CA ALA D 309 41.82 42.76 -37.80
C ALA D 309 42.09 44.19 -38.29
N ASN D 310 42.96 44.32 -39.27
CA ASN D 310 43.40 45.63 -39.72
C ASN D 310 42.31 46.36 -40.48
N ASN D 311 41.19 45.69 -40.70
CA ASN D 311 40.03 46.29 -41.35
C ASN D 311 39.21 47.18 -40.39
N PRO D 312 39.11 48.47 -40.69
CA PRO D 312 38.55 49.49 -39.81
C PRO D 312 37.05 49.31 -39.59
N GLN D 313 36.39 48.55 -40.44
CA GLN D 313 35.04 48.16 -40.14
C GLN D 313 35.09 46.85 -39.41
N GLY D 314 36.30 46.29 -39.30
CA GLY D 314 36.48 44.96 -38.74
C GLY D 314 35.87 44.71 -37.38
N PHE D 315 36.21 45.57 -36.42
CA PHE D 315 35.66 45.43 -35.08
C PHE D 315 34.15 45.20 -35.11
N TRP D 316 33.42 46.23 -35.53
CA TRP D 316 31.98 46.15 -35.62
C TRP D 316 31.49 45.01 -36.54
N LEU D 317 32.34 44.59 -37.49
CA LEU D 317 31.97 43.41 -38.24
C LEU D 317 31.81 42.27 -37.26
N VAL D 318 32.93 41.83 -36.70
CA VAL D 318 32.93 40.71 -35.75
C VAL D 318 31.83 40.85 -34.70
N MET D 319 31.76 42.04 -34.11
CA MET D 319 30.77 42.36 -33.10
C MET D 319 29.35 42.03 -33.57
N ALA D 320 28.96 42.57 -34.72
CA ALA D 320 27.64 42.26 -35.23
C ALA D 320 27.52 40.76 -35.48
N LEU D 321 28.64 40.11 -35.76
CA LEU D 321 28.60 38.67 -35.95
C LEU D 321 28.19 37.97 -34.66
N MET D 322 28.90 38.29 -33.58
CA MET D 322 28.63 37.69 -32.29
C MET D 322 27.20 37.98 -31.88
N VAL D 323 26.82 39.25 -31.94
CA VAL D 323 25.45 39.65 -31.68
C VAL D 323 24.41 38.81 -32.46
N VAL D 324 24.59 38.66 -33.77
CA VAL D 324 23.66 37.84 -34.54
C VAL D 324 23.64 36.38 -34.06
N ILE D 325 24.80 35.79 -33.81
CA ILE D 325 24.85 34.49 -33.16
C ILE D 325 23.96 34.42 -31.89
N ILE D 326 24.15 35.39 -31.00
CA ILE D 326 23.38 35.47 -29.75
C ILE D 326 21.91 35.42 -30.07
N MET D 327 21.42 36.44 -30.78
CA MET D 327 20.00 36.51 -31.11
C MET D 327 19.49 35.19 -31.70
N ILE D 328 20.26 34.63 -32.64
CA ILE D 328 19.92 33.34 -33.24
C ILE D 328 19.61 32.30 -32.17
N PHE D 329 20.46 32.23 -31.14
CA PHE D 329 20.25 31.27 -30.05
C PHE D 329 19.10 31.64 -29.13
N VAL D 330 18.89 32.92 -28.88
CA VAL D 330 17.75 33.31 -28.06
C VAL D 330 16.48 32.85 -28.75
N TYR D 331 16.44 32.99 -30.07
CA TYR D 331 15.28 32.54 -30.84
C TYR D 331 15.18 31.01 -30.84
N ILE D 332 16.32 30.36 -31.04
CA ILE D 332 16.37 28.90 -31.08
C ILE D 332 15.98 28.32 -29.72
N PHE D 333 16.07 29.12 -28.67
CA PHE D 333 15.45 28.72 -27.40
C PHE D 333 13.96 29.09 -27.35
N ARG D 334 13.64 30.29 -27.83
CA ARG D 334 12.26 30.77 -27.83
C ARG D 334 11.33 29.69 -28.33
N ARG D 335 11.69 29.04 -29.44
CA ARG D 335 10.93 27.85 -29.83
C ARG D 335 11.79 26.79 -30.50
N SER D 336 11.64 25.52 -30.10
CA SER D 336 10.72 25.12 -29.04
C SER D 336 11.10 25.80 -27.71
N GLY D 337 10.11 26.44 -27.10
CA GLY D 337 10.36 27.36 -26.02
C GLY D 337 10.93 26.81 -24.74
N TRP D 338 12.10 27.32 -24.38
CA TRP D 338 12.57 27.35 -23.01
C TRP D 338 12.35 28.74 -22.46
N ILE D 339 11.91 29.65 -23.33
CA ILE D 339 11.92 31.06 -22.99
C ILE D 339 10.78 31.83 -23.69
N MET E 23 20.33 -17.38 32.90
CA MET E 23 20.90 -16.51 33.91
C MET E 23 20.46 -16.96 35.31
N ILE E 24 20.98 -18.10 35.77
CA ILE E 24 21.86 -18.92 34.96
C ILE E 24 21.00 -19.92 34.22
N THR E 25 21.63 -20.75 33.39
CA THR E 25 20.90 -21.74 32.61
C THR E 25 21.51 -23.14 32.84
N VAL E 26 20.63 -24.15 32.90
CA VAL E 26 21.05 -25.52 33.12
C VAL E 26 20.60 -26.27 31.91
N ILE E 27 21.21 -27.41 31.60
CA ILE E 27 20.62 -28.29 30.59
C ILE E 27 19.19 -28.71 30.97
N ALA E 28 19.03 -29.56 31.98
CA ALA E 28 17.72 -30.13 32.32
C ALA E 28 17.21 -29.56 33.62
N ILE E 29 15.87 -29.55 33.76
CA ILE E 29 15.11 -29.04 34.92
C ILE E 29 13.89 -29.98 35.27
N ALA E 30 12.97 -29.60 36.16
CA ALA E 30 11.89 -30.53 36.55
C ALA E 30 10.81 -29.95 37.53
N LYS E 31 9.66 -30.66 37.65
CA LYS E 31 8.40 -30.10 38.24
C LYS E 31 7.28 -30.97 38.97
N ASP E 32 6.12 -30.36 39.21
CA ASP E 32 5.08 -30.69 40.25
C ASP E 32 4.42 -32.10 40.30
N GLY E 33 3.94 -32.46 41.49
CA GLY E 33 3.48 -33.82 41.82
C GLY E 33 2.38 -33.79 42.88
N SER E 34 1.96 -34.97 43.36
CA SER E 34 0.60 -35.22 43.94
C SER E 34 0.05 -34.30 45.04
N ILE E 35 0.94 -33.62 45.75
CA ILE E 35 0.54 -32.61 46.74
C ILE E 35 0.86 -31.16 46.27
N VAL E 36 2.16 -30.87 46.10
CA VAL E 36 2.66 -29.56 45.67
C VAL E 36 3.84 -29.82 44.75
N GLU E 37 4.56 -28.77 44.35
CA GLU E 37 5.75 -28.92 43.49
C GLU E 37 7.10 -28.77 44.18
N PRO E 38 7.88 -29.86 44.19
CA PRO E 38 9.33 -29.76 44.40
C PRO E 38 10.03 -29.66 43.04
N LYS E 39 11.36 -29.60 43.05
CA LYS E 39 12.21 -29.88 41.90
C LYS E 39 12.29 -31.40 41.88
N LEU E 40 13.19 -32.01 41.12
CA LEU E 40 13.27 -33.47 41.26
C LEU E 40 14.66 -34.09 41.19
N ASP E 41 14.68 -35.40 41.38
CA ASP E 41 15.80 -36.22 40.99
C ASP E 41 15.66 -36.24 39.48
N GLU E 42 16.74 -36.51 38.77
CA GLU E 42 16.59 -36.85 37.37
C GLU E 42 15.67 -38.06 37.29
N ILE E 43 15.65 -38.84 38.37
CA ILE E 43 14.94 -40.12 38.40
C ILE E 43 13.68 -40.15 39.31
N SER E 44 12.51 -40.22 38.63
CA SER E 44 11.16 -40.29 39.20
C SER E 44 10.27 -40.85 38.09
N PHE E 45 9.08 -41.45 38.29
CA PHE E 45 7.99 -41.23 37.27
C PHE E 45 6.45 -40.98 37.38
N GLU E 46 5.73 -42.03 37.82
CA GLU E 46 4.27 -42.07 37.76
C GLU E 46 3.58 -41.44 38.99
N ASP E 47 4.37 -41.13 40.02
CA ASP E 47 3.86 -40.57 41.27
C ASP E 47 3.76 -39.03 41.30
N TYR E 48 4.01 -38.39 40.16
CA TYR E 48 3.91 -36.94 40.04
C TYR E 48 2.72 -36.51 39.16
N ARG E 49 1.99 -35.48 39.59
CA ARG E 49 0.77 -35.05 38.89
C ARG E 49 1.01 -34.71 37.42
N LEU E 50 1.79 -33.66 37.18
CA LEU E 50 2.37 -33.37 35.86
C LEU E 50 3.75 -32.76 36.03
N ILE E 51 4.72 -33.19 35.19
CA ILE E 51 6.08 -32.66 35.23
C ILE E 51 6.41 -31.70 34.08
N TRP E 52 7.20 -30.67 34.35
CA TRP E 52 7.76 -29.82 33.30
C TRP E 52 9.29 -29.95 33.25
N ILE E 53 9.80 -30.62 32.21
CA ILE E 53 11.23 -30.76 31.97
C ILE E 53 11.65 -29.66 31.01
N ASP E 54 12.64 -28.86 31.36
CA ASP E 54 13.14 -27.87 30.38
C ASP E 54 14.58 -28.10 30.00
N CYS E 55 14.81 -28.50 28.75
CA CYS E 55 16.16 -28.86 28.33
C CYS E 55 16.77 -27.86 27.35
N TYR E 56 18.00 -27.48 27.64
CA TYR E 56 18.68 -26.42 26.93
C TYR E 56 19.99 -26.85 26.25
N ASP E 57 19.99 -26.86 24.92
CA ASP E 57 21.21 -27.02 24.15
C ASP E 57 21.98 -28.29 24.51
N PRO E 58 21.29 -29.42 24.54
CA PRO E 58 21.96 -30.64 25.00
C PRO E 58 23.07 -31.14 24.07
N LYS E 59 24.18 -31.62 24.62
CA LYS E 59 25.13 -32.37 23.79
C LYS E 59 24.45 -33.67 23.41
N ASP E 60 24.82 -34.25 22.28
CA ASP E 60 24.13 -35.43 21.82
C ASP E 60 24.06 -36.50 22.91
N GLU E 61 25.12 -36.61 23.72
CA GLU E 61 25.12 -37.61 24.76
C GLU E 61 24.02 -37.30 25.76
N GLU E 62 24.02 -36.06 26.25
CA GLU E 62 22.97 -35.59 27.16
C GLU E 62 21.54 -35.81 26.59
N LEU E 63 21.35 -35.48 25.32
CA LEU E 63 20.07 -35.72 24.66
C LEU E 63 19.73 -37.19 24.78
N TYR E 64 20.64 -38.05 24.35
CA TYR E 64 20.45 -39.50 24.49
C TYR E 64 19.99 -39.93 25.90
N LYS E 65 20.59 -39.36 26.94
CA LYS E 65 20.07 -39.58 28.29
C LYS E 65 18.58 -39.19 28.41
N LEU E 66 18.29 -37.96 27.97
CA LEU E 66 16.93 -37.44 28.07
C LEU E 66 15.92 -38.31 27.34
N SER E 67 16.15 -38.51 26.05
CA SER E 67 15.30 -39.31 25.21
C SER E 67 15.12 -40.61 25.89
N LYS E 68 16.21 -41.13 26.44
CA LYS E 68 16.13 -42.42 27.12
C LYS E 68 15.06 -42.36 28.24
N LYS E 69 15.11 -41.33 29.09
CA LYS E 69 14.15 -41.24 30.20
C LYS E 69 12.71 -40.95 29.83
N ILE E 70 12.48 -39.92 29.01
CA ILE E 70 11.10 -39.51 28.66
C ILE E 70 10.45 -40.36 27.56
N GLY E 71 11.26 -41.10 26.82
CA GLY E 71 10.72 -42.05 25.86
C GLY E 71 10.36 -41.44 24.53
N ILE E 72 10.67 -40.17 24.35
CA ILE E 72 10.57 -39.56 23.03
C ILE E 72 11.89 -39.81 22.30
N SER E 73 11.77 -40.09 21.01
CA SER E 73 12.93 -40.44 20.20
C SER E 73 13.96 -39.31 20.05
N VAL E 74 15.18 -39.72 19.75
CA VAL E 74 16.26 -38.79 19.53
C VAL E 74 15.91 -37.80 18.43
N SER E 75 15.58 -38.32 17.25
CA SER E 75 15.30 -37.49 16.10
C SER E 75 14.10 -36.57 16.36
N ASP E 76 13.03 -37.18 16.87
CA ASP E 76 11.81 -36.46 17.23
C ASP E 76 12.17 -35.26 18.11
N LEU E 77 13.07 -35.46 19.07
CA LEU E 77 13.50 -34.36 19.94
C LEU E 77 14.37 -33.31 19.23
N GLN E 78 15.24 -33.79 18.35
CA GLN E 78 16.14 -32.93 17.60
C GLN E 78 15.37 -31.98 16.71
N ILE E 79 14.17 -32.39 16.31
CA ILE E 79 13.26 -31.44 15.67
C ILE E 79 13.05 -30.24 16.55
N GLY E 80 12.68 -30.50 17.79
CA GLY E 80 12.52 -29.45 18.77
C GLY E 80 13.78 -28.63 18.87
N LEU E 81 14.92 -29.31 18.77
CA LEU E 81 16.23 -28.66 18.88
C LEU E 81 16.64 -27.82 17.68
N ASP E 82 16.01 -28.01 16.53
CA ASP E 82 16.33 -27.15 15.41
C ASP E 82 15.61 -25.80 15.57
N GLU E 83 16.39 -24.74 15.66
CA GLU E 83 15.87 -23.44 16.05
C GLU E 83 15.21 -22.72 14.90
N GLN E 84 15.37 -23.26 13.70
CA GLN E 84 14.86 -22.65 12.45
C GLN E 84 13.52 -23.22 12.11
N GLU E 85 13.09 -24.18 12.92
CA GLU E 85 11.90 -24.98 12.70
C GLU E 85 10.70 -24.06 12.80
N ILE E 86 9.70 -24.25 11.96
CA ILE E 86 8.53 -23.35 11.98
C ILE E 86 7.40 -23.77 12.91
N PRO E 87 6.67 -22.77 13.42
CA PRO E 87 5.64 -22.99 14.41
C PRO E 87 4.55 -23.86 13.83
N ARG E 88 3.97 -24.73 14.64
CA ARG E 88 2.99 -25.68 14.16
C ARG E 88 2.50 -26.53 15.30
N VAL E 89 1.54 -27.39 15.03
CA VAL E 89 1.10 -28.37 16.03
C VAL E 89 0.96 -29.72 15.39
N GLU E 90 1.55 -30.71 16.02
CA GLU E 90 1.70 -32.01 15.40
C GLU E 90 1.14 -33.10 16.30
N GLU E 91 0.44 -34.07 15.68
CA GLU E 91 -0.17 -35.13 16.44
C GLU E 91 0.89 -36.15 16.72
N ASP E 92 1.29 -36.92 15.73
CA ASP E 92 2.37 -37.88 16.03
C ASP E 92 2.07 -38.73 17.26
N GLU E 93 1.18 -39.70 17.14
CA GLU E 93 0.57 -40.32 18.30
C GLU E 93 1.67 -40.77 19.24
N ASP E 94 1.33 -40.78 20.53
CA ASP E 94 2.26 -40.81 21.65
C ASP E 94 3.08 -39.52 21.87
N PHE E 95 2.57 -38.39 21.37
CA PHE E 95 2.85 -37.06 21.96
C PHE E 95 2.27 -35.90 21.11
N TYR E 96 2.11 -34.72 21.70
CA TYR E 96 1.82 -33.55 20.89
C TYR E 96 3.11 -32.77 20.74
N LEU E 97 3.32 -32.17 19.58
CA LEU E 97 4.47 -31.30 19.41
C LEU E 97 3.99 -29.91 19.03
N ILE E 98 4.60 -28.90 19.62
CA ILE E 98 4.25 -27.52 19.31
C ILE E 98 5.53 -26.71 19.13
N ILE E 99 5.75 -26.16 17.95
CA ILE E 99 6.87 -25.28 17.73
C ILE E 99 6.31 -23.88 17.86
N TYR E 100 6.91 -23.06 18.69
CA TYR E 100 6.43 -21.69 18.88
C TYR E 100 7.66 -20.74 18.81
N LYS E 101 7.52 -19.55 18.24
CA LYS E 101 8.69 -18.67 18.01
C LYS E 101 8.99 -17.75 19.18
N ALA E 102 10.20 -17.77 19.71
CA ALA E 102 10.52 -16.81 20.80
C ALA E 102 11.56 -15.79 20.40
N PRO E 103 11.49 -14.59 20.98
CA PRO E 103 12.45 -13.55 20.61
C PRO E 103 13.83 -13.78 21.20
N LEU E 104 14.86 -13.38 20.45
CA LEU E 104 16.25 -13.57 20.85
C LEU E 104 16.92 -12.24 20.91
N PHE E 105 17.79 -12.05 21.89
CA PHE E 105 18.51 -10.79 22.01
C PHE E 105 19.95 -10.97 21.56
N GLU E 106 20.73 -11.73 22.34
CA GLU E 106 22.00 -12.21 21.85
C GLU E 106 22.74 -11.15 21.04
N GLU E 107 23.21 -10.12 21.76
CA GLU E 107 23.87 -8.95 21.18
C GLU E 107 22.97 -8.19 20.22
N ASP E 108 21.88 -7.65 20.75
CA ASP E 108 21.19 -6.53 20.14
C ASP E 108 20.93 -6.83 18.67
N ILE E 109 20.88 -8.12 18.35
CA ILE E 109 20.30 -8.52 17.10
C ILE E 109 19.11 -9.31 17.57
N THR E 110 17.92 -8.76 17.40
CA THR E 110 16.74 -9.42 17.92
C THR E 110 16.30 -10.47 16.85
N THR E 111 15.73 -11.58 17.30
CA THR E 111 15.72 -12.84 16.55
C THR E 111 14.50 -13.66 16.99
N THR E 112 14.47 -14.97 16.70
CA THR E 112 13.38 -15.87 17.12
C THR E 112 13.85 -17.36 17.36
N SER E 113 13.23 -18.21 18.23
CA SER E 113 13.39 -19.73 18.13
C SER E 113 12.36 -20.96 18.33
N LEU E 114 11.91 -21.29 19.59
CA LEU E 114 11.74 -22.70 20.26
C LEU E 114 10.64 -23.82 20.03
N GLY E 115 10.80 -24.97 20.70
CA GLY E 115 9.80 -26.05 20.61
C GLY E 115 9.51 -27.02 21.79
N ILE E 116 8.30 -27.60 21.79
CA ILE E 116 7.64 -28.14 23.00
C ILE E 116 6.92 -29.47 22.80
N TYR E 117 7.21 -30.46 23.65
CA TYR E 117 6.53 -31.76 23.54
C TYR E 117 5.66 -32.09 24.77
N ILE E 118 4.40 -32.44 24.56
CA ILE E 118 3.60 -32.91 25.69
C ILE E 118 2.99 -34.25 25.43
N LYS E 119 3.43 -35.20 26.22
CA LYS E 119 2.94 -36.56 26.15
C LYS E 119 2.76 -36.99 27.60
N ASN E 120 1.60 -37.59 27.85
CA ASN E 120 1.19 -37.96 29.19
C ASN E 120 1.12 -36.74 30.11
N ASN E 121 1.75 -36.81 31.28
CA ASN E 121 1.72 -35.69 32.22
C ASN E 121 2.93 -34.78 32.05
N LEU E 122 3.77 -35.13 31.07
CA LEU E 122 5.07 -34.52 30.84
C LEU E 122 4.95 -33.46 29.79
N LEU E 123 5.37 -32.24 30.14
CA LEU E 123 5.56 -31.15 29.18
C LEU E 123 7.04 -30.76 29.14
N LEU E 124 7.69 -31.09 28.03
CA LEU E 124 9.11 -30.85 27.81
C LEU E 124 9.32 -29.62 26.93
N THR E 125 9.92 -28.56 27.47
CA THR E 125 10.38 -27.48 26.62
C THR E 125 11.85 -27.73 26.33
N ILE E 126 12.17 -27.90 25.05
CA ILE E 126 13.55 -28.08 24.61
C ILE E 126 13.94 -27.04 23.58
N HIS E 127 15.08 -26.39 23.77
CA HIS E 127 15.46 -25.33 22.86
C HIS E 127 16.97 -25.26 22.75
N SER E 128 17.44 -25.03 21.52
CA SER E 128 18.86 -24.80 21.27
C SER E 128 19.26 -23.41 21.72
N ASP E 129 18.31 -22.48 21.74
CA ASP E 129 18.57 -21.11 22.14
C ASP E 129 18.16 -20.84 23.56
N LYS E 130 18.42 -19.64 24.03
CA LYS E 130 18.01 -19.26 25.35
C LYS E 130 16.63 -18.65 25.26
N ILE E 131 15.68 -19.17 26.04
CA ILE E 131 14.36 -18.54 26.10
C ILE E 131 14.13 -17.72 27.38
N LYS E 132 14.11 -16.39 27.24
CA LYS E 132 13.94 -15.49 28.38
C LYS E 132 12.70 -15.89 29.17
N ALA E 133 11.57 -16.03 28.49
CA ALA E 133 10.33 -16.44 29.14
C ALA E 133 10.47 -17.67 30.06
N ILE E 134 11.09 -18.75 29.58
CA ILE E 134 11.38 -19.91 30.40
C ILE E 134 12.28 -19.54 31.58
N GLY E 135 13.18 -18.58 31.36
CA GLY E 135 13.97 -18.10 32.47
C GLY E 135 13.10 -17.45 33.55
N ARG E 136 12.24 -16.55 33.10
CA ARG E 136 11.29 -15.81 33.93
C ARG E 136 10.42 -16.75 34.74
N LEU E 137 9.82 -17.73 34.08
CA LEU E 137 8.95 -18.69 34.74
C LEU E 137 9.75 -19.45 35.77
N HIS E 138 10.91 -19.94 35.33
CA HIS E 138 11.83 -20.64 36.22
C HIS E 138 12.17 -19.88 37.50
N LYS E 139 12.58 -18.61 37.38
CA LYS E 139 12.90 -17.79 38.54
C LYS E 139 11.67 -17.44 39.38
N LEU E 140 10.53 -17.24 38.71
CA LEU E 140 9.31 -16.90 39.40
C LEU E 140 8.98 -18.03 40.35
N ILE E 141 9.25 -19.25 39.92
CA ILE E 141 8.92 -20.38 40.77
C ILE E 141 9.74 -20.39 42.08
N SER E 142 10.68 -19.45 42.22
CA SER E 142 11.40 -19.18 43.49
C SER E 142 10.54 -18.57 44.61
N THR E 143 9.46 -17.91 44.23
CA THR E 143 8.53 -17.26 45.15
C THR E 143 7.34 -18.12 45.60
N LYS E 144 7.37 -19.41 45.26
CA LYS E 144 6.36 -20.36 45.74
C LYS E 144 6.32 -20.39 47.28
N LYS E 145 7.33 -19.74 47.85
CA LYS E 145 7.40 -19.35 49.26
C LYS E 145 7.64 -17.83 49.27
N PRO E 146 6.58 -17.01 49.41
CA PRO E 146 5.32 -17.24 50.15
C PRO E 146 4.39 -18.38 49.75
N ARG E 147 4.04 -18.51 48.47
CA ARG E 147 3.11 -19.55 48.04
C ARG E 147 2.73 -19.43 46.57
N ILE E 148 2.11 -20.48 46.05
CA ILE E 148 1.35 -20.44 44.80
C ILE E 148 0.76 -21.83 44.58
N VAL E 149 -0.30 -21.91 43.79
CA VAL E 149 -1.00 -23.17 43.59
C VAL E 149 -1.49 -23.38 42.15
N PHE E 150 -1.13 -24.54 41.60
CA PHE E 150 -1.50 -24.89 40.24
C PHE E 150 -2.46 -26.07 40.28
N GLU E 151 -3.74 -25.80 40.03
CA GLU E 151 -4.76 -26.86 39.96
C GLU E 151 -5.11 -27.29 38.54
N ARG E 152 -4.50 -26.66 37.54
CA ARG E 152 -5.07 -26.71 36.19
C ARG E 152 -4.55 -27.69 35.14
N GLY E 153 -3.51 -28.47 35.42
CA GLY E 153 -3.11 -29.49 34.46
C GLY E 153 -2.49 -28.96 33.17
N ILE E 154 -1.91 -29.85 32.36
CA ILE E 154 -0.92 -29.50 31.33
C ILE E 154 -1.19 -28.32 30.37
N GLY E 155 -2.37 -28.33 29.75
CA GLY E 155 -2.72 -27.29 28.81
C GLY E 155 -2.51 -25.91 29.39
N PHE E 156 -2.74 -25.76 30.68
CA PHE E 156 -2.60 -24.45 31.31
C PHE E 156 -1.12 -24.07 31.41
N LEU E 157 -0.26 -25.05 31.72
CA LEU E 157 1.20 -24.82 31.72
C LEU E 157 1.61 -24.33 30.34
N LEU E 158 1.22 -25.10 29.33
CA LEU E 158 1.47 -24.70 27.98
C LEU E 158 1.06 -23.25 27.81
N TYR E 159 -0.15 -22.95 28.22
CA TYR E 159 -0.61 -21.58 28.13
C TYR E 159 0.42 -20.63 28.75
N HIS E 160 0.94 -20.97 29.93
CA HIS E 160 1.80 -20.02 30.65
C HIS E 160 3.14 -19.78 29.98
N ILE E 161 3.77 -20.85 29.51
CA ILE E 161 4.92 -20.67 28.66
C ILE E 161 4.63 -19.74 27.47
N LEU E 162 3.59 -20.07 26.68
CA LEU E 162 3.23 -19.30 25.46
C LEU E 162 2.93 -17.82 25.72
N ASN E 163 2.17 -17.59 26.78
CA ASN E 163 1.94 -16.26 27.27
C ASN E 163 3.26 -15.55 27.65
N GLU E 164 4.14 -16.22 28.40
CA GLU E 164 5.41 -15.59 28.79
C GLU E 164 6.26 -15.15 27.59
N ILE E 165 6.39 -16.05 26.62
CA ILE E 165 6.95 -15.64 25.32
C ILE E 165 6.28 -14.37 24.73
N THR E 166 4.96 -14.44 24.62
CA THR E 166 4.23 -13.25 24.16
C THR E 166 4.64 -11.97 24.93
N ARG E 167 4.74 -12.08 26.24
CA ARG E 167 5.10 -10.93 27.05
C ARG E 167 6.46 -10.43 26.62
N SER E 168 7.39 -11.36 26.39
CA SER E 168 8.74 -10.99 25.94
C SER E 168 8.66 -10.09 24.71
N TYR E 169 7.96 -10.59 23.67
CA TYR E 169 7.70 -9.74 22.48
C TYR E 169 7.15 -8.37 22.84
N SER E 170 6.11 -8.35 23.67
CA SER E 170 5.53 -7.07 24.02
C SER E 170 6.55 -6.11 24.62
N ARG E 171 7.40 -6.60 25.52
CA ARG E 171 8.40 -5.75 26.13
C ARG E 171 9.36 -5.20 25.07
N ILE E 172 9.87 -6.11 24.25
CA ILE E 172 10.77 -5.70 23.19
C ILE E 172 10.13 -4.55 22.43
N LEU E 173 8.82 -4.68 22.20
CA LEU E 173 8.07 -3.68 21.47
C LEU E 173 8.00 -2.34 22.18
N MET E 174 7.73 -2.37 23.47
CA MET E 174 7.60 -1.14 24.24
C MET E 174 8.92 -0.38 24.19
N ASN E 175 9.99 -1.10 24.51
CA ASN E 175 11.32 -0.48 24.43
C ASN E 175 11.51 0.14 23.07
N LEU E 176 11.21 -0.63 22.02
CA LEU E 176 11.36 -0.09 20.68
C LEU E 176 10.58 1.20 20.45
N GLU E 177 9.30 1.23 20.81
CA GLU E 177 8.52 2.46 20.74
C GLU E 177 9.25 3.57 21.47
N ASP E 178 9.98 3.22 22.51
CA ASP E 178 10.73 4.21 23.29
C ASP E 178 11.96 4.76 22.55
N GLU E 179 12.63 3.88 21.81
CA GLU E 179 13.83 4.25 21.06
C GLU E 179 13.52 4.97 19.74
N LEU E 180 12.35 4.71 19.20
CA LEU E 180 11.93 5.38 17.98
C LEU E 180 12.02 6.87 18.18
N GLU E 181 11.34 7.37 19.21
CA GLU E 181 11.33 8.80 19.51
C GLU E 181 12.75 9.36 19.74
N GLU E 182 13.70 8.49 20.05
CA GLU E 182 15.09 8.92 20.16
C GLU E 182 15.70 9.09 18.78
N LEU E 183 15.51 8.11 17.91
CA LEU E 183 16.04 8.23 16.55
C LEU E 183 15.37 9.42 15.87
N GLU E 184 14.22 9.80 16.42
CA GLU E 184 13.35 10.80 15.83
C GLU E 184 14.05 12.14 15.65
N ASP E 185 14.78 12.58 16.68
CA ASP E 185 15.50 13.88 16.61
C ASP E 185 16.84 13.81 15.87
N LYS E 186 17.59 12.73 16.07
CA LYS E 186 18.80 12.46 15.31
C LYS E 186 18.48 12.59 13.83
N LEU E 187 17.30 12.10 13.47
CA LEU E 187 16.82 12.17 12.10
C LEU E 187 16.79 13.60 11.53
N LEU E 188 16.66 14.60 12.39
CA LEU E 188 16.53 15.98 11.90
C LEU E 188 17.84 16.77 11.83
N ALA E 189 18.96 16.12 12.14
CA ALA E 189 20.26 16.76 12.00
C ALA E 189 20.80 16.60 10.57
N GLY E 190 20.05 15.90 9.74
CA GLY E 190 20.49 15.58 8.39
C GLY E 190 20.87 14.12 8.26
N TYR E 191 20.91 13.61 7.03
CA TYR E 191 21.15 12.19 6.77
C TYR E 191 22.45 11.70 7.42
N ASP E 192 22.34 10.63 8.20
CA ASP E 192 23.48 10.07 8.92
C ASP E 192 23.53 8.55 8.72
N ARG E 193 24.61 8.06 8.15
CA ARG E 193 24.70 6.65 7.76
C ARG E 193 24.53 5.71 8.95
N GLU E 194 25.10 6.06 10.08
CA GLU E 194 24.94 5.29 11.31
C GLU E 194 23.49 5.11 11.70
N VAL E 195 22.84 6.24 11.97
CA VAL E 195 21.46 6.21 12.36
C VAL E 195 20.59 5.49 11.31
N MET E 196 20.85 5.74 10.03
CA MET E 196 20.14 5.02 8.98
C MET E 196 20.34 3.53 9.18
N GLU E 197 21.55 3.17 9.59
CA GLU E 197 21.85 1.78 9.90
C GLU E 197 20.95 1.25 11.01
N LYS E 198 20.89 1.97 12.13
CA LYS E 198 20.05 1.57 13.25
C LYS E 198 18.58 1.37 12.84
N ILE E 199 18.03 2.37 12.16
CA ILE E 199 16.66 2.29 11.68
C ILE E 199 16.46 1.04 10.82
N LEU E 200 17.37 0.83 9.88
CA LEU E 200 17.29 -0.32 9.00
C LEU E 200 17.29 -1.62 9.80
N GLY E 201 18.03 -1.62 10.88
CA GLY E 201 18.13 -2.79 11.73
C GLY E 201 16.87 -3.12 12.52
N LEU E 202 16.30 -2.09 13.14
CA LEU E 202 15.03 -2.23 13.81
C LEU E 202 14.01 -2.76 12.81
N ARG E 203 13.98 -2.16 11.63
CA ARG E 203 13.17 -2.64 10.53
C ARG E 203 13.33 -4.15 10.33
N LYS E 204 14.54 -4.60 10.03
CA LYS E 204 14.75 -6.04 9.91
C LYS E 204 14.14 -6.81 11.09
N THR E 205 14.35 -6.32 12.31
CA THR E 205 13.88 -7.03 13.47
C THR E 205 12.36 -7.18 13.45
N LEU E 206 11.69 -6.14 12.98
CA LEU E 206 10.24 -6.15 12.94
C LEU E 206 9.74 -7.02 11.82
N VAL E 207 10.54 -7.22 10.78
CA VAL E 207 10.07 -8.14 9.75
C VAL E 207 10.20 -9.56 10.28
N TYR E 208 11.25 -9.79 11.08
CA TYR E 208 11.40 -11.07 11.74
C TYR E 208 10.21 -11.30 12.64
N PHE E 209 9.89 -10.29 13.45
CA PHE E 209 8.76 -10.40 14.38
C PHE E 209 7.52 -10.65 13.57
N HIS E 210 7.41 -10.07 12.38
CA HIS E 210 6.17 -10.30 11.65
C HIS E 210 6.08 -11.75 11.31
N LYS E 211 7.08 -12.26 10.58
CA LYS E 211 6.99 -13.64 10.18
C LYS E 211 6.61 -14.51 11.39
N SER E 212 7.36 -14.31 12.47
CA SER E 212 7.21 -15.14 13.66
C SER E 212 5.85 -14.98 14.37
N LEU E 213 5.51 -13.76 14.73
CA LEU E 213 4.26 -13.50 15.40
C LEU E 213 3.12 -14.07 14.58
N ILE E 214 3.14 -13.87 13.26
CA ILE E 214 2.14 -14.46 12.36
C ILE E 214 2.02 -15.96 12.56
N ALA E 215 3.12 -16.69 12.46
CA ALA E 215 3.04 -18.17 12.60
C ALA E 215 2.54 -18.60 13.97
N ASN E 216 3.15 -17.97 14.97
CA ASN E 216 2.76 -18.09 16.36
C ASN E 216 1.25 -18.00 16.52
N ARG E 217 0.68 -16.86 16.14
CA ARG E 217 -0.75 -16.65 16.07
C ARG E 217 -1.45 -17.85 15.47
N ASP E 218 -1.16 -18.20 14.22
CA ASP E 218 -1.95 -19.31 13.68
C ASP E 218 -1.87 -20.64 14.51
N VAL E 219 -0.74 -20.83 15.22
CA VAL E 219 -0.69 -21.88 16.22
C VAL E 219 -1.72 -21.65 17.30
N LEU E 220 -1.80 -20.42 17.79
CA LEU E 220 -2.80 -20.12 18.80
C LEU E 220 -4.21 -20.44 18.31
N VAL E 221 -4.50 -20.04 17.08
CA VAL E 221 -5.79 -20.31 16.48
C VAL E 221 -6.09 -21.81 16.52
N LEU E 222 -5.15 -22.64 16.10
CA LEU E 222 -5.46 -24.05 16.27
C LEU E 222 -5.70 -24.39 17.76
N LEU E 223 -4.79 -23.96 18.64
CA LEU E 223 -4.85 -24.39 20.03
C LEU E 223 -6.18 -24.05 20.69
N LYS E 224 -6.73 -22.89 20.35
CA LYS E 224 -7.99 -22.41 20.88
C LYS E 224 -9.19 -23.03 20.18
N ARG E 225 -8.98 -23.43 18.92
CA ARG E 225 -10.07 -24.01 18.15
C ARG E 225 -10.21 -25.52 18.33
N LYS E 226 -9.27 -26.31 17.83
CA LYS E 226 -9.38 -27.77 17.85
C LYS E 226 -9.65 -28.35 19.24
N TYR E 227 -10.54 -29.32 19.33
CA TYR E 227 -10.68 -30.03 20.59
C TYR E 227 -9.47 -30.92 20.64
N LEU E 228 -8.65 -30.74 21.66
CA LEU E 228 -7.45 -31.54 21.82
C LEU E 228 -7.52 -32.18 23.18
N PRO E 229 -7.02 -33.43 23.28
CA PRO E 229 -6.93 -34.14 24.56
C PRO E 229 -6.07 -33.41 25.61
N ILE E 230 -5.14 -32.58 25.15
CA ILE E 230 -4.23 -31.85 26.04
C ILE E 230 -4.75 -30.49 26.45
N THR E 231 -5.82 -30.02 25.80
CA THR E 231 -6.46 -28.79 26.26
C THR E 231 -7.91 -29.02 26.63
N THR E 232 -8.47 -28.09 27.41
CA THR E 232 -9.85 -28.17 27.86
C THR E 232 -10.55 -26.83 27.73
N LYS E 233 -11.88 -26.83 27.69
CA LYS E 233 -12.62 -25.67 27.24
C LYS E 233 -12.06 -24.46 27.94
N GLU E 234 -11.61 -24.64 29.17
CA GLU E 234 -11.00 -23.56 29.94
CA GLU E 234 -10.97 -23.58 29.96
C GLU E 234 -9.67 -23.14 29.29
N ASP E 235 -8.81 -24.12 29.05
CA ASP E 235 -7.56 -23.91 28.35
C ASP E 235 -7.81 -23.15 27.05
N ARG E 236 -8.54 -23.78 26.14
CA ARG E 236 -8.82 -23.12 24.89
C ARG E 236 -9.28 -21.71 25.19
N GLU E 237 -10.10 -21.56 26.22
CA GLU E 237 -10.60 -20.26 26.59
C GLU E 237 -9.45 -19.30 26.75
N ASN E 238 -8.38 -19.76 27.40
CA ASN E 238 -7.18 -18.95 27.59
C ASN E 238 -6.44 -18.63 26.29
N PHE E 239 -6.19 -19.70 25.54
CA PHE E 239 -5.51 -19.55 24.28
C PHE E 239 -6.20 -18.53 23.39
N GLU E 240 -7.51 -18.35 23.53
CA GLU E 240 -8.18 -17.30 22.77
C GLU E 240 -7.63 -15.90 23.10
N ASP E 241 -7.63 -15.52 24.38
CA ASP E 241 -7.26 -14.15 24.68
C ASP E 241 -5.82 -14.05 24.33
N LEU E 242 -5.15 -15.20 24.31
CA LEU E 242 -3.75 -15.23 23.85
C LEU E 242 -3.61 -14.87 22.36
N TYR E 243 -4.44 -15.48 21.53
CA TYR E 243 -4.63 -15.13 20.14
C TYR E 243 -4.81 -13.63 20.02
N TYR E 244 -5.89 -13.12 20.59
CA TYR E 244 -6.14 -11.70 20.43
C TYR E 244 -4.92 -10.86 20.78
N ASP E 245 -4.31 -11.17 21.93
CA ASP E 245 -3.08 -10.47 22.33
C ASP E 245 -2.01 -10.49 21.22
N THR E 246 -1.69 -11.68 20.75
CA THR E 246 -0.79 -11.85 19.62
C THR E 246 -1.18 -10.93 18.45
N LEU E 247 -2.48 -10.87 18.15
CA LEU E 247 -2.93 -10.00 17.06
C LEU E 247 -2.47 -8.60 17.34
N GLN E 248 -2.76 -8.11 18.53
CA GLN E 248 -2.38 -6.73 18.83
C GLN E 248 -0.89 -6.51 18.65
N LEU E 249 -0.07 -7.48 19.06
CA LEU E 249 1.37 -7.37 18.80
C LEU E 249 1.60 -7.14 17.34
N ILE E 250 1.01 -8.01 16.51
CA ILE E 250 1.23 -7.93 15.08
C ILE E 250 0.96 -6.52 14.61
N ASP E 251 -0.22 -6.01 14.93
CA ASP E 251 -0.58 -4.69 14.42
C ASP E 251 0.37 -3.59 14.91
N MET E 252 0.70 -3.63 16.20
CA MET E 252 1.60 -2.62 16.73
C MET E 252 2.92 -2.64 15.98
N SER E 253 3.47 -3.84 15.78
CA SER E 253 4.74 -3.97 15.08
C SER E 253 4.67 -3.43 13.66
N ALA E 254 3.64 -3.84 12.92
CA ALA E 254 3.49 -3.29 11.60
C ALA E 254 3.61 -1.78 11.68
N THR E 255 2.82 -1.15 12.56
CA THR E 255 2.92 0.31 12.70
C THR E 255 4.33 0.86 13.05
N TYR E 256 5.08 0.13 13.87
CA TYR E 256 6.45 0.56 14.10
C TYR E 256 7.22 0.57 12.78
N ARG E 257 7.13 -0.52 12.01
CA ARG E 257 7.77 -0.49 10.69
C ARG E 257 7.32 0.71 9.87
N GLU E 258 6.00 0.89 9.70
CA GLU E 258 5.51 1.99 8.87
C GLU E 258 6.16 3.30 9.31
N VAL E 259 6.32 3.45 10.62
CA VAL E 259 6.94 4.67 11.12
C VAL E 259 8.41 4.75 10.74
N LEU E 260 9.13 3.64 10.87
CA LEU E 260 10.52 3.60 10.48
C LEU E 260 10.73 4.00 9.02
N THR E 261 10.03 3.31 8.12
CA THR E 261 10.02 3.64 6.69
C THR E 261 9.72 5.11 6.48
N SER E 262 8.71 5.61 7.19
CA SER E 262 8.47 7.04 7.16
C SER E 262 9.82 7.72 7.36
N MET E 263 10.43 7.51 8.52
CA MET E 263 11.63 8.26 8.92
C MET E 263 12.70 8.28 7.85
N MET E 264 13.02 7.10 7.33
CA MET E 264 14.01 7.01 6.25
C MET E 264 13.61 7.87 5.06
N ASP E 265 12.40 7.61 4.57
CA ASP E 265 11.90 8.28 3.39
C ASP E 265 11.98 9.79 3.55
N ILE E 266 11.69 10.29 4.75
CA ILE E 266 11.73 11.73 4.97
C ILE E 266 13.16 12.27 5.03
N THR E 267 14.07 11.60 5.76
CA THR E 267 15.45 12.11 5.69
C THR E 267 15.90 12.18 4.23
N LEU E 268 15.99 11.04 3.56
CA LEU E 268 16.52 11.06 2.19
C LEU E 268 15.82 12.10 1.30
N SER E 269 14.49 12.15 1.39
CA SER E 269 13.76 13.14 0.60
C SER E 269 14.21 14.55 0.93
N LEU E 270 14.62 14.77 2.17
CA LEU E 270 15.09 16.10 2.59
C LEU E 270 16.59 16.31 2.32
N GLU E 271 17.27 15.24 1.95
CA GLU E 271 18.63 15.38 1.45
C GLU E 271 18.53 15.89 0.03
N ASN E 272 17.68 15.24 -0.76
CA ASN E 272 17.65 15.51 -2.20
C ASN E 272 17.24 16.93 -2.60
N ILE E 273 16.81 17.74 -1.64
CA ILE E 273 16.50 19.13 -1.93
C ILE E 273 17.73 19.99 -2.17
N LYS E 274 18.79 19.76 -1.39
CA LYS E 274 19.95 20.68 -1.35
C LYS E 274 20.49 21.02 -2.75
N MET E 275 20.26 20.11 -3.67
CA MET E 275 20.66 20.27 -5.05
C MET E 275 20.10 21.58 -5.55
N ASN E 276 19.09 22.09 -4.86
CA ASN E 276 18.51 23.38 -5.21
C ASN E 276 19.40 24.56 -4.85
N GLN E 277 19.68 24.77 -3.57
CA GLN E 277 20.63 25.83 -3.23
C GLN E 277 21.92 25.68 -4.07
N ILE E 278 22.38 24.45 -4.25
CA ILE E 278 23.61 24.23 -5.03
C ILE E 278 23.46 24.75 -6.46
N MET E 279 22.48 24.22 -7.16
CA MET E 279 22.30 24.57 -8.55
C MET E 279 22.08 26.08 -8.68
N LYS E 280 21.44 26.66 -7.69
CA LYS E 280 21.20 28.09 -7.69
C LYS E 280 22.50 28.89 -7.52
N ILE E 281 23.39 28.38 -6.69
CA ILE E 281 24.70 29.00 -6.57
C ILE E 281 25.44 28.94 -7.91
N LEU E 282 25.66 27.73 -8.42
CA LEU E 282 26.44 27.61 -9.67
C LEU E 282 25.82 28.44 -10.80
N THR E 283 24.51 28.32 -10.96
CA THR E 283 23.79 29.11 -11.94
C THR E 283 23.94 30.62 -11.69
N MET E 284 24.05 31.02 -10.43
CA MET E 284 24.13 32.45 -10.10
C MET E 284 25.52 33.08 -10.29
N VAL E 285 26.58 32.37 -9.92
CA VAL E 285 27.89 32.81 -10.33
C VAL E 285 27.86 32.91 -11.84
N THR E 286 27.50 31.80 -12.50
CA THR E 286 27.55 31.75 -13.94
C THR E 286 26.74 32.83 -14.69
N THR E 287 25.59 33.21 -14.17
CA THR E 287 24.90 34.31 -14.82
C THR E 287 25.55 35.63 -14.43
N ILE E 288 25.85 35.82 -13.16
CA ILE E 288 26.39 37.10 -12.75
C ILE E 288 27.65 37.49 -13.54
N PHE E 289 28.68 36.63 -13.61
CA PHE E 289 29.62 36.95 -14.70
C PHE E 289 29.43 35.98 -15.84
N ALA E 290 28.79 36.49 -16.89
CA ALA E 290 28.75 35.85 -18.19
C ALA E 290 29.03 37.00 -19.12
N VAL E 291 28.07 37.93 -19.12
CA VAL E 291 28.16 39.17 -19.88
C VAL E 291 29.46 39.97 -19.59
N PRO E 292 29.80 40.19 -18.30
CA PRO E 292 31.04 40.94 -18.10
C PRO E 292 32.25 40.22 -18.69
N MET E 293 32.24 38.90 -18.63
CA MET E 293 33.28 38.14 -19.31
C MET E 293 33.27 38.40 -20.80
N TRP E 294 32.13 38.28 -21.45
CA TRP E 294 32.06 38.57 -22.88
C TRP E 294 32.73 39.90 -23.10
N ILE E 295 32.27 40.92 -22.38
CA ILE E 295 32.82 42.25 -22.51
C ILE E 295 34.34 42.24 -22.43
N THR E 296 34.89 41.67 -21.38
CA THR E 296 36.35 41.67 -21.27
C THR E 296 36.98 40.91 -22.43
N GLY E 297 36.21 40.03 -23.05
CA GLY E 297 36.66 39.23 -24.17
C GLY E 297 36.71 39.97 -25.49
N ILE E 298 35.70 40.80 -25.74
CA ILE E 298 35.67 41.60 -26.95
C ILE E 298 36.70 42.71 -26.80
N TYR E 299 36.92 43.15 -25.57
CA TYR E 299 37.86 44.24 -25.37
C TYR E 299 39.30 43.77 -25.28
N GLY E 300 39.49 42.46 -25.43
CA GLY E 300 40.81 41.89 -25.52
C GLY E 300 41.18 41.49 -26.94
N MET E 301 40.18 41.46 -27.81
CA MET E 301 40.44 41.19 -29.22
C MET E 301 41.35 42.29 -29.72
N ASN E 302 42.43 41.94 -30.40
CA ASN E 302 43.32 42.98 -30.85
C ASN E 302 43.08 43.25 -32.31
N PHE E 303 42.44 44.39 -32.55
CA PHE E 303 42.12 44.86 -33.87
C PHE E 303 43.11 45.97 -34.03
N SER E 304 43.02 46.73 -35.11
CA SER E 304 43.68 48.01 -35.13
C SER E 304 42.90 49.04 -34.29
N TYR E 305 41.69 49.39 -34.70
CA TYR E 305 40.86 50.31 -33.91
C TYR E 305 39.96 49.62 -32.90
N LEU E 306 40.13 49.93 -31.61
CA LEU E 306 39.20 49.49 -30.58
C LEU E 306 38.54 50.69 -29.95
N PRO E 307 37.22 50.77 -30.10
CA PRO E 307 36.45 51.93 -29.64
C PRO E 307 36.72 52.16 -28.18
N LEU E 308 36.96 53.41 -27.80
CA LEU E 308 37.18 53.76 -26.40
C LEU E 308 38.53 53.29 -25.81
N ALA E 309 39.26 52.45 -26.55
CA ALA E 309 40.51 51.86 -26.05
C ALA E 309 41.67 52.84 -25.97
N ASN E 310 41.68 53.83 -26.87
CA ASN E 310 42.72 54.87 -26.91
C ASN E 310 42.36 55.96 -25.93
N ASN E 311 41.26 55.76 -25.22
CA ASN E 311 40.73 56.73 -24.29
C ASN E 311 41.35 56.60 -22.89
N PRO E 312 41.95 57.69 -22.39
CA PRO E 312 42.51 57.65 -21.04
C PRO E 312 41.48 57.16 -20.01
N GLN E 313 40.25 57.66 -20.09
CA GLN E 313 39.19 57.24 -19.17
C GLN E 313 38.49 55.95 -19.60
N GLY E 314 38.85 55.45 -20.78
CA GLY E 314 38.20 54.29 -21.34
C GLY E 314 38.14 53.10 -20.42
N PHE E 315 39.28 52.72 -19.85
CA PHE E 315 39.33 51.57 -18.96
C PHE E 315 38.32 51.70 -17.83
N TRP E 316 38.33 52.83 -17.14
CA TRP E 316 37.36 53.06 -16.08
C TRP E 316 35.92 53.00 -16.60
N LEU E 317 35.68 53.60 -17.76
CA LEU E 317 34.40 53.47 -18.43
C LEU E 317 33.98 52.00 -18.47
N VAL E 318 34.71 51.17 -19.20
CA VAL E 318 34.35 49.76 -19.34
C VAL E 318 34.26 49.02 -17.98
N MET E 319 35.26 49.19 -17.13
CA MET E 319 35.23 48.58 -15.81
C MET E 319 33.88 48.89 -15.16
N ALA E 320 33.44 50.14 -15.31
CA ALA E 320 32.21 50.61 -14.71
C ALA E 320 30.97 49.96 -15.32
N LEU E 321 30.94 49.90 -16.64
CA LEU E 321 29.87 49.21 -17.36
C LEU E 321 29.72 47.81 -16.79
N MET E 322 30.85 47.11 -16.66
CA MET E 322 30.89 45.76 -16.11
C MET E 322 30.37 45.64 -14.66
N VAL E 323 30.87 46.47 -13.75
CA VAL E 323 30.28 46.43 -12.41
C VAL E 323 28.79 46.64 -12.48
N VAL E 324 28.34 47.71 -13.12
CA VAL E 324 26.90 47.92 -13.22
C VAL E 324 26.15 46.68 -13.70
N ILE E 325 26.61 46.07 -14.80
CA ILE E 325 25.96 44.86 -15.27
C ILE E 325 25.84 43.86 -14.13
N ILE E 326 26.97 43.67 -13.42
CA ILE E 326 26.97 42.81 -12.23
C ILE E 326 25.86 43.19 -11.24
N MET E 327 25.91 44.40 -10.70
CA MET E 327 24.93 44.85 -9.73
C MET E 327 23.53 44.50 -10.21
N ILE E 328 23.21 44.86 -11.45
CA ILE E 328 21.92 44.49 -12.03
C ILE E 328 21.63 43.01 -11.84
N PHE E 329 22.44 42.13 -12.43
CA PHE E 329 22.13 40.71 -12.26
C PHE E 329 21.99 40.30 -10.79
N VAL E 330 22.79 40.89 -9.91
CA VAL E 330 22.65 40.62 -8.48
C VAL E 330 21.27 41.02 -7.97
N TYR E 331 20.76 42.14 -8.48
CA TYR E 331 19.44 42.61 -8.12
C TYR E 331 18.37 41.64 -8.62
N ILE E 332 18.39 41.35 -9.92
CA ILE E 332 17.47 40.38 -10.48
C ILE E 332 17.50 39.05 -9.70
N PHE E 333 18.65 38.72 -9.11
CA PHE E 333 18.74 37.51 -8.27
C PHE E 333 18.22 37.64 -6.83
N ARG E 334 18.81 38.55 -6.05
CA ARG E 334 18.37 38.90 -4.70
C ARG E 334 16.85 39.16 -4.60
N ARG E 335 16.35 40.06 -5.43
CA ARG E 335 14.92 40.15 -5.67
C ARG E 335 14.57 38.95 -6.53
N SER E 336 13.31 38.55 -6.54
CA SER E 336 12.93 37.34 -7.26
C SER E 336 13.64 36.08 -6.71
N GLY E 337 13.60 35.90 -5.39
CA GLY E 337 14.04 34.67 -4.75
C GLY E 337 15.53 34.52 -4.50
N TRP E 338 16.03 33.29 -4.65
CA TRP E 338 17.47 33.01 -4.71
C TRP E 338 18.28 33.60 -3.54
N ILE E 339 19.19 34.53 -3.82
CA ILE E 339 19.91 35.23 -2.74
C ILE E 339 19.05 36.28 -2.00
#